data_4AH3
#
_entry.id   4AH3
#
_cell.length_a   61.890
_cell.length_b   62.230
_cell.length_c   119.610
_cell.angle_alpha   75.14
_cell.angle_beta   81.73
_cell.angle_gamma   76.17
#
_symmetry.space_group_name_H-M   'P 1'
#
loop_
_entity.id
_entity.type
_entity.pdbx_description
1 polymer OMEGA-TRANSAMINASE
2 non-polymer "PYRIDOXAL-5'-PHOSPHATE"
3 water water
#
_entity_poly.entity_id   1
_entity_poly.type   'polypeptide(L)'
_entity_poly.pdbx_seq_one_letter_code
;MQKQRTTSQWRELDAAHHLHPFTDTASLNQAGARVMTRGEGVYLWDSEGNKIIDGMAGLWCVNVGYGRKDFAEAARRQME
ELPFYNTFFKTTHPAVVELSSLLAEVTPAGFDRVFYTNSGSESVDTMIRMVRRYWDVQGKPEKKTLIGRWNGYHGSTIGG
ASLGGMKYMHEQGDLPIPGMAHIEQPWWYKHGKDMTPDEFGVVAARWLEEKILEIGADKVAAFVGEPIQGAGGVIVPPAT
YWPEIERICRKYDVLLVADEVICGFGRTGEWFGHQHFGFQPDLFTAAKGLSSGYLPIGAVFVGKRVAEGLIAGGDFNHGF
TYSGHPVCAAVAHANVAALRDEGIVQRVKDDIGPYMQKRWRETFSRFEHVDDVRGVGMVQAFTLVKNKAKRELFPDFGEI
GTLCRDIFFRNNLIMRACGDHIVSAPPLVMTRAEVDEMLAVAERCLEEFEQTLKARGLA
;
_entity_poly.pdbx_strand_id   A,B,C,D
#
loop_
_chem_comp.id
_chem_comp.type
_chem_comp.name
_chem_comp.formula
PLP non-polymer PYRIDOXAL-5'-PHOSPHATE 'C8 H10 N O6 P'
#
# COMPACT_ATOMS: atom_id res chain seq x y z
N ARG A 5 -15.42 18.05 27.70
CA ARG A 5 -14.81 19.37 28.07
C ARG A 5 -14.43 20.18 26.86
N THR A 6 -14.35 21.50 27.05
CA THR A 6 -13.83 22.40 26.04
C THR A 6 -12.31 22.53 26.19
N THR A 7 -11.70 23.04 25.13
CA THR A 7 -10.28 23.36 25.07
C THR A 7 -9.83 24.22 26.27
N SER A 8 -10.51 25.35 26.49
CA SER A 8 -10.16 26.23 27.60
CA SER A 8 -10.19 26.24 27.60
C SER A 8 -10.30 25.51 28.95
N GLN A 9 -11.29 24.63 29.07
CA GLN A 9 -11.45 23.86 30.30
C GLN A 9 -10.31 22.86 30.55
N TRP A 10 -9.96 22.07 29.54
CA TRP A 10 -8.80 21.16 29.64
C TRP A 10 -7.55 21.93 29.93
N ARG A 11 -7.37 23.04 29.24
CA ARG A 11 -6.22 23.92 29.47
C ARG A 11 -6.12 24.43 30.91
N GLU A 12 -7.24 24.94 31.46
CA GLU A 12 -7.24 25.44 32.83
CA GLU A 12 -7.27 25.43 32.83
C GLU A 12 -6.87 24.35 33.83
N LEU A 13 -7.45 23.15 33.68
CA LEU A 13 -7.18 22.04 34.58
C LEU A 13 -5.77 21.51 34.44
N ASP A 14 -5.28 21.44 33.20
CA ASP A 14 -3.87 21.09 33.00
C ASP A 14 -2.91 22.08 33.70
N ALA A 15 -3.17 23.39 33.55
CA ALA A 15 -2.35 24.40 34.22
C ALA A 15 -2.45 24.25 35.74
N ALA A 16 -3.64 23.88 36.20
CA ALA A 16 -3.89 23.79 37.64
C ALA A 16 -3.26 22.58 38.30
N HIS A 17 -3.09 21.48 37.54
CA HIS A 17 -2.84 20.20 38.17
C HIS A 17 -1.71 19.33 37.68
N HIS A 18 -1.04 19.70 36.59
CA HIS A 18 -0.12 18.81 35.83
C HIS A 18 1.21 19.49 35.57
N LEU A 19 2.29 18.85 36.05
CA LEU A 19 3.68 19.27 35.77
C LEU A 19 4.19 18.34 34.68
N HIS A 20 4.59 18.93 33.56
CA HIS A 20 5.04 18.16 32.38
C HIS A 20 6.54 17.90 32.37
N PRO A 21 6.97 16.87 31.59
CA PRO A 21 8.38 16.60 31.39
C PRO A 21 8.99 17.68 30.58
N PHE A 22 10.23 18.02 30.88
CA PHE A 22 11.02 18.89 30.02
C PHE A 22 10.28 20.16 29.61
N THR A 23 9.68 20.83 30.59
CA THR A 23 8.78 21.95 30.31
C THR A 23 9.05 23.13 31.24
N ASP A 24 8.92 24.33 30.70
CA ASP A 24 8.86 25.56 31.47
C ASP A 24 7.38 25.73 31.86
N THR A 25 7.03 25.33 33.10
CA THR A 25 5.66 25.21 33.57
C THR A 25 5.00 26.59 33.58
N ALA A 26 5.73 27.61 34.03
CA ALA A 26 5.13 28.96 34.05
C ALA A 26 4.74 29.41 32.64
N SER A 27 5.69 29.26 31.70
CA SER A 27 5.44 29.56 30.28
C SER A 27 4.27 28.75 29.74
N LEU A 28 4.30 27.43 29.88
CA LEU A 28 3.20 26.62 29.34
C LEU A 28 1.80 26.98 29.90
N ASN A 29 1.75 27.25 31.19
CA ASN A 29 0.47 27.54 31.85
C ASN A 29 -0.09 28.89 31.37
N GLN A 30 0.84 29.77 30.97
CA GLN A 30 0.47 31.09 30.47
CA GLN A 30 0.44 31.09 30.48
C GLN A 30 -0.07 31.00 29.06
N ALA A 31 0.64 30.28 28.20
CA ALA A 31 0.31 30.15 26.78
C ALA A 31 -0.82 29.17 26.50
N GLY A 32 -0.95 28.14 27.34
CA GLY A 32 -1.96 27.11 27.15
C GLY A 32 -1.38 25.90 26.43
N ALA A 33 -1.72 24.72 26.93
CA ALA A 33 -1.22 23.45 26.38
C ALA A 33 -2.05 23.03 25.17
N ARG A 34 -1.43 22.41 24.15
CA ARG A 34 -2.20 21.88 23.01
C ARG A 34 -2.74 20.51 23.40
N VAL A 35 -4.06 20.32 23.31
CA VAL A 35 -4.68 19.10 23.79
C VAL A 35 -4.87 18.15 22.63
N MET A 36 -4.06 17.10 22.58
CA MET A 36 -4.23 16.04 21.59
C MET A 36 -5.28 15.06 22.10
N THR A 37 -6.26 14.74 21.25
CA THR A 37 -7.40 13.95 21.70
C THR A 37 -7.52 12.57 21.07
N ARG A 38 -7.10 12.42 19.82
CA ARG A 38 -7.19 11.12 19.17
CA ARG A 38 -7.22 11.14 19.14
C ARG A 38 -6.13 10.97 18.09
N GLY A 39 -5.83 9.72 17.75
CA GLY A 39 -4.85 9.48 16.73
C GLY A 39 -5.39 8.46 15.77
N GLU A 40 -5.02 8.59 14.51
CA GLU A 40 -5.29 7.52 13.55
C GLU A 40 -4.23 7.50 12.46
N GLY A 41 -3.60 6.35 12.33
CA GLY A 41 -2.51 6.15 11.39
C GLY A 41 -1.36 7.03 11.76
N VAL A 42 -1.08 7.99 10.88
CA VAL A 42 0.04 8.92 11.05
C VAL A 42 -0.42 10.26 11.56
N TYR A 43 -1.70 10.36 11.86
CA TYR A 43 -2.33 11.66 12.22
C TYR A 43 -2.79 11.73 13.64
N LEU A 44 -2.80 12.95 14.16
CA LEU A 44 -3.37 13.26 15.42
C LEU A 44 -4.46 14.32 15.21
N TRP A 45 -5.43 14.35 16.12
CA TRP A 45 -6.43 15.42 16.15
CA TRP A 45 -6.43 15.42 16.14
C TRP A 45 -6.31 16.14 17.45
N ASP A 46 -6.41 17.47 17.41
CA ASP A 46 -6.43 18.22 18.66
C ASP A 46 -7.83 18.70 19.02
N SER A 47 -7.93 19.38 20.16
CA SER A 47 -9.25 19.70 20.75
C SER A 47 -9.88 20.82 19.94
N GLU A 48 -9.04 21.53 19.17
CA GLU A 48 -9.50 22.60 18.27
CA GLU A 48 -9.54 22.57 18.28
C GLU A 48 -9.90 22.06 16.89
N GLY A 49 -9.79 20.73 16.69
CA GLY A 49 -10.22 20.10 15.46
C GLY A 49 -9.21 20.04 14.33
N ASN A 50 -7.96 20.42 14.61
CA ASN A 50 -6.90 20.23 13.63
C ASN A 50 -6.51 18.76 13.47
N LYS A 51 -6.39 18.34 12.24
CA LYS A 51 -5.76 17.07 11.83
C LYS A 51 -4.30 17.40 11.56
N ILE A 52 -3.43 16.70 12.30
CA ILE A 52 -2.03 17.07 12.41
C ILE A 52 -1.18 15.89 11.94
N ILE A 53 -0.14 16.15 11.16
CA ILE A 53 0.73 15.06 10.68
C ILE A 53 1.71 14.83 11.80
N ASP A 54 1.78 13.61 12.29
CA ASP A 54 2.67 13.38 13.38
C ASP A 54 3.99 12.87 12.89
N GLY A 55 4.86 13.81 12.54
CA GLY A 55 6.16 13.42 12.04
C GLY A 55 7.15 12.94 13.10
N MET A 56 6.71 12.86 14.35
CA MET A 56 7.56 12.34 15.42
C MET A 56 7.08 11.03 15.98
N ALA A 57 5.98 10.48 15.42
CA ALA A 57 5.40 9.21 15.93
C ALA A 57 5.30 9.19 17.46
N GLY A 58 4.57 10.15 18.00
CA GLY A 58 4.38 10.22 19.44
C GLY A 58 5.62 10.86 20.03
N LEU A 59 6.63 10.04 20.39
CA LEU A 59 7.95 10.50 20.77
C LEU A 59 8.92 9.43 20.29
N TRP A 60 9.14 9.43 18.97
CA TRP A 60 10.01 8.48 18.27
C TRP A 60 9.53 7.05 18.50
N CYS A 61 8.28 6.82 18.85
CA CYS A 61 7.92 5.46 19.32
C CYS A 61 6.74 4.77 18.64
N VAL A 62 5.78 5.52 18.08
CA VAL A 62 4.52 4.89 17.64
C VAL A 62 4.83 4.34 16.25
N ASN A 63 5.67 3.29 16.26
CA ASN A 63 6.17 2.74 14.99
C ASN A 63 5.16 2.12 14.04
N VAL A 64 4.11 1.46 14.55
CA VAL A 64 3.06 0.92 13.70
C VAL A 64 1.91 1.90 13.44
N GLY A 65 2.05 3.12 13.97
CA GLY A 65 1.00 4.09 13.80
C GLY A 65 -0.13 3.98 14.86
N TYR A 66 -0.99 5.00 14.96
CA TYR A 66 -2.15 4.98 15.80
C TYR A 66 -3.25 4.13 15.18
N GLY A 67 -4.07 3.57 16.06
CA GLY A 67 -5.33 2.96 15.61
C GLY A 67 -5.30 1.44 15.50
N ARG A 68 -4.38 0.81 16.21
CA ARG A 68 -4.34 -0.65 16.26
C ARG A 68 -5.39 -1.26 17.24
N LYS A 69 -6.60 -1.46 16.73
CA LYS A 69 -7.66 -2.05 17.54
C LYS A 69 -7.27 -3.43 18.03
N ASP A 70 -6.45 -4.14 17.26
CA ASP A 70 -5.90 -5.44 17.70
C ASP A 70 -5.05 -5.36 18.99
N PHE A 71 -4.25 -4.29 19.10
CA PHE A 71 -3.46 -4.10 20.31
C PHE A 71 -4.37 -3.83 21.52
N ALA A 72 -5.43 -3.04 21.31
CA ALA A 72 -6.43 -2.80 22.36
C ALA A 72 -7.12 -4.10 22.77
N GLU A 73 -7.43 -4.95 21.80
CA GLU A 73 -7.99 -6.28 22.13
C GLU A 73 -7.01 -7.14 22.95
N ALA A 74 -5.71 -7.16 22.57
CA ALA A 74 -4.67 -7.83 23.35
C ALA A 74 -4.62 -7.35 24.80
N ALA A 75 -4.67 -6.03 24.98
CA ALA A 75 -4.59 -5.39 26.26
C ALA A 75 -5.82 -5.75 27.12
N ARG A 76 -7.01 -5.67 26.54
CA ARG A 76 -8.25 -6.02 27.21
C ARG A 76 -8.20 -7.50 27.59
N ARG A 77 -7.82 -8.35 26.65
CA ARG A 77 -7.85 -9.81 26.91
CA ARG A 77 -7.86 -9.80 26.93
C ARG A 77 -6.95 -10.14 28.09
N GLN A 78 -5.72 -9.65 28.07
CA GLN A 78 -4.79 -9.97 29.12
C GLN A 78 -5.17 -9.31 30.44
N MET A 79 -5.65 -8.07 30.41
CA MET A 79 -6.04 -7.39 31.65
C MET A 79 -7.22 -8.12 32.38
N GLU A 80 -8.09 -8.74 31.60
CA GLU A 80 -9.21 -9.48 32.16
C GLU A 80 -8.69 -10.76 32.79
N GLU A 81 -7.75 -11.42 32.12
CA GLU A 81 -7.23 -12.70 32.62
CA GLU A 81 -7.19 -12.71 32.58
C GLU A 81 -6.25 -12.55 33.79
N LEU A 82 -5.19 -11.77 33.62
CA LEU A 82 -4.23 -11.56 34.70
C LEU A 82 -3.64 -10.17 34.49
N PRO A 83 -4.19 -9.16 35.17
CA PRO A 83 -3.78 -7.75 35.01
C PRO A 83 -2.34 -7.54 35.42
N PHE A 84 -1.94 -8.24 36.48
CA PHE A 84 -0.60 -8.13 37.02
C PHE A 84 -0.26 -9.42 37.74
N TYR A 85 1.00 -9.79 37.65
CA TYR A 85 1.63 -10.55 38.72
C TYR A 85 3.12 -10.25 38.66
N ASN A 86 3.77 -10.33 39.80
CA ASN A 86 5.19 -10.00 39.87
C ASN A 86 6.12 -11.10 39.37
N THR A 87 7.32 -10.69 38.96
CA THR A 87 8.36 -11.65 38.55
C THR A 87 9.49 -11.80 39.58
N PHE A 88 9.23 -11.33 40.81
CA PHE A 88 10.15 -11.33 41.95
C PHE A 88 10.14 -12.63 42.79
N PHE A 89 8.96 -13.24 42.96
CA PHE A 89 8.74 -14.28 43.97
C PHE A 89 9.11 -15.67 43.46
N LYS A 90 10.15 -15.74 42.64
CA LYS A 90 10.49 -16.97 41.92
C LYS A 90 9.34 -17.35 40.98
N THR A 91 8.70 -16.33 40.44
CA THR A 91 7.41 -16.47 39.77
C THR A 91 7.50 -15.84 38.40
N THR A 92 6.68 -16.34 37.49
CA THR A 92 6.60 -15.77 36.15
C THR A 92 5.14 -15.81 35.68
N HIS A 93 4.91 -15.51 34.40
CA HIS A 93 3.59 -15.58 33.80
C HIS A 93 3.67 -15.69 32.30
N PRO A 94 2.65 -16.29 31.66
CA PRO A 94 2.81 -16.62 30.24
C PRO A 94 3.17 -15.42 29.32
N ALA A 95 2.49 -14.30 29.49
CA ALA A 95 2.75 -13.18 28.58
C ALA A 95 4.22 -12.77 28.57
N VAL A 96 4.86 -12.70 29.74
CA VAL A 96 6.28 -12.36 29.76
C VAL A 96 7.18 -13.43 29.13
N VAL A 97 6.85 -14.69 29.36
CA VAL A 97 7.59 -15.77 28.72
C VAL A 97 7.49 -15.76 27.21
N GLU A 98 6.26 -15.66 26.69
CA GLU A 98 5.98 -15.58 25.27
CA GLU A 98 6.03 -15.62 25.26
C GLU A 98 6.74 -14.42 24.64
N LEU A 99 6.70 -13.26 25.31
CA LEU A 99 7.39 -12.08 24.76
C LEU A 99 8.88 -12.40 24.70
N SER A 100 9.40 -13.02 25.75
CA SER A 100 10.84 -13.27 25.79
C SER A 100 11.25 -14.21 24.65
N SER A 101 10.43 -15.23 24.38
CA SER A 101 10.69 -16.17 23.29
C SER A 101 10.63 -15.49 21.90
N LEU A 102 9.61 -14.65 21.68
CA LEU A 102 9.47 -13.88 20.46
C LEU A 102 10.67 -12.94 20.28
N LEU A 103 11.01 -12.23 21.34
CA LEU A 103 12.13 -11.27 21.16
C LEU A 103 13.44 -11.98 20.81
N ALA A 104 13.66 -13.18 21.36
CA ALA A 104 14.75 -14.03 20.91
C ALA A 104 14.82 -14.24 19.40
N GLU A 105 13.67 -14.40 18.71
CA GLU A 105 13.65 -14.60 17.26
C GLU A 105 14.07 -13.38 16.43
N VAL A 106 13.78 -12.19 16.93
CA VAL A 106 14.00 -11.01 16.10
C VAL A 106 15.27 -10.27 16.47
N THR A 107 15.88 -10.59 17.60
CA THR A 107 17.14 -9.97 17.99
C THR A 107 18.31 -10.71 17.38
N PRO A 108 19.47 -10.08 17.35
CA PRO A 108 20.64 -10.76 16.86
C PRO A 108 20.99 -11.99 17.70
N ALA A 109 21.81 -12.87 17.13
CA ALA A 109 22.32 -14.02 17.84
C ALA A 109 23.05 -13.67 19.13
N GLY A 110 22.81 -14.46 20.17
CA GLY A 110 23.55 -14.33 21.42
C GLY A 110 22.83 -13.42 22.39
N PHE A 111 21.76 -12.78 21.90
CA PHE A 111 20.85 -12.04 22.74
C PHE A 111 19.66 -12.92 22.95
N ASP A 112 19.80 -13.75 23.98
CA ASP A 112 18.73 -14.63 24.36
CA ASP A 112 18.72 -14.64 24.39
C ASP A 112 18.03 -14.19 25.62
N ARG A 113 18.79 -13.56 26.53
CA ARG A 113 18.23 -13.12 27.75
C ARG A 113 17.89 -11.65 27.82
N VAL A 114 16.77 -11.37 28.46
CA VAL A 114 16.14 -10.04 28.49
CA VAL A 114 16.20 -10.04 28.50
C VAL A 114 15.70 -9.72 29.91
N PHE A 115 15.97 -8.49 30.35
CA PHE A 115 15.53 -7.96 31.64
C PHE A 115 14.54 -6.85 31.33
N TYR A 116 13.33 -6.97 31.87
CA TYR A 116 12.27 -6.00 31.58
C TYR A 116 12.21 -4.83 32.54
N THR A 117 11.87 -3.67 31.98
CA THR A 117 11.66 -2.52 32.79
C THR A 117 10.36 -1.82 32.24
N ASN A 118 10.01 -0.67 32.77
CA ASN A 118 8.91 0.15 32.24
C ASN A 118 9.30 1.24 31.26
N SER A 119 10.56 1.59 31.16
CA SER A 119 10.96 2.77 30.40
C SER A 119 12.38 2.58 29.90
N GLY A 120 12.75 3.32 28.87
CA GLY A 120 14.13 3.43 28.46
C GLY A 120 15.08 3.90 29.55
N SER A 121 14.63 4.85 30.39
CA SER A 121 15.44 5.38 31.48
C SER A 121 15.77 4.30 32.50
N GLU A 122 14.74 3.52 32.85
CA GLU A 122 14.99 2.39 33.78
C GLU A 122 15.88 1.36 33.12
N SER A 123 15.71 1.12 31.83
CA SER A 123 16.58 0.20 31.09
CA SER A 123 16.58 0.19 31.13
C SER A 123 18.05 0.62 31.21
N VAL A 124 18.31 1.89 30.96
CA VAL A 124 19.64 2.39 31.12
C VAL A 124 20.20 2.25 32.57
N ASP A 125 19.45 2.66 33.60
CA ASP A 125 19.90 2.41 34.98
C ASP A 125 20.16 0.94 35.17
N THR A 126 19.27 0.10 34.64
CA THR A 126 19.53 -1.36 34.77
C THR A 126 20.85 -1.78 34.12
N MET A 127 21.11 -1.30 32.92
CA MET A 127 22.31 -1.60 32.21
C MET A 127 23.56 -1.08 33.01
N ILE A 128 23.45 0.13 33.58
CA ILE A 128 24.54 0.65 34.39
C ILE A 128 24.88 -0.29 35.58
N ARG A 129 23.82 -0.73 36.29
CA ARG A 129 24.02 -1.64 37.44
C ARG A 129 24.54 -3.00 36.97
N MET A 130 24.06 -3.48 35.81
CA MET A 130 24.55 -4.74 35.16
C MET A 130 25.99 -4.70 34.79
N VAL A 131 26.39 -3.61 34.18
CA VAL A 131 27.77 -3.46 33.79
C VAL A 131 28.71 -3.43 34.98
N ARG A 132 28.33 -2.67 36.00
CA ARG A 132 29.13 -2.55 37.22
C ARG A 132 29.14 -3.90 37.95
N ARG A 133 27.99 -4.54 38.03
CA ARG A 133 28.01 -5.85 38.71
C ARG A 133 28.86 -6.87 37.96
N TYR A 134 28.86 -6.76 36.64
CA TYR A 134 29.60 -7.67 35.80
C TYR A 134 31.07 -7.58 36.21
N TRP A 135 31.62 -6.39 36.27
CA TRP A 135 33.04 -6.26 36.65
C TRP A 135 33.32 -6.68 38.09
N ASP A 136 32.36 -6.46 38.98
CA ASP A 136 32.47 -7.06 40.33
C ASP A 136 32.62 -8.57 40.24
N VAL A 137 31.80 -9.22 39.41
CA VAL A 137 31.86 -10.70 39.33
C VAL A 137 33.23 -11.18 38.82
N GLN A 138 33.81 -10.41 37.90
CA GLN A 138 35.14 -10.65 37.33
C GLN A 138 36.30 -10.31 38.29
N GLY A 139 35.99 -9.70 39.44
CA GLY A 139 36.98 -9.36 40.47
C GLY A 139 37.78 -8.15 40.12
N LYS A 140 37.10 -7.24 39.41
CA LYS A 140 37.67 -5.90 39.08
C LYS A 140 36.76 -4.78 39.61
N PRO A 141 36.75 -4.59 40.94
CA PRO A 141 35.78 -3.67 41.53
C PRO A 141 36.07 -2.21 41.19
N GLU A 142 37.24 -1.91 40.62
CA GLU A 142 37.47 -0.49 40.24
C GLU A 142 37.13 -0.27 38.78
N LYS A 143 36.68 -1.30 38.09
CA LYS A 143 36.40 -1.13 36.65
C LYS A 143 34.93 -0.75 36.53
N LYS A 144 34.62 0.54 36.73
CA LYS A 144 33.27 0.94 36.96
C LYS A 144 32.84 2.20 36.22
N THR A 145 33.79 2.87 35.58
CA THR A 145 33.40 4.09 34.83
C THR A 145 32.74 3.77 33.50
N LEU A 146 31.58 4.44 33.24
CA LEU A 146 30.95 4.34 31.92
C LEU A 146 31.23 5.62 31.15
N ILE A 147 31.55 5.47 29.88
CA ILE A 147 31.85 6.64 29.04
C ILE A 147 30.67 6.80 28.09
N GLY A 148 30.07 8.00 28.09
CA GLY A 148 29.16 8.41 27.01
C GLY A 148 29.69 9.58 26.25
N ARG A 149 28.76 10.38 25.74
CA ARG A 149 29.12 11.50 24.85
C ARG A 149 28.36 12.74 25.17
N TRP A 150 29.04 13.89 24.99
CA TRP A 150 28.32 15.14 24.95
C TRP A 150 27.25 15.11 23.90
N ASN A 151 26.03 15.55 24.28
CA ASN A 151 24.90 15.58 23.35
C ASN A 151 24.33 14.17 23.10
N GLY A 152 24.87 13.25 23.88
CA GLY A 152 24.23 11.92 24.04
C GLY A 152 22.98 12.00 24.91
N TYR A 153 21.97 11.18 24.66
CA TYR A 153 20.84 11.17 25.55
C TYR A 153 20.54 9.71 25.91
N HIS A 154 20.49 9.51 27.23
CA HIS A 154 20.26 8.14 27.77
C HIS A 154 19.20 8.07 28.87
N GLY A 155 18.20 8.93 28.76
CA GLY A 155 17.16 8.94 29.75
C GLY A 155 17.22 9.98 30.82
N SER A 156 16.32 9.86 31.78
CA SER A 156 16.07 10.92 32.75
C SER A 156 16.03 10.43 34.19
N THR A 157 16.47 9.19 34.38
CA THR A 157 16.79 8.78 35.71
C THR A 157 18.07 9.52 36.08
N ILE A 158 18.39 9.53 37.37
CA ILE A 158 19.66 10.11 37.79
C ILE A 158 20.82 9.42 37.09
N GLY A 159 20.81 8.09 37.02
CA GLY A 159 21.82 7.34 36.23
C GLY A 159 21.85 7.73 34.74
N GLY A 160 20.68 7.66 34.09
CA GLY A 160 20.60 7.92 32.66
C GLY A 160 20.96 9.36 32.31
N ALA A 161 20.53 10.30 33.15
CA ALA A 161 20.91 11.69 32.91
C ALA A 161 22.38 11.96 33.07
N SER A 162 23.03 11.19 33.94
CA SER A 162 24.47 11.31 34.19
C SER A 162 25.28 10.75 33.05
N LEU A 163 24.82 9.64 32.49
CA LEU A 163 25.49 9.02 31.39
C LEU A 163 25.24 9.81 30.09
N GLY A 164 24.03 10.34 29.94
CA GLY A 164 23.77 11.25 28.85
C GLY A 164 24.64 12.47 29.02
N GLY A 165 24.72 13.24 27.97
CA GLY A 165 25.67 14.32 27.88
C GLY A 165 25.00 15.66 27.63
N MET A 166 23.80 15.81 28.20
CA MET A 166 23.07 17.11 28.14
C MET A 166 23.41 17.98 29.37
N LYS A 167 24.21 19.03 29.17
CA LYS A 167 24.55 19.88 30.32
C LYS A 167 23.32 20.50 31.00
N TYR A 168 22.31 20.85 30.21
CA TYR A 168 21.06 21.37 30.78
C TYR A 168 20.37 20.42 31.76
N MET A 169 20.54 19.10 31.57
CA MET A 169 20.11 18.14 32.56
C MET A 169 21.08 17.96 33.72
N HIS A 170 22.40 17.98 33.43
CA HIS A 170 23.40 17.83 34.53
C HIS A 170 23.24 18.91 35.56
N GLU A 171 22.91 20.11 35.09
CA GLU A 171 22.76 21.30 35.93
CA GLU A 171 22.80 21.28 35.96
C GLU A 171 21.57 21.22 36.89
N GLN A 172 20.77 20.15 36.79
CA GLN A 172 19.60 19.97 37.67
C GLN A 172 19.67 18.61 38.33
N GLY A 173 20.14 18.59 39.56
CA GLY A 173 20.32 17.33 40.27
C GLY A 173 21.71 16.96 40.75
N ASP A 174 22.72 17.82 40.47
CA ASP A 174 24.13 17.63 40.88
C ASP A 174 24.76 16.46 40.18
N LEU A 175 24.54 16.44 38.87
CA LEU A 175 25.02 15.36 38.03
C LEU A 175 26.18 15.85 37.20
N PRO A 176 26.97 14.92 36.65
CA PRO A 176 26.81 13.45 36.76
C PRO A 176 27.24 12.83 38.06
N ILE A 177 26.64 11.68 38.35
CA ILE A 177 27.11 10.88 39.45
C ILE A 177 28.54 10.36 39.15
N PRO A 178 29.21 9.80 40.18
CA PRO A 178 30.56 9.29 39.93
C PRO A 178 30.66 8.10 38.95
N GLY A 179 31.85 7.92 38.42
CA GLY A 179 32.14 6.86 37.44
C GLY A 179 31.40 7.01 36.12
N MET A 180 31.31 8.27 35.74
CA MET A 180 30.73 8.68 34.46
C MET A 180 31.81 9.50 33.75
N ALA A 181 31.95 9.34 32.44
CA ALA A 181 32.83 10.28 31.71
C ALA A 181 32.25 10.52 30.35
N HIS A 182 32.67 11.61 29.70
CA HIS A 182 32.10 11.97 28.40
C HIS A 182 33.15 12.37 27.40
N ILE A 183 32.91 11.97 26.18
CA ILE A 183 33.72 12.38 25.04
C ILE A 183 32.90 13.13 24.01
N GLU A 184 33.58 13.88 23.15
CA GLU A 184 32.84 14.70 22.19
C GLU A 184 32.06 13.83 21.18
N GLN A 185 30.98 14.39 20.64
CA GLN A 185 30.11 13.63 19.73
C GLN A 185 30.62 13.72 18.29
N PRO A 186 30.30 12.73 17.45
CA PRO A 186 30.79 12.64 16.09
C PRO A 186 29.93 13.47 15.15
N TRP A 187 29.87 14.77 15.45
CA TRP A 187 29.12 15.73 14.67
C TRP A 187 30.04 16.35 13.64
N TRP A 188 29.99 15.84 12.41
CA TRP A 188 30.95 16.25 11.40
C TRP A 188 30.77 17.70 11.04
N TYR A 189 29.54 18.15 10.94
CA TYR A 189 29.33 19.51 10.40
C TYR A 189 30.11 20.54 11.20
N LYS A 190 30.08 20.39 12.53
CA LYS A 190 30.71 21.27 13.49
C LYS A 190 32.19 20.98 13.65
N HIS A 191 32.57 19.71 13.78
CA HIS A 191 33.92 19.32 14.21
C HIS A 191 34.83 18.76 13.13
N GLY A 192 34.31 18.56 11.91
CA GLY A 192 35.01 17.84 10.88
C GLY A 192 36.15 18.56 10.19
N LYS A 193 36.19 19.88 10.35
CA LYS A 193 37.12 20.72 9.60
C LYS A 193 37.07 20.41 8.10
N ASP A 194 38.25 20.20 7.51
CA ASP A 194 38.33 19.78 6.13
C ASP A 194 38.59 18.28 5.99
N MET A 195 38.29 17.51 7.03
CA MET A 195 38.26 16.05 6.93
C MET A 195 37.02 15.62 6.20
N THR A 196 37.11 14.58 5.38
CA THR A 196 35.90 13.91 4.91
C THR A 196 35.19 13.28 6.11
N PRO A 197 33.89 13.06 5.97
CA PRO A 197 33.20 12.39 7.06
C PRO A 197 33.94 11.11 7.51
N ASP A 198 34.34 10.27 6.55
CA ASP A 198 35.01 9.05 6.94
C ASP A 198 36.30 9.30 7.72
N GLU A 199 37.13 10.24 7.25
CA GLU A 199 38.30 10.61 8.01
C GLU A 199 37.98 11.06 9.43
N PHE A 200 36.99 11.93 9.56
CA PHE A 200 36.49 12.44 10.82
C PHE A 200 35.98 11.30 11.71
N GLY A 201 35.30 10.32 11.12
CA GLY A 201 34.79 9.15 11.87
C GLY A 201 35.87 8.43 12.68
N VAL A 202 37.03 8.20 12.06
CA VAL A 202 38.17 7.64 12.76
C VAL A 202 38.64 8.57 13.87
N VAL A 203 38.85 9.85 13.56
CA VAL A 203 39.23 10.81 14.59
C VAL A 203 38.27 10.81 15.81
N ALA A 204 36.96 10.86 15.54
CA ALA A 204 35.96 10.98 16.60
C ALA A 204 35.87 9.70 17.42
N ALA A 205 36.09 8.57 16.76
CA ALA A 205 36.17 7.30 17.50
C ALA A 205 37.42 7.29 18.39
N ARG A 206 38.54 7.85 17.90
CA ARG A 206 39.76 7.82 18.68
C ARG A 206 39.75 8.71 19.93
N TRP A 207 38.79 9.64 19.98
CA TRP A 207 38.49 10.27 21.27
C TRP A 207 38.20 9.30 22.43
N LEU A 208 37.52 8.21 22.12
CA LEU A 208 37.30 7.17 23.09
C LEU A 208 38.60 6.54 23.59
N GLU A 209 39.50 6.22 22.67
CA GLU A 209 40.81 5.71 23.08
C GLU A 209 41.53 6.71 23.97
N GLU A 210 41.47 7.99 23.60
CA GLU A 210 42.12 9.02 24.38
C GLU A 210 41.57 9.08 25.79
N LYS A 211 40.25 9.06 25.92
CA LYS A 211 39.59 9.10 27.21
C LYS A 211 39.91 7.85 28.04
N ILE A 212 39.83 6.69 27.40
CA ILE A 212 40.19 5.43 28.10
C ILE A 212 41.62 5.49 28.64
N LEU A 213 42.56 6.00 27.86
CA LEU A 213 43.93 6.07 28.32
C LEU A 213 44.09 7.11 29.43
N GLU A 214 43.34 8.21 29.35
CA GLU A 214 43.36 9.22 30.41
CA GLU A 214 43.36 9.23 30.40
C GLU A 214 42.90 8.66 31.76
N ILE A 215 41.76 7.97 31.74
CA ILE A 215 41.16 7.41 32.94
C ILE A 215 41.92 6.19 33.42
N GLY A 216 42.46 5.45 32.46
CA GLY A 216 43.01 4.14 32.72
C GLY A 216 42.00 3.05 32.39
N ALA A 217 42.39 2.20 31.44
CA ALA A 217 41.53 1.10 31.01
C ALA A 217 41.04 0.25 32.17
N ASP A 218 41.86 0.08 33.19
CA ASP A 218 41.47 -0.69 34.38
CA ASP A 218 41.44 -0.70 34.36
C ASP A 218 40.30 -0.09 35.15
N LYS A 219 39.96 1.16 34.87
CA LYS A 219 38.85 1.77 35.59
CA LYS A 219 38.88 1.84 35.59
C LYS A 219 37.62 1.99 34.71
N VAL A 220 37.71 1.53 33.46
CA VAL A 220 36.66 1.81 32.46
C VAL A 220 35.84 0.55 32.22
N ALA A 221 34.57 0.62 32.59
CA ALA A 221 33.69 -0.53 32.47
C ALA A 221 33.07 -0.66 31.08
N ALA A 222 32.73 0.45 30.43
CA ALA A 222 31.85 0.40 29.25
C ALA A 222 31.88 1.70 28.50
N PHE A 223 31.64 1.60 27.20
CA PHE A 223 31.30 2.78 26.43
C PHE A 223 29.84 2.58 25.99
N VAL A 224 29.02 3.64 26.08
CA VAL A 224 27.63 3.52 25.75
C VAL A 224 27.30 4.60 24.71
N GLY A 225 26.62 4.21 23.65
CA GLY A 225 26.15 5.19 22.66
C GLY A 225 24.91 4.79 21.92
N GLU A 226 24.11 5.79 21.59
CA GLU A 226 23.03 5.61 20.60
C GLU A 226 23.64 5.45 19.20
N PRO A 227 23.20 4.46 18.40
CA PRO A 227 23.75 4.26 17.04
C PRO A 227 23.67 5.59 16.21
N ILE A 228 22.47 6.19 16.23
CA ILE A 228 22.25 7.58 15.84
CA ILE A 228 22.19 7.59 15.81
C ILE A 228 21.76 8.34 17.09
N GLN A 229 22.39 9.48 17.43
CA GLN A 229 21.93 10.32 18.56
C GLN A 229 20.60 10.97 18.20
N GLY A 230 19.57 10.62 18.98
CA GLY A 230 18.25 11.03 18.73
C GLY A 230 17.95 12.43 19.24
N ALA A 231 17.73 12.57 20.55
CA ALA A 231 17.38 13.84 21.22
C ALA A 231 18.40 14.90 20.87
N GLY A 232 19.61 14.49 20.57
CA GLY A 232 20.72 15.41 20.31
C GLY A 232 20.57 16.04 18.93
N GLY A 233 19.71 15.48 18.06
CA GLY A 233 19.45 16.03 16.69
C GLY A 233 19.72 15.16 15.49
N VAL A 234 19.55 13.84 15.67
CA VAL A 234 19.78 12.88 14.60
C VAL A 234 21.22 13.05 14.11
N ILE A 235 22.16 12.87 15.02
CA ILE A 235 23.57 12.94 14.64
C ILE A 235 23.90 11.56 14.12
N VAL A 236 24.16 11.51 12.81
CA VAL A 236 24.45 10.26 12.09
C VAL A 236 25.96 10.21 11.97
N PRO A 237 26.62 9.26 12.68
CA PRO A 237 28.06 9.11 12.58
C PRO A 237 28.52 8.61 11.22
N PRO A 238 29.72 8.98 10.80
CA PRO A 238 30.29 8.45 9.58
C PRO A 238 30.46 6.94 9.67
N ALA A 239 30.52 6.30 8.50
CA ALA A 239 30.55 4.83 8.40
C ALA A 239 31.73 4.20 9.14
N THR A 240 32.80 4.98 9.29
CA THR A 240 34.04 4.52 9.90
C THR A 240 34.02 4.57 11.42
N TYR A 241 32.99 5.20 11.99
CA TYR A 241 32.98 5.49 13.40
C TYR A 241 32.77 4.26 14.27
N TRP A 242 31.63 3.60 14.12
CA TRP A 242 31.33 2.47 14.98
C TRP A 242 32.36 1.33 14.88
N PRO A 243 32.84 0.99 13.67
CA PRO A 243 33.84 -0.08 13.69
C PRO A 243 35.09 0.31 14.47
N GLU A 244 35.47 1.59 14.42
CA GLU A 244 36.61 2.01 15.17
C GLU A 244 36.35 2.01 16.71
N ILE A 245 35.23 2.57 17.12
CA ILE A 245 34.75 2.41 18.47
C ILE A 245 34.82 0.96 18.99
N GLU A 246 34.30 0.02 18.17
CA GLU A 246 34.32 -1.41 18.56
C GLU A 246 35.74 -1.92 18.71
N ARG A 247 36.59 -1.55 17.73
CA ARG A 247 38.00 -1.93 17.80
C ARG A 247 38.65 -1.49 19.12
N ILE A 248 38.39 -0.23 19.52
CA ILE A 248 38.94 0.39 20.69
C ILE A 248 38.40 -0.33 21.91
N CYS A 249 37.09 -0.58 21.96
CA CYS A 249 36.53 -1.30 23.14
C CYS A 249 37.16 -2.68 23.31
N ARG A 250 37.28 -3.43 22.20
CA ARG A 250 37.87 -4.77 22.27
CA ARG A 250 37.88 -4.76 22.27
C ARG A 250 39.34 -4.69 22.72
N LYS A 251 40.09 -3.73 22.18
CA LYS A 251 41.51 -3.57 22.47
CA LYS A 251 41.52 -3.58 22.48
C LYS A 251 41.75 -3.36 23.98
N TYR A 252 40.88 -2.58 24.62
CA TYR A 252 41.04 -2.18 26.00
C TYR A 252 40.18 -2.93 27.02
N ASP A 253 39.45 -3.93 26.53
CA ASP A 253 38.53 -4.77 27.31
C ASP A 253 37.51 -3.90 28.02
N VAL A 254 36.78 -3.14 27.21
CA VAL A 254 35.70 -2.28 27.66
C VAL A 254 34.43 -2.76 27.02
N LEU A 255 33.38 -2.92 27.82
CA LEU A 255 32.12 -3.41 27.30
C LEU A 255 31.54 -2.38 26.35
N LEU A 256 30.84 -2.84 25.33
CA LEU A 256 30.25 -1.96 24.32
C LEU A 256 28.74 -2.03 24.41
N VAL A 257 28.10 -0.89 24.66
CA VAL A 257 26.67 -0.88 24.86
C VAL A 257 26.02 0.05 23.87
N ALA A 258 25.09 -0.47 23.09
CA ALA A 258 24.24 0.36 22.21
C ALA A 258 22.97 0.73 22.91
N ASP A 259 22.62 2.02 22.87
CA ASP A 259 21.34 2.42 23.41
C ASP A 259 20.38 2.46 22.24
N GLU A 260 19.53 1.45 22.15
CA GLU A 260 18.64 1.24 21.02
C GLU A 260 17.24 1.77 21.34
N VAL A 261 17.10 2.61 22.36
CA VAL A 261 15.77 3.09 22.69
C VAL A 261 15.02 3.74 21.52
N ILE A 262 15.71 4.52 20.71
CA ILE A 262 15.11 5.07 19.50
C ILE A 262 15.30 4.20 18.26
N CYS A 263 16.53 3.71 18.03
CA CYS A 263 16.87 3.05 16.77
C CYS A 263 16.25 1.67 16.71
N GLY A 264 15.89 1.16 17.86
CA GLY A 264 15.39 -0.23 17.90
C GLY A 264 14.03 -0.38 17.26
N PHE A 265 13.76 -1.60 16.81
CA PHE A 265 12.39 -1.91 16.33
C PHE A 265 12.04 -1.22 15.03
N GLY A 266 13.06 -1.08 14.18
CA GLY A 266 12.84 -0.89 12.76
C GLY A 266 13.19 0.50 12.24
N ARG A 267 13.58 1.39 13.16
CA ARG A 267 13.73 2.84 12.82
C ARG A 267 14.69 3.12 11.65
N THR A 268 15.78 2.35 11.54
CA THR A 268 16.78 2.59 10.50
C THR A 268 16.56 1.68 9.28
N GLY A 269 15.58 0.77 9.36
CA GLY A 269 15.38 -0.24 8.30
C GLY A 269 15.91 -1.58 8.75
N GLU A 270 16.90 -1.55 9.65
CA GLU A 270 17.30 -2.81 10.33
C GLU A 270 16.43 -2.91 11.58
N TRP A 271 16.40 -4.08 12.23
CA TRP A 271 15.70 -4.21 13.49
C TRP A 271 16.33 -3.33 14.55
N PHE A 272 17.66 -3.23 14.54
CA PHE A 272 18.41 -2.42 15.49
C PHE A 272 19.49 -1.59 14.81
N GLY A 273 19.70 -0.43 15.37
CA GLY A 273 20.71 0.50 14.83
C GLY A 273 22.11 -0.07 14.64
N HIS A 274 22.52 -0.85 15.65
CA HIS A 274 23.83 -1.40 15.68
C HIS A 274 23.99 -2.35 14.48
N GLN A 275 22.91 -2.98 14.02
CA GLN A 275 23.01 -3.76 12.76
C GLN A 275 23.27 -2.89 11.54
N HIS A 276 22.58 -1.73 11.48
CA HIS A 276 22.80 -0.87 10.35
C HIS A 276 24.24 -0.38 10.29
N PHE A 277 24.79 -0.03 11.46
CA PHE A 277 26.17 0.50 11.47
C PHE A 277 27.24 -0.60 11.63
N GLY A 278 26.79 -1.84 11.76
CA GLY A 278 27.67 -3.02 11.74
C GLY A 278 28.61 -3.15 12.90
N PHE A 279 28.08 -2.95 14.09
CA PHE A 279 28.84 -3.27 15.31
C PHE A 279 28.07 -4.22 16.20
N GLN A 280 28.83 -4.92 17.04
CA GLN A 280 28.25 -5.94 17.91
CA GLN A 280 28.23 -5.92 17.92
C GLN A 280 28.39 -5.56 19.40
N PRO A 281 27.31 -5.02 20.00
CA PRO A 281 27.42 -4.66 21.38
C PRO A 281 27.29 -5.86 22.33
N ASP A 282 27.75 -5.65 23.56
CA ASP A 282 27.66 -6.63 24.63
C ASP A 282 26.29 -6.66 25.30
N LEU A 283 25.59 -5.50 25.21
CA LEU A 283 24.24 -5.30 25.72
CA LEU A 283 24.22 -5.38 25.65
C LEU A 283 23.59 -4.19 24.96
N PHE A 284 22.28 -4.15 24.97
CA PHE A 284 21.63 -2.93 24.44
C PHE A 284 20.34 -2.67 25.15
N THR A 285 19.97 -1.39 25.19
CA THR A 285 18.77 -0.95 25.89
C THR A 285 17.67 -0.67 24.88
N ALA A 286 16.44 -0.94 25.27
CA ALA A 286 15.32 -0.71 24.38
C ALA A 286 14.12 -0.19 25.16
N ALA A 287 13.27 0.58 24.44
CA ALA A 287 11.88 0.85 24.84
C ALA A 287 11.13 1.39 23.61
N LYS A 288 10.35 2.46 23.77
CA LYS A 288 9.70 3.14 22.64
C LYS A 288 9.04 2.18 21.64
N GLY A 289 9.68 1.90 20.52
CA GLY A 289 9.16 1.09 19.45
C GLY A 289 8.92 -0.35 19.90
N LEU A 290 9.54 -0.79 21.00
CA LEU A 290 9.28 -2.14 21.50
C LEU A 290 7.76 -2.42 21.61
N SER A 291 6.97 -1.42 22.00
CA SER A 291 5.53 -1.59 22.08
C SER A 291 4.76 -0.55 21.27
N SER A 292 5.54 0.16 20.42
CA SER A 292 4.99 1.27 19.65
C SER A 292 4.37 2.31 20.57
N GLY A 293 4.89 2.37 21.80
CA GLY A 293 4.37 3.34 22.77
C GLY A 293 2.94 3.03 23.27
N TYR A 294 2.36 1.90 22.86
CA TYR A 294 1.03 1.60 23.25
C TYR A 294 0.83 1.38 24.74
N LEU A 295 1.84 0.77 25.38
CA LEU A 295 1.94 0.67 26.82
C LEU A 295 3.40 0.74 27.24
N PRO A 296 3.64 1.18 28.49
CA PRO A 296 5.04 1.39 28.94
C PRO A 296 5.74 0.08 29.17
N ILE A 297 6.86 -0.10 28.48
CA ILE A 297 7.70 -1.31 28.64
C ILE A 297 9.08 -1.02 28.04
N GLY A 298 10.11 -1.50 28.73
CA GLY A 298 11.47 -1.33 28.30
C GLY A 298 12.21 -2.61 28.56
N ALA A 299 13.40 -2.73 28.02
CA ALA A 299 14.18 -3.98 28.15
C ALA A 299 15.67 -3.70 28.07
N VAL A 300 16.44 -4.55 28.74
CA VAL A 300 17.85 -4.65 28.46
C VAL A 300 18.06 -6.01 27.84
N PHE A 301 18.65 -5.98 26.66
CA PHE A 301 19.06 -7.21 25.97
C PHE A 301 20.51 -7.52 26.29
N VAL A 302 20.78 -8.71 26.84
CA VAL A 302 22.04 -9.02 27.46
C VAL A 302 22.74 -10.11 26.62
N GLY A 303 23.94 -9.84 26.16
CA GLY A 303 24.69 -10.75 25.29
C GLY A 303 25.16 -11.92 26.15
N LYS A 304 25.64 -12.99 25.51
CA LYS A 304 26.01 -14.21 26.25
C LYS A 304 27.09 -13.99 27.30
N ARG A 305 28.10 -13.20 26.97
CA ARG A 305 29.22 -12.92 27.91
C ARG A 305 28.74 -12.24 29.22
N VAL A 306 27.94 -11.17 29.12
CA VAL A 306 27.58 -10.47 30.33
C VAL A 306 26.52 -11.25 31.09
N ALA A 307 25.70 -11.97 30.35
CA ALA A 307 24.65 -12.70 31.00
C ALA A 307 25.30 -13.83 31.79
N GLU A 308 26.37 -14.44 31.27
CA GLU A 308 27.00 -15.52 32.03
CA GLU A 308 27.09 -15.50 32.01
C GLU A 308 27.63 -14.95 33.31
N GLY A 309 28.20 -13.73 33.23
CA GLY A 309 28.68 -13.02 34.41
C GLY A 309 27.58 -12.76 35.41
N LEU A 310 26.43 -12.27 34.97
CA LEU A 310 25.31 -12.00 35.85
C LEU A 310 24.77 -13.29 36.50
N ILE A 311 24.73 -14.38 35.74
CA ILE A 311 24.18 -15.66 36.23
C ILE A 311 25.13 -16.25 37.27
N ALA A 312 26.41 -15.96 37.09
CA ALA A 312 27.47 -16.44 37.96
C ALA A 312 27.58 -15.64 39.26
N GLY A 313 26.87 -14.51 39.32
CA GLY A 313 26.94 -13.64 40.50
C GLY A 313 25.78 -13.77 41.46
N GLY A 314 25.05 -14.88 41.39
CA GLY A 314 23.92 -15.12 42.29
C GLY A 314 22.80 -14.11 42.14
N ASP A 315 22.41 -13.49 43.25
CA ASP A 315 21.34 -12.50 43.25
CA ASP A 315 21.35 -12.50 43.30
C ASP A 315 21.73 -11.23 42.54
N PHE A 316 20.79 -10.72 41.75
CA PHE A 316 20.93 -9.40 41.14
C PHE A 316 19.84 -8.54 41.77
N ASN A 317 20.25 -7.69 42.73
CA ASN A 317 19.32 -6.97 43.59
C ASN A 317 18.82 -5.69 42.95
N HIS A 318 17.96 -5.90 41.96
CA HIS A 318 17.56 -4.88 41.02
C HIS A 318 16.29 -5.29 40.37
N GLY A 319 15.43 -4.30 40.11
CA GLY A 319 14.19 -4.48 39.36
C GLY A 319 13.02 -3.63 39.82
N PHE A 320 11.97 -3.62 39.01
CA PHE A 320 10.84 -2.78 39.23
C PHE A 320 9.58 -3.61 39.39
N THR A 321 8.67 -3.10 40.22
CA THR A 321 7.39 -3.78 40.52
C THR A 321 6.71 -4.21 39.21
N TYR A 322 6.75 -3.34 38.20
CA TYR A 322 6.03 -3.63 36.97
C TYR A 322 6.89 -4.27 35.86
N SER A 323 8.12 -4.68 36.22
CA SER A 323 8.98 -5.44 35.30
C SER A 323 8.20 -6.65 34.81
N GLY A 324 8.03 -6.75 33.50
CA GLY A 324 7.44 -7.94 32.86
C GLY A 324 5.93 -7.89 32.92
N HIS A 325 5.38 -6.70 33.19
CA HIS A 325 3.95 -6.53 33.37
C HIS A 325 3.19 -7.26 32.27
N PRO A 326 2.30 -8.20 32.65
CA PRO A 326 1.57 -9.02 31.66
C PRO A 326 0.86 -8.27 30.53
N VAL A 327 0.14 -7.20 30.87
CA VAL A 327 -0.60 -6.44 29.86
C VAL A 327 0.38 -5.74 28.92
N CYS A 328 1.41 -5.13 29.51
CA CYS A 328 2.38 -4.50 28.68
C CYS A 328 3.13 -5.45 27.75
N ALA A 329 3.46 -6.63 28.30
CA ALA A 329 4.12 -7.68 27.54
C ALA A 329 3.17 -8.20 26.44
N ALA A 330 1.87 -8.27 26.73
CA ALA A 330 0.94 -8.76 25.72
C ALA A 330 0.86 -7.82 24.53
N VAL A 331 0.85 -6.54 24.80
CA VAL A 331 0.84 -5.55 23.74
C VAL A 331 2.21 -5.47 23.01
N ALA A 332 3.31 -5.49 23.76
CA ALA A 332 4.63 -5.65 23.12
C ALA A 332 4.75 -6.83 22.17
N HIS A 333 4.18 -7.99 22.58
CA HIS A 333 4.20 -9.15 21.73
C HIS A 333 3.42 -8.92 20.46
N ALA A 334 2.21 -8.37 20.58
CA ALA A 334 1.40 -8.11 19.37
C ALA A 334 2.14 -7.11 18.43
N ASN A 335 2.76 -6.10 19.04
CA ASN A 335 3.55 -5.13 18.28
C ASN A 335 4.77 -5.69 17.55
N VAL A 336 5.63 -6.45 18.25
CA VAL A 336 6.78 -7.06 17.63
C VAL A 336 6.35 -8.06 16.54
N ALA A 337 5.28 -8.81 16.82
CA ALA A 337 4.82 -9.78 15.83
C ALA A 337 4.33 -9.05 14.59
N ALA A 338 3.63 -7.91 14.78
CA ALA A 338 3.18 -7.09 13.63
C ALA A 338 4.36 -6.54 12.82
N LEU A 339 5.33 -5.98 13.52
CA LEU A 339 6.50 -5.44 12.84
C LEU A 339 7.18 -6.46 11.94
N ARG A 340 7.24 -7.72 12.42
CA ARG A 340 7.78 -8.82 11.61
C ARG A 340 6.79 -9.35 10.59
N ASP A 341 5.67 -9.82 11.08
CA ASP A 341 4.69 -10.54 10.22
C ASP A 341 3.97 -9.70 9.15
N GLU A 342 3.86 -8.39 9.40
CA GLU A 342 3.29 -7.52 8.40
C GLU A 342 4.33 -6.85 7.52
N GLY A 343 5.57 -7.27 7.68
CA GLY A 343 6.64 -6.83 6.83
C GLY A 343 6.98 -5.38 7.02
N ILE A 344 6.68 -4.84 8.19
CA ILE A 344 6.87 -3.39 8.39
C ILE A 344 8.33 -2.97 8.43
N VAL A 345 9.18 -3.74 9.12
CA VAL A 345 10.60 -3.43 9.20
C VAL A 345 11.22 -3.60 7.82
N GLN A 346 10.89 -4.71 7.12
CA GLN A 346 11.44 -4.94 5.80
C GLN A 346 11.04 -3.82 4.80
N ARG A 347 9.80 -3.37 4.94
CA ARG A 347 9.25 -2.28 4.11
C ARG A 347 10.04 -0.99 4.37
N VAL A 348 10.47 -0.77 5.60
CA VAL A 348 11.36 0.39 5.80
C VAL A 348 12.65 0.22 4.98
N LYS A 349 13.28 -0.95 5.07
CA LYS A 349 14.56 -1.15 4.45
C LYS A 349 14.49 -1.05 2.93
N ASP A 350 13.41 -1.59 2.37
CA ASP A 350 13.34 -1.85 0.93
C ASP A 350 12.52 -0.86 0.17
N ASP A 351 11.49 -0.31 0.80
CA ASP A 351 10.49 0.49 0.08
CA ASP A 351 10.48 0.47 0.11
C ASP A 351 10.37 1.90 0.63
N ILE A 352 9.73 2.08 1.78
CA ILE A 352 9.47 3.45 2.28
C ILE A 352 10.75 4.20 2.70
N GLY A 353 11.74 3.50 3.27
CA GLY A 353 12.96 4.14 3.72
C GLY A 353 13.62 4.82 2.53
N PRO A 354 13.90 4.06 1.45
CA PRO A 354 14.59 4.74 0.34
C PRO A 354 13.76 5.84 -0.29
N TYR A 355 12.44 5.70 -0.29
CA TYR A 355 11.57 6.78 -0.77
C TYR A 355 11.69 8.02 0.13
N MET A 356 11.50 7.82 1.43
CA MET A 356 11.63 8.95 2.38
C MET A 356 12.99 9.63 2.19
N GLN A 357 14.04 8.83 2.04
CA GLN A 357 15.40 9.39 2.05
C GLN A 357 15.62 10.26 0.81
N LYS A 358 15.21 9.76 -0.34
CA LYS A 358 15.33 10.48 -1.60
C LYS A 358 14.50 11.75 -1.53
N ARG A 359 13.24 11.62 -1.09
CA ARG A 359 12.33 12.78 -1.08
C ARG A 359 12.76 13.82 -0.04
N TRP A 360 13.33 13.39 1.08
CA TRP A 360 13.76 14.30 2.12
C TRP A 360 14.86 15.14 1.56
N ARG A 361 15.73 14.51 0.80
CA ARG A 361 16.90 15.21 0.29
C ARG A 361 16.47 16.13 -0.83
N GLU A 362 15.54 15.66 -1.66
CA GLU A 362 14.98 16.46 -2.76
CA GLU A 362 15.00 16.47 -2.75
C GLU A 362 14.36 17.75 -2.24
N THR A 363 13.57 17.62 -1.19
CA THR A 363 12.85 18.73 -0.60
C THR A 363 13.77 19.78 0.07
N PHE A 364 14.72 19.34 0.86
CA PHE A 364 15.39 20.31 1.74
C PHE A 364 16.70 20.80 1.14
N SER A 365 17.11 20.23 0.00
CA SER A 365 18.36 20.65 -0.60
CA SER A 365 18.33 20.61 -0.69
C SER A 365 18.28 22.04 -1.23
N ARG A 366 17.06 22.58 -1.29
CA ARG A 366 16.78 23.85 -1.97
C ARG A 366 17.21 25.10 -1.20
N PHE A 367 17.08 25.04 0.12
CA PHE A 367 17.01 26.20 1.01
C PHE A 367 18.36 26.73 1.39
N GLU A 368 18.48 28.04 1.28
CA GLU A 368 19.76 28.69 1.57
C GLU A 368 20.30 28.42 3.01
N HIS A 369 19.39 28.28 3.98
CA HIS A 369 19.81 28.13 5.37
C HIS A 369 19.57 26.77 5.89
N VAL A 370 19.46 25.81 4.97
CA VAL A 370 19.34 24.39 5.40
C VAL A 370 20.52 23.63 4.92
N ASP A 371 21.14 22.81 5.78
CA ASP A 371 22.29 22.02 5.38
C ASP A 371 22.39 20.74 6.18
N ASP A 372 23.37 19.91 5.84
CA ASP A 372 23.58 18.60 6.50
C ASP A 372 22.29 17.76 6.41
N VAL A 373 21.65 17.78 5.25
CA VAL A 373 20.43 17.02 5.04
C VAL A 373 20.80 15.55 5.12
N ARG A 374 20.16 14.79 6.02
CA ARG A 374 20.63 13.44 6.39
C ARG A 374 19.49 12.52 6.79
N GLY A 375 19.81 11.24 7.01
CA GLY A 375 18.75 10.33 7.45
C GLY A 375 19.07 8.94 6.93
N VAL A 376 18.47 7.96 7.61
CA VAL A 376 18.59 6.55 7.22
CA VAL A 376 18.61 6.54 7.26
C VAL A 376 17.25 5.92 7.57
N GLY A 377 16.65 5.14 6.65
CA GLY A 377 15.38 4.43 6.99
C GLY A 377 14.26 5.41 7.23
N MET A 378 13.78 5.48 8.45
CA MET A 378 12.75 6.44 8.71
C MET A 378 13.11 7.42 9.79
N VAL A 379 14.41 7.70 9.96
CA VAL A 379 14.74 8.83 10.82
C VAL A 379 15.56 9.72 9.91
N GLN A 380 15.24 11.03 9.98
CA GLN A 380 15.92 11.99 9.09
C GLN A 380 15.92 13.38 9.72
N ALA A 381 16.79 14.25 9.18
CA ALA A 381 17.00 15.54 9.84
C ALA A 381 17.68 16.48 8.87
N PHE A 382 17.78 17.74 9.32
CA PHE A 382 18.72 18.66 8.65
C PHE A 382 19.08 19.71 9.75
N THR A 383 19.95 20.69 9.42
CA THR A 383 20.36 21.68 10.39
C THR A 383 20.13 23.02 9.72
N LEU A 384 19.62 23.91 10.51
CA LEU A 384 19.45 25.31 10.02
C LEU A 384 20.79 26.02 10.28
N VAL A 385 21.32 26.69 9.26
CA VAL A 385 22.68 27.21 9.34
C VAL A 385 22.69 28.62 8.78
N LYS A 386 23.62 29.42 9.27
CA LYS A 386 23.76 30.81 8.82
C LYS A 386 24.41 30.87 7.43
N ASN A 387 25.43 30.06 7.19
CA ASN A 387 26.14 30.14 5.92
C ASN A 387 26.68 28.77 5.54
N LYS A 388 26.07 28.17 4.52
CA LYS A 388 26.47 26.82 4.07
CA LYS A 388 26.51 26.82 4.21
C LYS A 388 27.94 26.75 3.63
N ALA A 389 28.38 27.79 2.90
CA ALA A 389 29.73 27.77 2.39
C ALA A 389 30.81 27.68 3.47
N LYS A 390 30.54 28.27 4.64
CA LYS A 390 31.52 28.26 5.73
CA LYS A 390 31.50 28.29 5.74
C LYS A 390 31.11 27.26 6.80
N ARG A 391 30.04 26.51 6.52
CA ARG A 391 29.40 25.65 7.55
C ARG A 391 29.29 26.42 8.89
N GLU A 392 28.79 27.65 8.80
CA GLU A 392 28.57 28.51 9.95
C GLU A 392 27.19 28.30 10.51
N LEU A 393 27.16 27.93 11.79
CA LEU A 393 25.93 27.84 12.55
C LEU A 393 25.44 29.18 13.10
N PHE A 394 24.13 29.30 13.33
CA PHE A 394 23.59 30.46 14.02
C PHE A 394 24.13 30.51 15.41
N PRO A 395 24.39 31.73 15.94
CA PRO A 395 24.75 31.81 17.37
C PRO A 395 23.59 31.42 18.30
N ASP A 396 23.87 31.16 19.57
CA ASP A 396 22.84 30.72 20.53
C ASP A 396 22.03 29.50 20.02
N PHE A 397 22.76 28.56 19.44
CA PHE A 397 22.20 27.34 18.87
C PHE A 397 20.93 26.86 19.61
N GLY A 398 19.81 26.83 18.89
CA GLY A 398 18.54 26.49 19.48
C GLY A 398 17.48 27.54 19.23
N GLU A 399 17.93 28.80 19.16
CA GLU A 399 16.98 29.89 18.97
CA GLU A 399 17.03 29.94 18.93
C GLU A 399 16.29 29.82 17.60
N ILE A 400 17.05 29.59 16.55
CA ILE A 400 16.53 29.55 15.21
C ILE A 400 15.72 28.27 15.03
N GLY A 401 16.18 27.17 15.61
CA GLY A 401 15.39 25.94 15.61
C GLY A 401 14.01 26.06 16.21
N THR A 402 13.88 26.79 17.33
CA THR A 402 12.58 27.03 17.97
C THR A 402 11.66 27.84 17.04
N LEU A 403 12.23 28.84 16.37
CA LEU A 403 11.47 29.64 15.42
CA LEU A 403 11.50 29.66 15.40
C LEU A 403 10.86 28.77 14.31
N CYS A 404 11.68 27.89 13.74
CA CYS A 404 11.24 26.99 12.71
C CYS A 404 10.20 25.97 13.25
N ARG A 405 10.50 25.36 14.39
CA ARG A 405 9.58 24.38 14.95
C ARG A 405 8.17 24.94 15.15
N ASP A 406 8.09 26.19 15.62
CA ASP A 406 6.84 26.86 15.89
C ASP A 406 6.01 27.01 14.63
N ILE A 407 6.69 27.32 13.53
CA ILE A 407 6.06 27.44 12.22
C ILE A 407 5.42 26.08 11.88
N PHE A 408 6.17 25.00 12.12
CA PHE A 408 5.61 23.68 11.77
C PHE A 408 4.33 23.42 12.56
N PHE A 409 4.42 23.65 13.87
CA PHE A 409 3.33 23.31 14.79
C PHE A 409 2.10 24.12 14.41
N ARG A 410 2.30 25.40 14.06
CA ARG A 410 1.20 26.27 13.68
CA ARG A 410 1.21 26.30 13.65
C ARG A 410 0.52 25.77 12.39
N ASN A 411 1.28 25.04 11.56
CA ASN A 411 0.79 24.50 10.30
C ASN A 411 0.45 22.98 10.38
N ASN A 412 0.20 22.55 11.62
CA ASN A 412 -0.33 21.19 11.93
C ASN A 412 0.63 20.09 11.50
N LEU A 413 1.92 20.36 11.68
CA LEU A 413 2.95 19.32 11.39
C LEU A 413 3.86 19.23 12.60
N ILE A 414 4.13 18.03 13.08
CA ILE A 414 5.02 17.87 14.24
CA ILE A 414 5.02 17.83 14.23
C ILE A 414 6.38 17.38 13.70
N MET A 415 7.39 18.25 13.80
CA MET A 415 8.81 17.89 13.70
C MET A 415 9.47 18.64 14.82
N ARG A 416 10.51 18.03 15.35
CA ARG A 416 11.17 18.49 16.56
CA ARG A 416 11.17 18.54 16.54
C ARG A 416 12.42 19.32 16.20
N ALA A 417 12.61 20.39 16.98
CA ALA A 417 13.89 21.08 16.98
C ALA A 417 14.76 20.57 18.15
N CYS A 418 16.01 20.26 17.83
CA CYS A 418 17.04 19.85 18.77
C CYS A 418 18.17 20.83 18.49
N GLY A 419 18.22 21.87 19.29
CA GLY A 419 19.07 23.01 18.88
C GLY A 419 18.53 23.54 17.57
N ASP A 420 19.45 23.83 16.65
CA ASP A 420 19.01 24.24 15.31
C ASP A 420 18.87 23.06 14.34
N HIS A 421 18.97 21.83 14.85
CA HIS A 421 18.55 20.67 14.05
C HIS A 421 17.07 20.45 14.04
N ILE A 422 16.53 20.12 12.87
CA ILE A 422 15.14 19.72 12.75
C ILE A 422 15.14 18.24 12.43
N VAL A 423 14.31 17.50 13.15
CA VAL A 423 14.32 16.05 13.06
C VAL A 423 12.92 15.52 12.83
N SER A 424 12.87 14.33 12.24
CA SER A 424 11.61 13.65 12.07
C SER A 424 11.83 12.15 12.22
N ALA A 425 10.80 11.51 12.77
CA ALA A 425 10.77 10.04 12.98
C ALA A 425 9.29 9.59 12.94
N PRO A 426 8.66 9.61 11.73
CA PRO A 426 7.24 9.25 11.68
C PRO A 426 6.97 7.77 11.88
N PRO A 427 5.69 7.46 12.06
CA PRO A 427 5.37 6.01 12.03
C PRO A 427 5.94 5.29 10.78
N LEU A 428 6.49 4.07 11.00
CA LEU A 428 7.15 3.31 9.95
C LEU A 428 6.21 2.93 8.82
N VAL A 429 4.92 2.88 9.16
CA VAL A 429 3.86 2.49 8.22
C VAL A 429 3.43 3.60 7.27
N MET A 430 4.04 4.77 7.42
CA MET A 430 3.68 5.91 6.58
C MET A 430 3.77 5.49 5.10
N THR A 431 2.82 5.97 4.30
CA THR A 431 2.79 5.63 2.86
C THR A 431 3.61 6.66 2.06
N ARG A 432 3.90 6.38 0.79
CA ARG A 432 4.58 7.39 -0.04
C ARG A 432 3.76 8.68 -0.08
N ALA A 433 2.45 8.56 -0.26
CA ALA A 433 1.58 9.72 -0.26
C ALA A 433 1.69 10.51 1.02
N GLU A 434 1.86 9.84 2.16
CA GLU A 434 1.84 10.54 3.46
C GLU A 434 3.17 11.23 3.63
N VAL A 435 4.23 10.60 3.14
CA VAL A 435 5.57 11.22 3.11
C VAL A 435 5.47 12.51 2.31
N ASP A 436 4.85 12.46 1.10
CA ASP A 436 4.77 13.68 0.30
C ASP A 436 3.89 14.73 0.97
N GLU A 437 2.82 14.31 1.66
CA GLU A 437 1.92 15.25 2.35
C GLU A 437 2.72 15.98 3.44
N MET A 438 3.50 15.23 4.20
CA MET A 438 4.33 15.74 5.25
C MET A 438 5.36 16.73 4.66
N LEU A 439 6.04 16.33 3.58
CA LEU A 439 7.15 17.13 2.99
C LEU A 439 6.57 18.43 2.43
N ALA A 440 5.33 18.37 1.93
CA ALA A 440 4.73 19.56 1.27
C ALA A 440 4.50 20.62 2.32
N VAL A 441 3.97 20.21 3.47
CA VAL A 441 3.76 21.13 4.63
C VAL A 441 5.11 21.67 5.07
N ALA A 442 6.09 20.77 5.29
CA ALA A 442 7.43 21.23 5.69
C ALA A 442 8.07 22.23 4.73
N GLU A 443 7.89 22.01 3.41
CA GLU A 443 8.40 22.92 2.37
C GLU A 443 7.84 24.31 2.53
N ARG A 444 6.53 24.36 2.72
CA ARG A 444 5.82 25.63 2.90
CA ARG A 444 5.78 25.60 2.91
C ARG A 444 6.31 26.32 4.14
N CYS A 445 6.51 25.57 5.22
CA CYS A 445 7.04 26.15 6.42
C CYS A 445 8.45 26.70 6.25
N LEU A 446 9.32 25.99 5.54
CA LEU A 446 10.71 26.47 5.36
CA LEU A 446 10.69 26.49 5.39
C LEU A 446 10.70 27.72 4.52
N GLU A 447 9.79 27.77 3.54
CA GLU A 447 9.67 29.03 2.74
C GLU A 447 9.31 30.19 3.66
N GLU A 448 8.42 29.95 4.62
CA GLU A 448 8.04 31.00 5.59
C GLU A 448 9.26 31.32 6.46
N PHE A 449 9.93 30.26 6.92
CA PHE A 449 11.12 30.45 7.75
C PHE A 449 12.18 31.33 7.04
N GLU A 450 12.49 31.01 5.80
CA GLU A 450 13.50 31.76 5.07
C GLU A 450 13.07 33.24 4.98
N GLN A 451 11.78 33.47 4.78
CA GLN A 451 11.26 34.83 4.70
C GLN A 451 11.37 35.54 6.05
N THR A 452 11.05 34.83 7.14
CA THR A 452 11.12 35.41 8.46
C THR A 452 12.59 35.73 8.80
N LEU A 453 13.53 34.82 8.47
CA LEU A 453 14.98 35.14 8.65
C LEU A 453 15.31 36.44 7.96
N LYS A 454 14.90 36.53 6.70
CA LYS A 454 15.25 37.64 5.84
C LYS A 454 14.68 38.94 6.40
N ALA A 455 13.41 38.90 6.79
CA ALA A 455 12.69 40.05 7.36
C ALA A 455 13.34 40.53 8.64
N ARG A 456 13.91 39.61 9.41
CA ARG A 456 14.37 39.95 10.75
C ARG A 456 15.87 40.29 10.73
N GLY A 457 16.46 40.30 9.54
CA GLY A 457 17.88 40.66 9.38
C GLY A 457 18.85 39.61 9.88
N LEU A 458 18.32 38.41 10.09
CA LEU A 458 19.13 37.27 10.55
C LEU A 458 19.72 36.40 9.46
N ALA A 459 19.42 36.68 8.20
CA ALA A 459 19.86 35.85 7.08
C ALA A 459 21.29 36.02 6.63
N ARG B 5 -26.32 -28.57 -43.77
CA ARG B 5 -25.29 -29.59 -43.38
C ARG B 5 -25.58 -30.23 -42.02
N THR B 6 -25.05 -31.44 -41.81
CA THR B 6 -25.19 -32.14 -40.53
C THR B 6 -24.17 -31.61 -39.50
N THR B 7 -24.33 -32.04 -38.26
CA THR B 7 -23.44 -31.68 -37.15
C THR B 7 -21.99 -32.12 -37.46
N SER B 8 -21.83 -33.39 -37.81
CA SER B 8 -20.52 -34.00 -38.06
CA SER B 8 -20.51 -33.98 -38.05
C SER B 8 -19.74 -33.31 -39.19
N GLN B 9 -20.47 -32.87 -40.22
CA GLN B 9 -19.82 -32.25 -41.37
CA GLN B 9 -19.86 -32.24 -41.39
C GLN B 9 -19.42 -30.80 -41.13
N TRP B 10 -20.27 -30.04 -40.44
CA TRP B 10 -19.93 -28.68 -40.02
C TRP B 10 -18.75 -28.72 -39.08
N ARG B 11 -18.73 -29.72 -38.19
CA ARG B 11 -17.59 -29.95 -37.29
C ARG B 11 -16.30 -30.26 -38.04
N GLU B 12 -16.40 -31.11 -39.07
CA GLU B 12 -15.25 -31.48 -39.90
C GLU B 12 -14.63 -30.26 -40.60
N LEU B 13 -15.49 -29.41 -41.15
CA LEU B 13 -15.06 -28.22 -41.93
C LEU B 13 -14.51 -27.12 -41.04
N ASP B 14 -15.03 -27.05 -39.81
CA ASP B 14 -14.52 -26.10 -38.80
C ASP B 14 -13.14 -26.48 -38.31
N ALA B 15 -12.98 -27.76 -37.95
CA ALA B 15 -11.68 -28.29 -37.51
C ALA B 15 -10.60 -28.11 -38.58
N ALA B 16 -11.01 -28.22 -39.84
CA ALA B 16 -10.09 -28.16 -40.98
C ALA B 16 -9.67 -26.75 -41.38
N HIS B 17 -10.57 -25.77 -41.24
CA HIS B 17 -10.38 -24.45 -41.87
C HIS B 17 -10.51 -23.23 -40.98
N HIS B 18 -10.92 -23.41 -39.71
CA HIS B 18 -11.22 -22.27 -38.80
C HIS B 18 -10.30 -22.20 -37.60
N LEU B 19 -9.67 -21.05 -37.38
CA LEU B 19 -8.87 -20.80 -36.18
C LEU B 19 -9.66 -19.89 -35.25
N HIS B 20 -10.05 -20.40 -34.09
CA HIS B 20 -10.95 -19.66 -33.17
C HIS B 20 -10.19 -18.70 -32.26
N PRO B 21 -10.89 -17.67 -31.74
CA PRO B 21 -10.25 -16.84 -30.70
C PRO B 21 -10.13 -17.58 -29.37
N PHE B 22 -9.03 -17.32 -28.64
CA PHE B 22 -8.84 -17.79 -27.25
C PHE B 22 -9.19 -19.27 -27.09
N THR B 23 -8.57 -20.09 -27.92
CA THR B 23 -8.96 -21.48 -28.05
C THR B 23 -7.73 -22.37 -28.16
N ASP B 24 -7.85 -23.57 -27.59
CA ASP B 24 -6.88 -24.65 -27.78
C ASP B 24 -7.30 -25.37 -29.06
N THR B 25 -6.63 -25.05 -30.16
CA THR B 25 -7.03 -25.54 -31.49
C THR B 25 -6.98 -27.07 -31.63
N ALA B 26 -5.93 -27.69 -31.08
CA ALA B 26 -5.77 -29.14 -31.13
C ALA B 26 -6.86 -29.88 -30.34
N SER B 27 -7.13 -29.43 -29.12
CA SER B 27 -8.12 -30.09 -28.25
C SER B 27 -9.55 -29.86 -28.74
N LEU B 28 -9.84 -28.68 -29.27
CA LEU B 28 -11.15 -28.38 -29.87
C LEU B 28 -11.42 -29.23 -31.10
N ASN B 29 -10.44 -29.32 -32.00
CA ASN B 29 -10.56 -30.14 -33.21
C ASN B 29 -10.73 -31.62 -32.90
N GLN B 30 -10.28 -32.04 -31.72
CA GLN B 30 -10.46 -33.41 -31.24
C GLN B 30 -11.86 -33.62 -30.68
N ALA B 31 -12.31 -32.69 -29.83
CA ALA B 31 -13.62 -32.77 -29.18
C ALA B 31 -14.77 -32.41 -30.13
N GLY B 32 -14.50 -31.54 -31.09
CA GLY B 32 -15.54 -31.01 -31.99
C GLY B 32 -16.18 -29.75 -31.43
N ALA B 33 -16.43 -28.79 -32.31
CA ALA B 33 -17.08 -27.51 -31.96
C ALA B 33 -18.58 -27.67 -31.81
N ARG B 34 -19.19 -26.94 -30.87
CA ARG B 34 -20.65 -26.92 -30.71
CA ARG B 34 -20.64 -26.96 -30.74
C ARG B 34 -21.25 -25.92 -31.69
N VAL B 35 -22.08 -26.40 -32.61
CA VAL B 35 -22.56 -25.59 -33.72
C VAL B 35 -23.87 -24.88 -33.42
N MET B 36 -23.76 -23.61 -33.07
CA MET B 36 -24.92 -22.76 -32.82
CA MET B 36 -24.90 -22.78 -32.81
C MET B 36 -25.52 -22.33 -34.15
N THR B 37 -26.82 -22.62 -34.34
CA THR B 37 -27.50 -22.37 -35.63
C THR B 37 -28.51 -21.21 -35.69
N ARG B 38 -29.35 -21.06 -34.66
CA ARG B 38 -30.36 -19.97 -34.63
CA ARG B 38 -30.33 -19.95 -34.63
C ARG B 38 -30.64 -19.50 -33.20
N GLY B 39 -31.12 -18.27 -33.06
CA GLY B 39 -31.49 -17.70 -31.78
C GLY B 39 -32.80 -16.95 -31.77
N GLU B 40 -33.45 -16.95 -30.63
CA GLU B 40 -34.70 -16.23 -30.46
C GLU B 40 -34.86 -15.85 -28.99
N GLY B 41 -35.01 -14.56 -28.75
CA GLY B 41 -35.05 -13.96 -27.42
C GLY B 41 -33.76 -14.22 -26.63
N VAL B 42 -33.89 -14.99 -25.57
CA VAL B 42 -32.77 -15.34 -24.70
C VAL B 42 -32.30 -16.76 -25.00
N TYR B 43 -32.85 -17.35 -26.07
CA TYR B 43 -32.59 -18.76 -26.33
C TYR B 43 -31.81 -18.97 -27.60
N LEU B 44 -31.02 -20.03 -27.59
CA LEU B 44 -30.26 -20.48 -28.75
C LEU B 44 -30.69 -21.89 -29.07
N TRP B 45 -30.42 -22.31 -30.30
CA TRP B 45 -30.45 -23.72 -30.70
C TRP B 45 -29.17 -24.10 -31.39
N ASP B 46 -28.67 -25.30 -31.08
CA ASP B 46 -27.51 -25.84 -31.76
C ASP B 46 -27.92 -26.76 -32.93
N SER B 47 -26.93 -27.26 -33.66
CA SER B 47 -27.15 -28.17 -34.79
CA SER B 47 -27.15 -28.19 -34.78
C SER B 47 -27.86 -29.48 -34.40
N GLU B 48 -27.72 -29.89 -33.15
CA GLU B 48 -28.37 -31.11 -32.65
C GLU B 48 -29.84 -30.89 -32.29
N GLY B 49 -30.26 -29.63 -32.17
CA GLY B 49 -31.65 -29.32 -31.82
C GLY B 49 -31.88 -29.02 -30.36
N ASN B 50 -30.81 -28.83 -29.60
CA ASN B 50 -30.93 -28.47 -28.19
C ASN B 50 -31.35 -27.00 -28.06
N LYS B 51 -32.40 -26.74 -27.30
CA LYS B 51 -32.77 -25.38 -26.88
C LYS B 51 -31.93 -25.01 -25.66
N ILE B 52 -31.25 -23.87 -25.75
CA ILE B 52 -30.19 -23.51 -24.81
C ILE B 52 -30.54 -22.13 -24.25
N ILE B 53 -30.35 -21.95 -22.95
CA ILE B 53 -30.52 -20.62 -22.36
C ILE B 53 -29.17 -19.90 -22.44
N ASP B 54 -29.16 -18.76 -23.12
CA ASP B 54 -27.91 -18.02 -23.25
C ASP B 54 -27.72 -16.97 -22.17
N GLY B 55 -27.15 -17.43 -21.08
CA GLY B 55 -26.98 -16.66 -19.88
C GLY B 55 -25.79 -15.75 -20.06
N MET B 56 -25.27 -15.71 -21.28
CA MET B 56 -24.13 -14.78 -21.56
C MET B 56 -24.39 -13.80 -22.70
N ALA B 57 -25.61 -13.78 -23.24
CA ALA B 57 -25.95 -12.84 -24.32
C ALA B 57 -24.88 -12.81 -25.43
N GLY B 58 -24.56 -13.97 -25.97
CA GLY B 58 -23.53 -14.03 -27.01
C GLY B 58 -22.18 -13.94 -26.34
N LEU B 59 -21.58 -12.74 -26.39
CA LEU B 59 -20.39 -12.49 -25.59
C LEU B 59 -20.58 -11.17 -24.83
N TRP B 60 -21.48 -11.20 -23.84
CA TRP B 60 -21.83 -10.05 -23.01
C TRP B 60 -22.43 -8.93 -23.79
N CYS B 61 -23.01 -9.19 -24.96
CA CYS B 61 -23.26 -8.10 -25.91
C CYS B 61 -24.64 -8.11 -26.55
N VAL B 62 -25.33 -9.24 -26.55
CA VAL B 62 -26.62 -9.31 -27.28
C VAL B 62 -27.71 -8.77 -26.34
N ASN B 63 -27.67 -7.47 -26.10
CA ASN B 63 -28.44 -6.85 -25.03
C ASN B 63 -29.95 -6.85 -25.28
N VAL B 64 -30.38 -6.66 -26.52
CA VAL B 64 -31.81 -6.73 -26.84
C VAL B 64 -32.26 -8.16 -27.12
N GLY B 65 -31.35 -9.11 -27.04
CA GLY B 65 -31.66 -10.52 -27.33
C GLY B 65 -31.66 -10.81 -28.82
N TYR B 66 -31.91 -12.06 -29.18
CA TYR B 66 -31.94 -12.51 -30.56
C TYR B 66 -33.33 -12.29 -31.15
N GLY B 67 -33.38 -12.10 -32.47
CA GLY B 67 -34.64 -12.09 -33.23
C GLY B 67 -35.15 -10.73 -33.65
N ARG B 68 -34.28 -9.72 -33.72
CA ARG B 68 -34.71 -8.37 -34.08
C ARG B 68 -34.80 -8.17 -35.60
N LYS B 69 -35.93 -8.58 -36.18
CA LYS B 69 -36.14 -8.41 -37.62
C LYS B 69 -36.05 -6.94 -38.07
N ASP B 70 -36.39 -6.02 -37.17
CA ASP B 70 -36.24 -4.59 -37.46
C ASP B 70 -34.77 -4.20 -37.67
N PHE B 71 -33.86 -4.88 -36.97
CA PHE B 71 -32.43 -4.61 -37.15
C PHE B 71 -31.96 -5.14 -38.51
N ALA B 72 -32.43 -6.33 -38.90
CA ALA B 72 -32.14 -6.86 -40.23
C ALA B 72 -32.66 -5.94 -41.35
N GLU B 73 -33.82 -5.36 -41.13
CA GLU B 73 -34.41 -4.39 -42.08
C GLU B 73 -33.57 -3.12 -42.18
N ALA B 74 -33.14 -2.62 -41.02
CA ALA B 74 -32.26 -1.46 -40.97
C ALA B 74 -30.97 -1.73 -41.76
N ALA B 75 -30.40 -2.93 -41.55
CA ALA B 75 -29.23 -3.39 -42.30
C ALA B 75 -29.47 -3.46 -43.82
N ARG B 76 -30.54 -4.14 -44.22
CA ARG B 76 -30.91 -4.26 -45.64
C ARG B 76 -31.05 -2.89 -46.31
N ARG B 77 -31.87 -2.04 -45.68
CA ARG B 77 -32.18 -0.74 -46.26
CA ARG B 77 -32.19 -0.73 -46.26
C ARG B 77 -30.92 0.11 -46.49
N GLN B 78 -30.07 0.17 -45.47
CA GLN B 78 -28.85 0.95 -45.57
C GLN B 78 -27.86 0.39 -46.59
N MET B 79 -27.70 -0.94 -46.63
CA MET B 79 -26.78 -1.59 -47.57
C MET B 79 -27.22 -1.36 -49.00
N GLU B 80 -28.52 -1.19 -49.20
CA GLU B 80 -29.04 -0.97 -50.54
C GLU B 80 -28.79 0.45 -51.02
N GLU B 81 -28.87 1.42 -50.11
CA GLU B 81 -28.64 2.81 -50.45
CA GLU B 81 -28.64 2.83 -50.44
C GLU B 81 -27.15 3.12 -50.60
N LEU B 82 -26.37 2.81 -49.56
CA LEU B 82 -24.93 3.05 -49.58
C LEU B 82 -24.27 2.05 -48.62
N PRO B 83 -23.74 0.94 -49.17
CA PRO B 83 -23.22 -0.15 -48.33
C PRO B 83 -21.95 0.24 -47.60
N PHE B 84 -21.15 1.10 -48.21
CA PHE B 84 -19.95 1.66 -47.60
C PHE B 84 -19.57 2.94 -48.30
N TYR B 85 -19.21 3.94 -47.51
CA TYR B 85 -18.27 4.94 -47.95
C TYR B 85 -17.35 5.32 -46.79
N ASN B 86 -16.12 5.72 -47.12
CA ASN B 86 -15.09 6.07 -46.12
C ASN B 86 -15.30 7.45 -45.48
N THR B 87 -14.73 7.65 -44.30
CA THR B 87 -14.84 8.91 -43.58
CA THR B 87 -14.84 8.92 -43.59
C THR B 87 -13.48 9.62 -43.53
N PHE B 88 -12.59 9.19 -44.43
CA PHE B 88 -11.19 9.62 -44.49
C PHE B 88 -10.97 10.81 -45.43
N PHE B 89 -11.78 10.89 -46.50
CA PHE B 89 -11.54 11.88 -47.57
C PHE B 89 -12.31 13.19 -47.39
N LYS B 90 -12.27 13.79 -46.19
CA LYS B 90 -13.05 15.00 -45.89
C LYS B 90 -14.50 14.69 -46.24
N THR B 91 -14.89 13.45 -45.91
CA THR B 91 -16.19 12.90 -46.30
CA THR B 91 -16.19 12.91 -46.32
C THR B 91 -16.93 12.31 -45.12
N THR B 92 -18.25 12.31 -45.21
CA THR B 92 -19.11 11.67 -44.23
C THR B 92 -20.31 11.03 -44.94
N HIS B 93 -21.26 10.50 -44.16
CA HIS B 93 -22.52 9.96 -44.70
C HIS B 93 -23.58 9.97 -43.62
N PRO B 94 -24.86 9.97 -44.03
CA PRO B 94 -25.93 10.21 -43.06
C PRO B 94 -26.02 9.17 -41.93
N ALA B 95 -25.71 7.91 -42.20
CA ALA B 95 -25.84 6.92 -41.13
C ALA B 95 -24.88 7.24 -39.96
N VAL B 96 -23.61 7.47 -40.26
CA VAL B 96 -22.64 7.84 -39.22
C VAL B 96 -22.97 9.18 -38.54
N VAL B 97 -23.46 10.16 -39.30
CA VAL B 97 -23.89 11.44 -38.72
C VAL B 97 -25.05 11.24 -37.75
N GLU B 98 -26.10 10.52 -38.17
CA GLU B 98 -27.29 10.29 -37.34
CA GLU B 98 -27.28 10.31 -37.34
C GLU B 98 -27.00 9.48 -36.08
N LEU B 99 -26.13 8.49 -36.19
CA LEU B 99 -25.76 7.70 -35.01
C LEU B 99 -25.04 8.58 -34.00
N SER B 100 -24.02 9.32 -34.48
CA SER B 100 -23.23 10.20 -33.62
C SER B 100 -24.11 11.14 -32.83
N SER B 101 -25.14 11.67 -33.49
CA SER B 101 -26.11 12.57 -32.85
CA SER B 101 -26.09 12.58 -32.84
C SER B 101 -26.93 11.87 -31.78
N LEU B 102 -27.39 10.67 -32.09
CA LEU B 102 -28.20 9.92 -31.14
C LEU B 102 -27.40 9.54 -29.89
N LEU B 103 -26.13 9.18 -30.11
CA LEU B 103 -25.27 8.74 -29.01
C LEU B 103 -25.09 9.89 -28.03
N ALA B 104 -24.88 11.09 -28.57
CA ALA B 104 -24.77 12.29 -27.76
C ALA B 104 -25.98 12.44 -26.85
N GLU B 105 -27.15 12.02 -27.33
CA GLU B 105 -28.36 12.07 -26.52
C GLU B 105 -28.33 11.17 -25.29
N VAL B 106 -27.75 9.97 -25.43
CA VAL B 106 -27.87 8.97 -24.37
C VAL B 106 -26.63 8.92 -23.49
N THR B 107 -25.55 9.57 -23.92
CA THR B 107 -24.33 9.63 -23.11
C THR B 107 -24.38 10.80 -22.12
N PRO B 108 -23.56 10.76 -21.04
CA PRO B 108 -23.60 11.91 -20.11
C PRO B 108 -23.15 13.21 -20.77
N ALA B 109 -23.34 14.32 -20.09
CA ALA B 109 -22.92 15.61 -20.62
C ALA B 109 -21.41 15.65 -20.85
N GLY B 110 -21.01 16.31 -21.93
CA GLY B 110 -19.59 16.50 -22.19
C GLY B 110 -19.05 15.49 -23.18
N PHE B 111 -19.84 14.46 -23.46
CA PHE B 111 -19.42 13.49 -24.48
C PHE B 111 -20.17 13.67 -25.77
N ASP B 112 -19.70 14.63 -26.55
CA ASP B 112 -20.31 14.94 -27.82
C ASP B 112 -19.52 14.40 -29.00
N ARG B 113 -18.19 14.30 -28.85
CA ARG B 113 -17.33 13.79 -29.90
C ARG B 113 -17.08 12.28 -29.76
N VAL B 114 -17.34 11.56 -30.84
CA VAL B 114 -17.18 10.11 -30.91
CA VAL B 114 -17.14 10.11 -30.90
C VAL B 114 -16.28 9.70 -32.09
N PHE B 115 -15.36 8.78 -31.83
CA PHE B 115 -14.47 8.18 -32.84
C PHE B 115 -14.90 6.73 -32.96
N TYR B 116 -15.17 6.30 -34.19
CA TYR B 116 -15.66 4.94 -34.44
C TYR B 116 -14.61 3.98 -34.84
N THR B 117 -14.86 2.72 -34.49
CA THR B 117 -13.96 1.63 -34.74
C THR B 117 -14.89 0.45 -35.07
N ASN B 118 -14.27 -0.72 -35.22
CA ASN B 118 -14.96 -1.95 -35.58
C ASN B 118 -15.12 -2.85 -34.38
N SER B 119 -14.36 -2.59 -33.32
CA SER B 119 -14.31 -3.56 -32.23
C SER B 119 -13.94 -2.84 -30.93
N GLY B 120 -14.18 -3.49 -29.79
CA GLY B 120 -13.70 -2.95 -28.51
C GLY B 120 -12.19 -2.84 -28.46
N SER B 121 -11.50 -3.77 -29.12
CA SER B 121 -10.06 -3.81 -29.11
C SER B 121 -9.49 -2.64 -29.87
N GLU B 122 -10.05 -2.39 -31.05
CA GLU B 122 -9.63 -1.20 -31.79
C GLU B 122 -9.94 0.06 -30.97
N SER B 123 -11.07 0.11 -30.25
CA SER B 123 -11.41 1.31 -29.42
C SER B 123 -10.32 1.53 -28.36
N VAL B 124 -9.90 0.45 -27.73
CA VAL B 124 -8.85 0.58 -26.74
C VAL B 124 -7.55 1.09 -27.38
N ASP B 125 -7.13 0.51 -28.51
CA ASP B 125 -5.91 1.00 -29.17
C ASP B 125 -6.04 2.49 -29.50
N THR B 126 -7.23 2.90 -29.97
CA THR B 126 -7.51 4.28 -30.38
C THR B 126 -7.36 5.15 -29.13
N MET B 127 -7.91 4.68 -28.04
CA MET B 127 -7.89 5.43 -26.82
C MET B 127 -6.45 5.62 -26.32
N ILE B 128 -5.62 4.55 -26.39
CA ILE B 128 -4.19 4.64 -26.01
C ILE B 128 -3.48 5.70 -26.82
N ARG B 129 -3.64 5.65 -28.14
CA ARG B 129 -3.05 6.67 -29.01
C ARG B 129 -3.58 8.09 -28.71
N MET B 130 -4.87 8.21 -28.39
CA MET B 130 -5.50 9.51 -28.08
C MET B 130 -4.88 10.08 -26.80
N VAL B 131 -4.72 9.23 -25.82
CA VAL B 131 -4.21 9.61 -24.50
C VAL B 131 -2.80 10.13 -24.70
N ARG B 132 -1.99 9.39 -25.43
CA ARG B 132 -0.59 9.80 -25.61
C ARG B 132 -0.47 11.04 -26.47
N ARG B 133 -1.24 11.09 -27.55
CA ARG B 133 -1.30 12.31 -28.39
C ARG B 133 -1.71 13.52 -27.57
N TYR B 134 -2.72 13.37 -26.73
CA TYR B 134 -3.17 14.46 -25.86
C TYR B 134 -1.99 15.07 -25.09
N TRP B 135 -1.15 14.23 -24.48
CA TRP B 135 -0.06 14.73 -23.64
C TRP B 135 1.01 15.33 -24.46
N ASP B 136 1.24 14.77 -25.66
CA ASP B 136 2.17 15.46 -26.58
C ASP B 136 1.68 16.87 -26.89
N VAL B 137 0.39 17.03 -27.12
CA VAL B 137 -0.19 18.35 -27.49
C VAL B 137 0.01 19.31 -26.33
N GLN B 138 -0.03 18.78 -25.10
CA GLN B 138 0.24 19.59 -23.91
C GLN B 138 1.72 19.87 -23.70
N GLY B 139 2.62 19.41 -24.58
CA GLY B 139 4.06 19.61 -24.38
C GLY B 139 4.66 18.74 -23.29
N LYS B 140 4.03 17.59 -23.06
CA LYS B 140 4.54 16.67 -22.05
C LYS B 140 4.78 15.28 -22.65
N PRO B 141 5.87 15.13 -23.42
CA PRO B 141 6.20 13.94 -24.19
C PRO B 141 6.55 12.73 -23.33
N GLU B 142 6.82 12.96 -22.03
CA GLU B 142 7.17 11.81 -21.19
CA GLU B 142 7.18 11.86 -21.13
C GLU B 142 5.95 11.25 -20.46
N LYS B 143 4.83 11.98 -20.48
CA LYS B 143 3.58 11.59 -19.85
C LYS B 143 2.80 10.59 -20.74
N LYS B 144 3.23 9.32 -20.62
CA LYS B 144 2.88 8.35 -21.65
C LYS B 144 2.48 7.02 -21.10
N THR B 145 2.75 6.77 -19.83
CA THR B 145 2.39 5.48 -19.23
C THR B 145 0.92 5.35 -18.84
N LEU B 146 0.30 4.25 -19.28
CA LEU B 146 -1.06 3.96 -18.88
C LEU B 146 -0.98 2.83 -17.90
N ILE B 147 -1.76 2.97 -16.84
CA ILE B 147 -1.85 2.03 -15.74
C ILE B 147 -3.17 1.32 -15.84
N GLY B 148 -3.10 0.00 -15.83
CA GLY B 148 -4.33 -0.81 -15.79
C GLY B 148 -4.15 -1.71 -14.60
N ARG B 149 -4.82 -2.86 -14.61
CA ARG B 149 -4.77 -3.76 -13.44
C ARG B 149 -4.57 -5.20 -13.84
N TRP B 150 -3.97 -5.97 -12.94
CA TRP B 150 -3.90 -7.43 -13.04
C TRP B 150 -5.29 -7.97 -13.09
N ASN B 151 -5.53 -8.86 -14.05
CA ASN B 151 -6.86 -9.43 -14.26
C ASN B 151 -7.88 -8.45 -14.91
N GLY B 152 -7.44 -7.28 -15.34
CA GLY B 152 -8.28 -6.47 -16.21
C GLY B 152 -8.16 -6.98 -17.64
N TYR B 153 -9.16 -6.65 -18.45
CA TYR B 153 -9.19 -7.07 -19.83
C TYR B 153 -9.59 -5.89 -20.70
N HIS B 154 -8.74 -5.59 -21.69
CA HIS B 154 -8.95 -4.42 -22.57
C HIS B 154 -8.72 -4.77 -24.01
N GLY B 155 -8.99 -6.04 -24.32
CA GLY B 155 -9.03 -6.47 -25.71
C GLY B 155 -7.81 -7.25 -26.10
N SER B 156 -7.69 -7.42 -27.42
CA SER B 156 -6.78 -8.37 -28.00
C SER B 156 -5.82 -7.82 -29.03
N THR B 157 -5.83 -6.51 -29.22
CA THR B 157 -4.78 -5.86 -30.00
C THR B 157 -3.52 -5.96 -29.15
N ILE B 158 -2.35 -5.81 -29.78
CA ILE B 158 -1.11 -5.65 -29.03
C ILE B 158 -1.21 -4.59 -27.91
N GLY B 159 -1.78 -3.44 -28.22
CA GLY B 159 -2.00 -2.37 -27.24
C GLY B 159 -2.95 -2.76 -26.11
N GLY B 160 -4.16 -3.19 -26.45
CA GLY B 160 -5.13 -3.64 -25.44
C GLY B 160 -4.67 -4.84 -24.62
N ALA B 161 -3.99 -5.78 -25.25
CA ALA B 161 -3.47 -6.92 -24.52
C ALA B 161 -2.39 -6.53 -23.50
N SER B 162 -1.62 -5.49 -23.82
CA SER B 162 -0.62 -4.95 -22.94
C SER B 162 -1.18 -4.16 -21.75
N LEU B 163 -2.25 -3.43 -22.02
CA LEU B 163 -2.95 -2.66 -21.01
C LEU B 163 -3.74 -3.59 -20.13
N GLY B 164 -4.27 -4.64 -20.75
CA GLY B 164 -4.88 -5.72 -19.99
C GLY B 164 -3.88 -6.33 -19.02
N GLY B 165 -4.39 -7.00 -18.00
CA GLY B 165 -3.55 -7.61 -17.03
C GLY B 165 -3.69 -9.12 -17.02
N MET B 166 -3.85 -9.72 -18.20
CA MET B 166 -3.90 -11.18 -18.27
C MET B 166 -2.51 -11.70 -18.64
N LYS B 167 -1.84 -12.38 -17.70
CA LYS B 167 -0.52 -12.89 -17.95
CA LYS B 167 -0.50 -12.89 -17.95
C LYS B 167 -0.49 -13.85 -19.13
N TYR B 168 -1.52 -14.68 -19.26
CA TYR B 168 -1.60 -15.64 -20.36
C TYR B 168 -1.56 -14.96 -21.72
N MET B 169 -1.96 -13.69 -21.77
CA MET B 169 -1.89 -12.94 -23.02
C MET B 169 -0.56 -12.24 -23.17
N HIS B 170 0.00 -11.77 -22.06
CA HIS B 170 1.29 -11.11 -22.10
C HIS B 170 2.39 -11.99 -22.62
N GLU B 171 2.31 -13.28 -22.26
CA GLU B 171 3.26 -14.31 -22.64
C GLU B 171 3.25 -14.63 -24.14
N GLN B 172 2.26 -14.12 -24.87
CA GLN B 172 2.21 -14.35 -26.32
C GLN B 172 2.22 -13.00 -27.03
N GLY B 173 3.38 -12.61 -27.55
CA GLY B 173 3.51 -11.35 -28.29
C GLY B 173 4.63 -10.45 -27.79
N ASP B 174 5.30 -10.87 -26.72
CA ASP B 174 6.34 -10.05 -26.03
C ASP B 174 5.70 -8.80 -25.43
N LEU B 175 4.64 -9.04 -24.67
CA LEU B 175 3.82 -7.99 -24.05
C LEU B 175 4.09 -7.90 -22.54
N PRO B 176 3.82 -6.75 -21.89
CA PRO B 176 3.33 -5.52 -22.52
C PRO B 176 4.37 -4.67 -23.21
N ILE B 177 3.86 -3.86 -24.14
CA ILE B 177 4.63 -2.85 -24.82
C ILE B 177 5.02 -1.78 -23.80
N PRO B 178 6.01 -0.95 -24.14
CA PRO B 178 6.44 -0.02 -23.13
C PRO B 178 5.36 1.00 -22.74
N GLY B 179 5.54 1.59 -21.56
CA GLY B 179 4.60 2.64 -21.11
C GLY B 179 3.28 2.10 -20.62
N MET B 180 3.35 0.88 -20.07
CA MET B 180 2.20 0.25 -19.47
C MET B 180 2.64 -0.11 -18.05
N ALA B 181 1.72 -0.03 -17.10
CA ALA B 181 1.98 -0.55 -15.78
C ALA B 181 0.68 -1.11 -15.22
N HIS B 182 0.80 -1.89 -14.14
CA HIS B 182 -0.38 -2.57 -13.58
C HIS B 182 -0.40 -2.58 -12.10
N ILE B 183 -1.61 -2.47 -11.54
CA ILE B 183 -1.79 -2.54 -10.11
C ILE B 183 -2.73 -3.71 -9.85
N GLU B 184 -2.69 -4.18 -8.62
CA GLU B 184 -3.60 -5.25 -8.21
C GLU B 184 -5.05 -4.86 -8.32
N GLN B 185 -5.89 -5.86 -8.54
CA GLN B 185 -7.31 -5.70 -8.73
C GLN B 185 -8.09 -5.62 -7.39
N PRO B 186 -9.20 -4.86 -7.37
CA PRO B 186 -9.97 -4.67 -6.14
C PRO B 186 -10.89 -5.86 -5.84
N TRP B 187 -10.25 -7.01 -5.63
CA TRP B 187 -10.94 -8.27 -5.33
C TRP B 187 -10.83 -8.54 -3.83
N TRP B 188 -11.90 -8.17 -3.12
CA TRP B 188 -11.92 -8.17 -1.67
C TRP B 188 -11.78 -9.58 -1.14
N TYR B 189 -12.46 -10.53 -1.80
CA TYR B 189 -12.42 -11.91 -1.32
C TYR B 189 -10.99 -12.41 -1.14
N LYS B 190 -10.13 -12.11 -2.12
CA LYS B 190 -8.75 -12.53 -2.08
C LYS B 190 -7.86 -11.60 -1.22
N HIS B 191 -8.05 -10.30 -1.37
CA HIS B 191 -7.07 -9.31 -0.90
C HIS B 191 -7.52 -8.50 0.30
N GLY B 192 -8.74 -8.76 0.76
CA GLY B 192 -9.39 -7.91 1.76
C GLY B 192 -8.87 -8.05 3.16
N LYS B 193 -8.18 -9.15 3.41
CA LYS B 193 -7.59 -9.41 4.72
CA LYS B 193 -7.60 -9.45 4.72
C LYS B 193 -8.72 -9.30 5.78
N ASP B 194 -8.52 -8.47 6.81
CA ASP B 194 -9.56 -8.31 7.84
C ASP B 194 -10.26 -6.97 7.75
N MET B 195 -10.19 -6.33 6.57
CA MET B 195 -10.90 -5.09 6.33
C MET B 195 -12.33 -5.36 5.89
N THR B 196 -13.19 -4.37 6.11
CA THR B 196 -14.52 -4.32 5.45
C THR B 196 -14.31 -4.06 3.96
N PRO B 197 -15.27 -4.46 3.10
CA PRO B 197 -15.15 -4.11 1.69
C PRO B 197 -14.91 -2.63 1.48
N ASP B 198 -15.65 -1.79 2.22
CA ASP B 198 -15.46 -0.33 2.07
C ASP B 198 -14.06 0.18 2.48
N GLU B 199 -13.48 -0.40 3.53
CA GLU B 199 -12.10 -0.02 3.96
C GLU B 199 -11.15 -0.45 2.85
N PHE B 200 -11.35 -1.68 2.39
CA PHE B 200 -10.59 -2.27 1.33
C PHE B 200 -10.65 -1.49 0.00
N GLY B 201 -11.81 -0.96 -0.35
CA GLY B 201 -11.96 -0.13 -1.58
C GLY B 201 -10.98 1.04 -1.54
N VAL B 202 -10.85 1.69 -0.38
CA VAL B 202 -9.87 2.77 -0.29
C VAL B 202 -8.43 2.30 -0.47
N VAL B 203 -8.08 1.21 0.23
CA VAL B 203 -6.76 0.60 0.11
C VAL B 203 -6.45 0.23 -1.34
N ALA B 204 -7.38 -0.46 -1.98
CA ALA B 204 -7.18 -0.91 -3.35
C ALA B 204 -7.11 0.25 -4.36
N ALA B 205 -7.88 1.31 -4.12
CA ALA B 205 -7.79 2.52 -4.95
C ALA B 205 -6.41 3.19 -4.75
N ARG B 206 -5.96 3.30 -3.48
CA ARG B 206 -4.65 3.95 -3.23
C ARG B 206 -3.46 3.14 -3.76
N TRP B 207 -3.61 1.85 -4.09
CA TRP B 207 -2.58 1.18 -4.89
C TRP B 207 -2.23 1.94 -6.17
N LEU B 208 -3.22 2.66 -6.71
CA LEU B 208 -2.96 3.50 -7.88
C LEU B 208 -2.04 4.68 -7.54
N GLU B 209 -2.36 5.32 -6.41
CA GLU B 209 -1.50 6.41 -5.87
C GLU B 209 -0.09 5.96 -5.63
N GLU B 210 0.07 4.81 -4.96
CA GLU B 210 1.42 4.36 -4.69
CA GLU B 210 1.37 4.12 -4.72
C GLU B 210 2.17 3.96 -6.01
N LYS B 211 1.50 3.40 -7.00
CA LYS B 211 2.10 3.14 -8.29
C LYS B 211 2.52 4.42 -8.97
N ILE B 212 1.63 5.40 -9.02
CA ILE B 212 1.93 6.69 -9.63
C ILE B 212 3.19 7.26 -8.99
N LEU B 213 3.29 7.20 -7.66
CA LEU B 213 4.46 7.82 -6.98
C LEU B 213 5.71 6.99 -7.17
N GLU B 214 5.55 5.68 -7.36
CA GLU B 214 6.67 4.82 -7.71
CA GLU B 214 6.68 4.81 -7.72
C GLU B 214 7.23 5.18 -9.09
N ILE B 215 6.34 5.31 -10.08
CA ILE B 215 6.71 5.62 -11.46
C ILE B 215 7.16 7.07 -11.62
N GLY B 216 6.43 7.97 -10.98
CA GLY B 216 6.64 9.40 -11.15
C GLY B 216 5.43 9.88 -11.88
N ALA B 217 4.67 10.76 -11.24
CA ALA B 217 3.43 11.24 -11.83
C ALA B 217 3.65 11.90 -13.20
N ASP B 218 4.81 12.52 -13.40
CA ASP B 218 5.07 13.17 -14.68
CA ASP B 218 5.18 13.17 -14.65
C ASP B 218 5.23 12.21 -15.85
N LYS B 219 5.24 10.91 -15.55
CA LYS B 219 5.39 9.89 -16.58
CA LYS B 219 5.38 9.89 -16.58
C LYS B 219 4.06 9.15 -16.82
N VAL B 220 3.09 9.40 -15.95
CA VAL B 220 1.79 8.70 -16.04
C VAL B 220 0.74 9.51 -16.82
N ALA B 221 0.27 8.91 -17.91
CA ALA B 221 -0.77 9.53 -18.79
C ALA B 221 -2.21 9.29 -18.31
N ALA B 222 -2.48 8.08 -17.82
CA ALA B 222 -3.88 7.65 -17.67
C ALA B 222 -3.96 6.42 -16.80
N PHE B 223 -5.10 6.26 -16.13
CA PHE B 223 -5.46 5.00 -15.49
C PHE B 223 -6.69 4.56 -16.24
N VAL B 224 -6.74 3.27 -16.53
CA VAL B 224 -7.84 2.71 -17.30
C VAL B 224 -8.41 1.50 -16.53
N GLY B 225 -9.73 1.41 -16.49
CA GLY B 225 -10.39 0.26 -15.81
C GLY B 225 -11.80 0.06 -16.29
N GLU B 226 -12.15 -1.21 -16.34
CA GLU B 226 -13.52 -1.64 -16.46
C GLU B 226 -14.25 -1.30 -15.15
N PRO B 227 -15.42 -0.64 -15.24
CA PRO B 227 -16.15 -0.30 -13.99
C PRO B 227 -16.35 -1.55 -13.12
N ILE B 228 -16.82 -2.61 -13.77
CA ILE B 228 -16.74 -3.97 -13.23
C ILE B 228 -15.90 -4.78 -14.19
N GLN B 229 -14.94 -5.54 -13.68
CA GLN B 229 -14.01 -6.38 -14.51
C GLN B 229 -14.88 -7.51 -15.04
N GLY B 230 -14.93 -7.64 -16.36
CA GLY B 230 -15.82 -8.63 -16.99
C GLY B 230 -15.15 -9.98 -17.13
N ALA B 231 -14.25 -10.08 -18.11
CA ALA B 231 -13.48 -11.30 -18.35
C ALA B 231 -12.72 -11.88 -17.15
N GLY B 232 -12.34 -11.01 -16.18
CA GLY B 232 -11.64 -11.36 -14.96
C GLY B 232 -12.57 -12.03 -13.96
N GLY B 233 -13.88 -11.97 -14.23
CA GLY B 233 -14.85 -12.73 -13.40
C GLY B 233 -15.88 -11.92 -12.61
N VAL B 234 -16.32 -10.81 -13.22
CA VAL B 234 -17.32 -9.93 -12.63
C VAL B 234 -16.83 -9.49 -11.24
N ILE B 235 -15.63 -8.93 -11.19
CA ILE B 235 -15.10 -8.39 -9.97
C ILE B 235 -15.72 -7.01 -9.79
N VAL B 236 -16.49 -6.88 -8.69
CA VAL B 236 -17.32 -5.74 -8.38
C VAL B 236 -16.60 -5.03 -7.26
N PRO B 237 -16.07 -3.87 -7.59
CA PRO B 237 -15.33 -3.22 -6.58
C PRO B 237 -16.23 -2.60 -5.51
N PRO B 238 -15.67 -2.36 -4.31
CA PRO B 238 -16.46 -1.76 -3.24
C PRO B 238 -16.89 -0.33 -3.63
N ALA B 239 -17.97 0.16 -3.01
CA ALA B 239 -18.50 1.47 -3.30
C ALA B 239 -17.49 2.61 -3.15
N THR B 240 -16.54 2.46 -2.22
CA THR B 240 -15.50 3.47 -1.96
C THR B 240 -14.39 3.52 -3.03
N TYR B 241 -14.34 2.53 -3.91
CA TYR B 241 -13.21 2.40 -4.82
C TYR B 241 -13.11 3.49 -5.88
N TRP B 242 -14.10 3.58 -6.76
CA TRP B 242 -14.09 4.50 -7.89
C TRP B 242 -13.99 5.97 -7.48
N PRO B 243 -14.68 6.38 -6.40
CA PRO B 243 -14.53 7.79 -6.07
C PRO B 243 -13.10 8.07 -5.65
N GLU B 244 -12.44 7.08 -5.05
CA GLU B 244 -11.03 7.30 -4.62
C GLU B 244 -10.05 7.26 -5.80
N ILE B 245 -10.31 6.36 -6.75
CA ILE B 245 -9.53 6.32 -8.02
C ILE B 245 -9.63 7.67 -8.71
N GLU B 246 -10.85 8.20 -8.76
CA GLU B 246 -11.11 9.50 -9.42
C GLU B 246 -10.34 10.61 -8.68
N ARG B 247 -10.45 10.65 -7.35
CA ARG B 247 -9.68 11.63 -6.54
C ARG B 247 -8.19 11.58 -6.85
N ILE B 248 -7.63 10.37 -6.90
CA ILE B 248 -6.22 10.18 -7.13
C ILE B 248 -5.81 10.64 -8.53
N CYS B 249 -6.65 10.37 -9.53
CA CYS B 249 -6.34 10.74 -10.91
C CYS B 249 -6.33 12.27 -11.00
N ARG B 250 -7.27 12.90 -10.31
CA ARG B 250 -7.31 14.36 -10.35
CA ARG B 250 -7.33 14.36 -10.30
C ARG B 250 -6.12 14.97 -9.58
N LYS B 251 -5.75 14.40 -8.44
CA LYS B 251 -4.57 14.81 -7.68
C LYS B 251 -3.28 14.84 -8.51
N TYR B 252 -3.09 13.83 -9.36
CA TYR B 252 -1.87 13.70 -10.09
C TYR B 252 -1.94 14.11 -11.55
N ASP B 253 -3.06 14.67 -11.98
CA ASP B 253 -3.28 15.10 -13.36
C ASP B 253 -3.06 13.90 -14.30
N VAL B 254 -3.80 12.84 -14.00
CA VAL B 254 -3.78 11.58 -14.77
C VAL B 254 -5.18 11.44 -15.35
N LEU B 255 -5.25 11.09 -16.65
CA LEU B 255 -6.52 10.95 -17.29
C LEU B 255 -7.21 9.69 -16.76
N LEU B 256 -8.52 9.77 -16.64
CA LEU B 256 -9.34 8.66 -16.15
C LEU B 256 -10.19 8.06 -17.26
N VAL B 257 -9.96 6.77 -17.53
CA VAL B 257 -10.60 6.13 -18.67
C VAL B 257 -11.40 4.90 -18.21
N ALA B 258 -12.70 4.86 -18.53
CA ALA B 258 -13.59 3.71 -18.24
C ALA B 258 -13.60 2.88 -19.48
N ASP B 259 -13.40 1.59 -19.30
CA ASP B 259 -13.60 0.67 -20.40
C ASP B 259 -15.01 0.11 -20.26
N GLU B 260 -15.89 0.57 -21.13
CA GLU B 260 -17.33 0.31 -20.97
C GLU B 260 -17.78 -0.73 -21.95
N VAL B 261 -16.82 -1.45 -22.51
CA VAL B 261 -17.17 -2.36 -23.61
C VAL B 261 -18.20 -3.37 -23.09
N ILE B 262 -18.01 -3.90 -21.88
CA ILE B 262 -19.07 -4.76 -21.30
C ILE B 262 -20.19 -3.99 -20.58
N CYS B 263 -19.79 -3.09 -19.70
CA CYS B 263 -20.78 -2.43 -18.83
C CYS B 263 -21.65 -1.44 -19.58
N GLY B 264 -21.26 -1.06 -20.79
CA GLY B 264 -22.01 -0.07 -21.53
C GLY B 264 -23.34 -0.53 -22.09
N PHE B 265 -24.19 0.43 -22.39
CA PHE B 265 -25.49 0.15 -23.00
C PHE B 265 -26.38 -0.73 -22.14
N GLY B 266 -26.36 -0.41 -20.84
CA GLY B 266 -27.42 -0.79 -19.91
C GLY B 266 -27.20 -1.96 -19.01
N ARG B 267 -26.03 -2.60 -19.14
CA ARG B 267 -25.65 -3.83 -18.40
C ARG B 267 -25.83 -3.68 -16.89
N THR B 268 -25.43 -2.54 -16.31
CA THR B 268 -25.62 -2.35 -14.87
C THR B 268 -26.97 -1.73 -14.49
N GLY B 269 -27.77 -1.35 -15.48
CA GLY B 269 -29.02 -0.60 -15.24
C GLY B 269 -28.88 0.89 -15.51
N GLU B 270 -27.66 1.40 -15.43
CA GLU B 270 -27.38 2.69 -16.01
C GLU B 270 -26.99 2.51 -17.47
N TRP B 271 -26.93 3.59 -18.22
CA TRP B 271 -26.38 3.47 -19.57
C TRP B 271 -24.97 2.99 -19.57
N PHE B 272 -24.17 3.46 -18.60
CA PHE B 272 -22.77 3.16 -18.52
C PHE B 272 -22.36 2.80 -17.11
N GLY B 273 -21.45 1.83 -17.01
CA GLY B 273 -20.97 1.40 -15.70
C GLY B 273 -20.46 2.56 -14.86
N HIS B 274 -19.77 3.52 -15.50
CA HIS B 274 -19.21 4.61 -14.67
C HIS B 274 -20.26 5.44 -13.98
N GLN B 275 -21.46 5.51 -14.57
CA GLN B 275 -22.60 6.19 -13.93
C GLN B 275 -23.09 5.42 -12.70
N HIS B 276 -23.07 4.08 -12.79
CA HIS B 276 -23.46 3.34 -11.61
C HIS B 276 -22.54 3.60 -10.42
N PHE B 277 -21.23 3.54 -10.68
CA PHE B 277 -20.25 3.66 -9.65
C PHE B 277 -19.93 5.12 -9.38
N GLY B 278 -20.54 6.02 -10.14
CA GLY B 278 -20.44 7.45 -9.83
C GLY B 278 -19.06 8.09 -9.98
N PHE B 279 -18.41 7.78 -11.10
CA PHE B 279 -17.21 8.54 -11.54
C PHE B 279 -17.34 9.15 -12.93
N GLN B 280 -16.48 10.12 -13.21
CA GLN B 280 -16.60 10.92 -14.42
C GLN B 280 -15.32 10.82 -15.25
N PRO B 281 -15.25 9.84 -16.15
CA PRO B 281 -14.05 9.62 -16.91
C PRO B 281 -13.85 10.65 -17.99
N ASP B 282 -12.61 10.84 -18.37
CA ASP B 282 -12.21 11.73 -19.45
C ASP B 282 -12.48 11.15 -20.83
N LEU B 283 -12.49 9.81 -20.91
CA LEU B 283 -12.83 9.09 -22.15
C LEU B 283 -13.39 7.78 -21.74
N PHE B 284 -14.21 7.16 -22.60
CA PHE B 284 -14.58 5.80 -22.35
C PHE B 284 -14.72 5.05 -23.66
N THR B 285 -14.43 3.74 -23.61
CA THR B 285 -14.44 2.87 -24.78
C THR B 285 -15.67 2.00 -24.77
N ALA B 286 -16.20 1.77 -25.97
CA ALA B 286 -17.43 1.00 -26.09
C ALA B 286 -17.40 0.05 -27.28
N ALA B 287 -18.31 -0.92 -27.26
CA ALA B 287 -18.58 -1.82 -28.39
C ALA B 287 -19.68 -2.73 -27.91
N LYS B 288 -19.58 -4.03 -28.22
CA LYS B 288 -20.54 -5.02 -27.67
C LYS B 288 -22.00 -4.55 -27.79
N GLY B 289 -22.59 -4.11 -26.68
CA GLY B 289 -23.97 -3.74 -26.58
C GLY B 289 -24.31 -2.54 -27.46
N LEU B 290 -23.30 -1.84 -27.99
CA LEU B 290 -23.55 -0.70 -28.89
C LEU B 290 -24.48 -1.08 -30.05
N SER B 291 -24.30 -2.27 -30.57
CA SER B 291 -25.15 -2.74 -31.67
C SER B 291 -25.80 -4.03 -31.22
N SER B 292 -25.76 -4.32 -29.92
CA SER B 292 -26.14 -5.67 -29.42
C SER B 292 -25.45 -6.83 -30.15
N GLY B 293 -24.24 -6.58 -30.68
CA GLY B 293 -23.51 -7.62 -31.40
C GLY B 293 -24.05 -7.93 -32.78
N TYR B 294 -25.12 -7.24 -33.17
CA TYR B 294 -25.75 -7.49 -34.49
C TYR B 294 -24.87 -7.18 -35.71
N LEU B 295 -23.97 -6.19 -35.59
CA LEU B 295 -22.89 -5.93 -36.59
C LEU B 295 -21.69 -5.38 -35.78
N PRO B 296 -20.47 -5.63 -36.25
CA PRO B 296 -19.25 -5.07 -35.58
C PRO B 296 -19.15 -3.54 -35.61
N ILE B 297 -19.10 -2.91 -34.44
CA ILE B 297 -18.85 -1.43 -34.30
C ILE B 297 -18.43 -1.17 -32.87
N GLY B 298 -17.45 -0.27 -32.73
CA GLY B 298 -17.02 0.15 -31.41
C GLY B 298 -16.85 1.66 -31.47
N ALA B 299 -16.58 2.29 -30.33
CA ALA B 299 -16.38 3.74 -30.32
C ALA B 299 -15.53 4.15 -29.14
N VAL B 300 -14.89 5.31 -29.29
CA VAL B 300 -14.30 6.01 -28.15
C VAL B 300 -15.11 7.27 -27.96
N PHE B 301 -15.61 7.46 -26.74
CA PHE B 301 -16.41 8.62 -26.38
C PHE B 301 -15.40 9.54 -25.75
N VAL B 302 -15.23 10.72 -26.34
CA VAL B 302 -14.13 11.58 -25.91
C VAL B 302 -14.73 12.83 -25.24
N GLY B 303 -14.40 13.03 -23.97
CA GLY B 303 -14.93 14.14 -23.17
C GLY B 303 -14.32 15.43 -23.69
N LYS B 304 -14.76 16.55 -23.10
CA LYS B 304 -14.41 17.85 -23.64
CA LYS B 304 -14.42 17.88 -23.61
C LYS B 304 -12.93 18.18 -23.52
N ARG B 305 -12.33 17.89 -22.37
CA ARG B 305 -10.94 18.21 -22.16
C ARG B 305 -10.10 17.56 -23.24
N VAL B 306 -10.26 16.25 -23.43
CA VAL B 306 -9.41 15.55 -24.34
C VAL B 306 -9.73 15.85 -25.80
N ALA B 307 -11.01 16.01 -26.10
CA ALA B 307 -11.45 16.34 -27.44
C ALA B 307 -10.83 17.67 -27.88
N GLU B 308 -10.83 18.64 -26.97
CA GLU B 308 -10.26 19.96 -27.27
CA GLU B 308 -10.25 19.96 -27.27
C GLU B 308 -8.76 19.82 -27.53
N GLY B 309 -8.08 19.06 -26.69
CA GLY B 309 -6.67 18.78 -26.90
C GLY B 309 -6.35 18.12 -28.24
N LEU B 310 -7.16 17.13 -28.62
CA LEU B 310 -6.96 16.43 -29.89
C LEU B 310 -7.23 17.37 -31.08
N ILE B 311 -8.33 18.13 -31.03
CA ILE B 311 -8.69 19.13 -32.08
C ILE B 311 -7.64 20.23 -32.22
N ALA B 312 -6.95 20.53 -31.13
CA ALA B 312 -5.85 21.49 -31.15
C ALA B 312 -4.58 20.87 -31.77
N GLY B 313 -4.57 19.55 -31.93
CA GLY B 313 -3.38 18.84 -32.39
C GLY B 313 -3.33 18.57 -33.88
N GLY B 314 -4.16 19.27 -34.65
CA GLY B 314 -4.22 19.09 -36.10
C GLY B 314 -4.64 17.70 -36.50
N ASP B 315 -3.85 17.09 -37.39
CA ASP B 315 -4.17 15.76 -37.89
CA ASP B 315 -4.13 15.76 -37.90
C ASP B 315 -4.01 14.69 -36.80
N PHE B 316 -4.96 13.78 -36.75
CA PHE B 316 -4.88 12.61 -35.85
C PHE B 316 -4.68 11.44 -36.78
N ASN B 317 -3.44 10.94 -36.85
CA ASN B 317 -3.07 9.93 -37.85
C ASN B 317 -3.42 8.51 -37.41
N HIS B 318 -4.73 8.25 -37.43
CA HIS B 318 -5.32 7.05 -36.91
C HIS B 318 -6.66 6.78 -37.51
N GLY B 319 -6.98 5.49 -37.65
CA GLY B 319 -8.32 5.09 -38.09
C GLY B 319 -8.38 3.80 -38.88
N PHE B 320 -9.61 3.35 -39.13
CA PHE B 320 -9.80 2.07 -39.81
C PHE B 320 -10.70 2.31 -41.00
N THR B 321 -10.43 1.58 -42.08
CA THR B 321 -11.18 1.68 -43.34
C THR B 321 -12.68 1.71 -43.05
N TYR B 322 -13.10 0.78 -42.20
CA TYR B 322 -14.50 0.56 -41.88
C TYR B 322 -15.02 1.40 -40.72
N SER B 323 -14.20 2.35 -40.26
CA SER B 323 -14.66 3.30 -39.24
C SER B 323 -15.90 4.05 -39.71
N GLY B 324 -16.95 4.00 -38.89
CA GLY B 324 -18.20 4.70 -39.20
C GLY B 324 -19.04 3.97 -40.23
N HIS B 325 -18.76 2.68 -40.45
CA HIS B 325 -19.36 1.96 -41.55
C HIS B 325 -20.84 2.22 -41.54
N PRO B 326 -21.41 2.66 -42.68
CA PRO B 326 -22.82 3.07 -42.68
C PRO B 326 -23.84 2.02 -42.19
N VAL B 327 -23.66 0.79 -42.63
CA VAL B 327 -24.60 -0.30 -42.32
C VAL B 327 -24.48 -0.65 -40.83
N CYS B 328 -23.26 -0.72 -40.33
CA CYS B 328 -23.08 -0.98 -38.90
C CYS B 328 -23.64 0.16 -38.08
N ALA B 329 -23.45 1.40 -38.57
CA ALA B 329 -24.05 2.56 -37.92
C ALA B 329 -25.57 2.53 -37.90
N ALA B 330 -26.17 2.10 -39.01
CA ALA B 330 -27.61 1.99 -39.10
C ALA B 330 -28.15 1.01 -38.06
N VAL B 331 -27.47 -0.12 -37.90
CA VAL B 331 -27.89 -1.13 -36.93
C VAL B 331 -27.67 -0.65 -35.50
N ALA B 332 -26.49 -0.08 -35.21
CA ALA B 332 -26.29 0.58 -33.91
C ALA B 332 -27.36 1.62 -33.57
N HIS B 333 -27.71 2.46 -34.53
CA HIS B 333 -28.77 3.44 -34.31
C HIS B 333 -30.08 2.80 -33.89
N ALA B 334 -30.49 1.78 -34.63
CA ALA B 334 -31.69 0.99 -34.35
C ALA B 334 -31.62 0.38 -32.96
N ASN B 335 -30.44 -0.13 -32.62
CA ASN B 335 -30.25 -0.72 -31.32
C ASN B 335 -30.34 0.26 -30.14
N VAL B 336 -29.54 1.33 -30.22
CA VAL B 336 -29.55 2.37 -29.22
C VAL B 336 -30.94 3.02 -29.08
N ALA B 337 -31.63 3.31 -30.19
CA ALA B 337 -32.96 3.89 -30.09
C ALA B 337 -33.92 2.92 -29.40
N ALA B 338 -33.78 1.61 -29.68
CA ALA B 338 -34.60 0.57 -29.04
C ALA B 338 -34.31 0.48 -27.54
N LEU B 339 -33.03 0.53 -27.16
CA LEU B 339 -32.68 0.48 -25.75
C LEU B 339 -33.34 1.63 -25.02
N ARG B 340 -33.35 2.81 -25.64
CA ARG B 340 -34.08 3.93 -25.02
C ARG B 340 -35.60 3.79 -25.14
N ASP B 341 -36.09 3.74 -26.37
CA ASP B 341 -37.53 3.91 -26.63
C ASP B 341 -38.39 2.77 -26.11
N GLU B 342 -37.85 1.57 -26.06
CA GLU B 342 -38.60 0.45 -25.50
C GLU B 342 -38.40 0.34 -23.99
N GLY B 343 -37.71 1.31 -23.38
CA GLY B 343 -37.50 1.29 -21.92
C GLY B 343 -36.65 0.14 -21.41
N ILE B 344 -35.84 -0.47 -22.27
CA ILE B 344 -35.02 -1.63 -21.87
C ILE B 344 -34.00 -1.27 -20.78
N VAL B 345 -33.30 -0.14 -20.92
CA VAL B 345 -32.30 0.20 -19.91
C VAL B 345 -32.99 0.56 -18.58
N GLN B 346 -34.04 1.36 -18.69
CA GLN B 346 -34.81 1.78 -17.53
C GLN B 346 -35.35 0.55 -16.80
N ARG B 347 -35.78 -0.45 -17.59
CA ARG B 347 -36.28 -1.70 -17.02
C ARG B 347 -35.22 -2.50 -16.29
N VAL B 348 -33.99 -2.46 -16.78
CA VAL B 348 -32.95 -3.09 -15.98
C VAL B 348 -32.81 -2.39 -14.64
N LYS B 349 -32.73 -1.05 -14.64
CA LYS B 349 -32.59 -0.31 -13.41
C LYS B 349 -33.70 -0.57 -12.40
N ASP B 350 -34.96 -0.52 -12.85
CA ASP B 350 -36.13 -0.40 -11.97
CA ASP B 350 -36.04 -0.43 -11.86
C ASP B 350 -36.90 -1.69 -11.72
N ASP B 351 -36.65 -2.69 -12.56
CA ASP B 351 -37.52 -3.85 -12.56
C ASP B 351 -36.74 -5.17 -12.62
N ILE B 352 -36.23 -5.54 -13.82
CA ILE B 352 -35.59 -6.87 -13.93
CA ILE B 352 -35.59 -6.85 -13.96
C ILE B 352 -34.23 -6.93 -13.24
N GLY B 353 -33.49 -5.81 -13.18
CA GLY B 353 -32.23 -5.88 -12.44
C GLY B 353 -32.38 -6.24 -10.96
N PRO B 354 -33.19 -5.46 -10.22
CA PRO B 354 -33.36 -5.82 -8.82
C PRO B 354 -33.97 -7.22 -8.65
N TYR B 355 -34.85 -7.63 -9.57
CA TYR B 355 -35.37 -9.01 -9.49
C TYR B 355 -34.29 -10.07 -9.63
N MET B 356 -33.51 -9.96 -10.72
CA MET B 356 -32.38 -10.85 -10.95
C MET B 356 -31.43 -10.87 -9.73
N GLN B 357 -31.03 -9.69 -9.24
CA GLN B 357 -30.05 -9.66 -8.14
C GLN B 357 -30.56 -10.37 -6.88
N LYS B 358 -31.83 -10.15 -6.58
CA LYS B 358 -32.50 -10.75 -5.44
C LYS B 358 -32.56 -12.26 -5.63
N ARG B 359 -33.17 -12.69 -6.73
CA ARG B 359 -33.19 -14.12 -7.08
C ARG B 359 -31.81 -14.78 -7.13
N TRP B 360 -30.85 -14.08 -7.70
CA TRP B 360 -29.51 -14.63 -7.78
C TRP B 360 -28.93 -14.99 -6.44
N ARG B 361 -29.04 -14.06 -5.50
CA ARG B 361 -28.49 -14.23 -4.19
C ARG B 361 -29.30 -15.26 -3.42
N GLU B 362 -30.60 -15.30 -3.63
CA GLU B 362 -31.45 -16.33 -3.00
C GLU B 362 -31.03 -17.73 -3.50
N THR B 363 -30.85 -17.86 -4.81
CA THR B 363 -30.50 -19.14 -5.46
C THR B 363 -29.22 -19.77 -4.95
N PHE B 364 -28.20 -18.95 -4.73
CA PHE B 364 -26.87 -19.51 -4.48
C PHE B 364 -26.39 -19.46 -3.03
N SER B 365 -27.20 -18.82 -2.16
CA SER B 365 -26.85 -18.66 -0.75
CA SER B 365 -26.85 -18.66 -0.75
C SER B 365 -26.50 -19.96 -0.01
N ARG B 366 -27.17 -21.06 -0.35
CA ARG B 366 -27.00 -22.29 0.45
C ARG B 366 -25.74 -23.13 0.23
N PHE B 367 -25.15 -23.09 -0.97
CA PHE B 367 -24.07 -24.01 -1.31
C PHE B 367 -22.77 -23.80 -0.55
N GLU B 368 -22.29 -24.88 0.07
CA GLU B 368 -21.04 -24.93 0.83
C GLU B 368 -19.82 -24.37 0.11
N HIS B 369 -19.75 -24.57 -1.21
CA HIS B 369 -18.59 -24.12 -1.99
C HIS B 369 -18.90 -22.98 -2.93
N VAL B 370 -19.98 -22.25 -2.64
CA VAL B 370 -20.24 -21.01 -3.40
C VAL B 370 -20.12 -19.83 -2.45
N ASP B 371 -19.34 -18.82 -2.86
CA ASP B 371 -19.23 -17.61 -2.05
C ASP B 371 -19.10 -16.36 -2.90
N ASP B 372 -19.08 -15.20 -2.24
CA ASP B 372 -18.96 -13.93 -2.93
C ASP B 372 -20.07 -13.79 -4.01
N VAL B 373 -21.28 -14.23 -3.70
CA VAL B 373 -22.41 -13.99 -4.61
C VAL B 373 -22.67 -12.50 -4.75
N ARG B 374 -22.61 -12.06 -6.00
CA ARG B 374 -22.59 -10.63 -6.30
C ARG B 374 -23.20 -10.31 -7.65
N GLY B 375 -23.40 -9.01 -7.87
CA GLY B 375 -23.87 -8.53 -9.15
C GLY B 375 -24.66 -7.24 -8.99
N VAL B 376 -24.88 -6.62 -10.14
CA VAL B 376 -25.80 -5.51 -10.23
CA VAL B 376 -25.66 -5.37 -10.28
C VAL B 376 -26.38 -5.39 -11.62
N GLY B 377 -27.64 -4.94 -11.65
CA GLY B 377 -28.36 -4.87 -12.91
C GLY B 377 -28.48 -6.26 -13.52
N MET B 378 -27.91 -6.44 -14.69
CA MET B 378 -27.97 -7.73 -15.35
C MET B 378 -26.62 -8.40 -15.55
N VAL B 379 -25.66 -8.02 -14.72
CA VAL B 379 -24.44 -8.77 -14.62
C VAL B 379 -24.30 -9.32 -13.22
N GLN B 380 -23.98 -10.61 -13.12
CA GLN B 380 -23.90 -11.24 -11.81
C GLN B 380 -22.98 -12.46 -11.85
N ALA B 381 -22.56 -12.90 -10.66
CA ALA B 381 -21.55 -13.90 -10.53
C ALA B 381 -21.49 -14.48 -9.13
N PHE B 382 -20.67 -15.52 -9.01
CA PHE B 382 -20.19 -16.03 -7.75
C PHE B 382 -18.83 -16.69 -7.94
N THR B 383 -18.26 -17.17 -6.84
CA THR B 383 -16.98 -17.84 -6.87
C THR B 383 -17.11 -19.20 -6.22
N LEU B 384 -16.59 -20.19 -6.89
CA LEU B 384 -16.47 -21.50 -6.25
C LEU B 384 -15.22 -21.50 -5.40
N VAL B 385 -15.36 -21.91 -4.12
CA VAL B 385 -14.26 -21.77 -3.16
C VAL B 385 -14.04 -23.09 -2.43
N LYS B 386 -12.82 -23.30 -1.96
CA LYS B 386 -12.47 -24.50 -1.20
C LYS B 386 -13.08 -24.50 0.22
N ASN B 387 -13.05 -23.35 0.89
CA ASN B 387 -13.56 -23.20 2.24
C ASN B 387 -13.98 -21.75 2.45
N LYS B 388 -15.28 -21.57 2.69
CA LYS B 388 -15.82 -20.22 2.83
CA LYS B 388 -15.86 -20.23 2.84
C LYS B 388 -15.27 -19.47 4.02
N ALA B 389 -15.21 -20.16 5.16
CA ALA B 389 -14.79 -19.56 6.43
C ALA B 389 -13.37 -19.01 6.38
N LYS B 390 -12.50 -19.65 5.59
CA LYS B 390 -11.14 -19.18 5.41
C LYS B 390 -10.95 -18.33 4.15
N ARG B 391 -12.04 -18.07 3.41
CA ARG B 391 -11.96 -17.41 2.09
C ARG B 391 -10.89 -18.08 1.24
N GLU B 392 -10.89 -19.41 1.28
CA GLU B 392 -9.84 -20.17 0.67
C GLU B 392 -10.28 -20.66 -0.70
N LEU B 393 -9.52 -20.26 -1.72
CA LEU B 393 -9.78 -20.68 -3.09
C LEU B 393 -9.18 -22.05 -3.36
N PHE B 394 -9.74 -22.73 -4.36
CA PHE B 394 -9.17 -23.95 -4.89
C PHE B 394 -7.80 -23.68 -5.50
N PRO B 395 -6.87 -24.65 -5.41
CA PRO B 395 -5.59 -24.53 -6.13
C PRO B 395 -5.82 -24.62 -7.63
N ASP B 396 -4.80 -24.23 -8.40
CA ASP B 396 -4.88 -24.23 -9.86
C ASP B 396 -6.14 -23.53 -10.35
N PHE B 397 -6.39 -22.33 -9.80
CA PHE B 397 -7.60 -21.55 -10.02
C PHE B 397 -8.04 -21.64 -11.48
N GLY B 398 -9.26 -22.10 -11.70
CA GLY B 398 -9.75 -22.33 -13.07
C GLY B 398 -10.20 -23.78 -13.32
N GLU B 399 -9.49 -24.74 -12.71
CA GLU B 399 -9.84 -26.16 -12.84
C GLU B 399 -11.27 -26.45 -12.38
N ILE B 400 -11.60 -25.99 -11.18
CA ILE B 400 -12.92 -26.22 -10.59
C ILE B 400 -14.02 -25.48 -11.38
N GLY B 401 -13.73 -24.24 -11.77
CA GLY B 401 -14.66 -23.47 -12.55
C GLY B 401 -15.02 -24.14 -13.87
N THR B 402 -14.03 -24.76 -14.51
CA THR B 402 -14.24 -25.46 -15.78
C THR B 402 -15.18 -26.67 -15.60
N LEU B 403 -14.90 -27.49 -14.58
CA LEU B 403 -15.82 -28.58 -14.22
CA LEU B 403 -15.81 -28.57 -14.19
C LEU B 403 -17.27 -28.11 -14.07
N CYS B 404 -17.47 -27.00 -13.34
CA CYS B 404 -18.82 -26.44 -13.17
C CYS B 404 -19.42 -25.98 -14.49
N ARG B 405 -18.62 -25.30 -15.30
CA ARG B 405 -19.10 -24.72 -16.56
C ARG B 405 -19.57 -25.85 -17.49
N ASP B 406 -18.84 -26.96 -17.46
CA ASP B 406 -19.18 -28.17 -18.22
C ASP B 406 -20.51 -28.77 -17.82
N ILE B 407 -20.82 -28.77 -16.52
CA ILE B 407 -22.16 -29.15 -16.06
C ILE B 407 -23.22 -28.24 -16.66
N PHE B 408 -22.94 -26.92 -16.70
CA PHE B 408 -23.90 -26.00 -17.30
C PHE B 408 -24.19 -26.33 -18.76
N PHE B 409 -23.13 -26.44 -19.56
CA PHE B 409 -23.27 -26.63 -21.01
C PHE B 409 -24.02 -27.94 -21.31
N ARG B 410 -23.73 -29.00 -20.57
CA ARG B 410 -24.41 -30.29 -20.73
CA ARG B 410 -24.42 -30.27 -20.78
C ARG B 410 -25.90 -30.17 -20.40
N ASN B 411 -26.21 -29.25 -19.49
CA ASN B 411 -27.59 -28.97 -19.11
C ASN B 411 -28.22 -27.81 -19.92
N ASN B 412 -27.60 -27.49 -21.06
CA ASN B 412 -28.11 -26.51 -22.00
C ASN B 412 -28.29 -25.11 -21.41
N LEU B 413 -27.35 -24.76 -20.54
CA LEU B 413 -27.27 -23.44 -19.99
C LEU B 413 -25.85 -22.89 -20.24
N ILE B 414 -25.81 -21.70 -20.85
CA ILE B 414 -24.54 -20.95 -21.05
C ILE B 414 -24.33 -19.98 -19.89
N MET B 415 -23.40 -20.33 -19.00
CA MET B 415 -22.75 -19.35 -18.09
C MET B 415 -21.27 -19.63 -18.23
N ARG B 416 -20.46 -18.59 -18.04
CA ARG B 416 -19.03 -18.68 -18.26
CA ARG B 416 -19.02 -18.67 -18.26
C ARG B 416 -18.24 -18.79 -16.96
N ALA B 417 -17.16 -19.57 -17.00
CA ALA B 417 -16.16 -19.58 -15.95
C ALA B 417 -14.96 -18.70 -16.28
N CYS B 418 -14.59 -17.85 -15.34
CA CYS B 418 -13.42 -17.03 -15.43
C CYS B 418 -12.63 -17.45 -14.22
N GLY B 419 -11.63 -18.30 -14.42
CA GLY B 419 -11.02 -19.02 -13.30
C GLY B 419 -12.10 -19.86 -12.61
N ASP B 420 -12.24 -19.73 -11.28
CA ASP B 420 -13.31 -20.39 -10.51
C ASP B 420 -14.47 -19.42 -10.27
N HIS B 421 -14.47 -18.27 -10.93
CA HIS B 421 -15.67 -17.44 -10.92
C HIS B 421 -16.64 -17.94 -11.95
N ILE B 422 -17.92 -17.95 -11.61
CA ILE B 422 -18.96 -18.25 -12.58
C ILE B 422 -19.71 -16.94 -12.82
N VAL B 423 -19.84 -16.55 -14.08
CA VAL B 423 -20.50 -15.31 -14.43
C VAL B 423 -21.67 -15.48 -15.37
N SER B 424 -22.54 -14.48 -15.36
CA SER B 424 -23.66 -14.44 -16.28
CA SER B 424 -23.70 -14.44 -16.24
C SER B 424 -24.01 -12.99 -16.61
N ALA B 425 -24.39 -12.81 -17.87
CA ALA B 425 -24.83 -11.55 -18.42
C ALA B 425 -25.82 -11.82 -19.57
N PRO B 426 -27.06 -12.20 -19.20
CA PRO B 426 -28.06 -12.55 -20.20
C PRO B 426 -28.58 -11.32 -20.92
N PRO B 427 -29.35 -11.52 -22.00
CA PRO B 427 -29.98 -10.39 -22.69
C PRO B 427 -30.76 -9.55 -21.69
N LEU B 428 -30.71 -8.22 -21.81
CA LEU B 428 -31.40 -7.32 -20.85
C LEU B 428 -32.95 -7.52 -20.82
N VAL B 429 -33.47 -8.06 -21.94
CA VAL B 429 -34.89 -8.17 -22.19
C VAL B 429 -35.40 -9.45 -21.55
N MET B 430 -34.53 -10.17 -20.86
CA MET B 430 -34.99 -11.37 -20.12
C MET B 430 -36.17 -11.08 -19.21
N THR B 431 -37.21 -11.91 -19.28
CA THR B 431 -38.38 -11.73 -18.42
C THR B 431 -38.15 -12.37 -17.08
N ARG B 432 -39.00 -12.02 -16.11
CA ARG B 432 -38.95 -12.69 -14.83
C ARG B 432 -39.06 -14.22 -14.96
N ALA B 433 -39.97 -14.70 -15.82
CA ALA B 433 -40.11 -16.16 -16.02
C ALA B 433 -38.84 -16.81 -16.54
N GLU B 434 -38.16 -16.10 -17.45
CA GLU B 434 -36.89 -16.56 -18.03
C GLU B 434 -35.74 -16.50 -17.01
N VAL B 435 -35.74 -15.51 -16.11
CA VAL B 435 -34.77 -15.48 -15.00
C VAL B 435 -34.96 -16.69 -14.10
N ASP B 436 -36.22 -16.98 -13.74
CA ASP B 436 -36.46 -18.15 -12.91
C ASP B 436 -36.13 -19.48 -13.60
N GLU B 437 -36.45 -19.56 -14.88
CA GLU B 437 -36.09 -20.71 -15.70
C GLU B 437 -34.57 -20.94 -15.66
N MET B 438 -33.82 -19.87 -15.95
CA MET B 438 -32.36 -19.93 -15.95
C MET B 438 -31.80 -20.37 -14.60
N LEU B 439 -32.33 -19.76 -13.53
CA LEU B 439 -31.80 -19.96 -12.19
C LEU B 439 -32.12 -21.35 -11.68
N ALA B 440 -33.24 -21.89 -12.16
CA ALA B 440 -33.62 -23.25 -11.85
C ALA B 440 -32.61 -24.27 -12.41
N VAL B 441 -32.16 -24.05 -13.66
CA VAL B 441 -31.18 -24.91 -14.29
C VAL B 441 -29.83 -24.75 -13.58
N ALA B 442 -29.44 -23.50 -13.32
CA ALA B 442 -28.20 -23.24 -12.56
C ALA B 442 -28.13 -23.93 -11.18
N GLU B 443 -29.23 -23.85 -10.45
CA GLU B 443 -29.32 -24.39 -9.09
C GLU B 443 -29.16 -25.92 -9.11
N ARG B 444 -29.84 -26.58 -10.06
CA ARG B 444 -29.70 -28.02 -10.23
C ARG B 444 -28.27 -28.39 -10.57
N CYS B 445 -27.64 -27.58 -11.43
CA CYS B 445 -26.24 -27.78 -11.77
C CYS B 445 -25.30 -27.64 -10.56
N LEU B 446 -25.59 -26.68 -9.67
CA LEU B 446 -24.78 -26.52 -8.47
C LEU B 446 -25.01 -27.64 -7.45
N GLU B 447 -26.23 -28.15 -7.39
CA GLU B 447 -26.46 -29.36 -6.60
C GLU B 447 -25.57 -30.50 -7.06
N GLU B 448 -25.53 -30.75 -8.37
CA GLU B 448 -24.67 -31.79 -8.96
C GLU B 448 -23.19 -31.49 -8.71
N PHE B 449 -22.80 -30.23 -8.88
CA PHE B 449 -21.43 -29.82 -8.62
C PHE B 449 -20.98 -30.16 -7.19
N GLU B 450 -21.82 -29.83 -6.20
CA GLU B 450 -21.54 -30.09 -4.80
C GLU B 450 -21.47 -31.58 -4.54
N GLN B 451 -22.32 -32.35 -5.20
CA GLN B 451 -22.32 -33.81 -5.03
C GLN B 451 -21.05 -34.41 -5.61
N THR B 452 -20.66 -33.94 -6.79
CA THR B 452 -19.47 -34.41 -7.48
C THR B 452 -18.19 -34.04 -6.73
N LEU B 453 -18.19 -32.86 -6.15
CA LEU B 453 -17.05 -32.36 -5.38
C LEU B 453 -16.71 -33.28 -4.18
N LYS B 454 -17.73 -33.67 -3.43
CA LYS B 454 -17.58 -34.60 -2.30
C LYS B 454 -17.18 -36.00 -2.79
N ALA B 455 -17.81 -36.43 -3.88
CA ALA B 455 -17.51 -37.72 -4.52
C ALA B 455 -16.06 -37.80 -5.01
N ARG B 456 -15.54 -36.70 -5.55
CA ARG B 456 -14.14 -36.64 -5.97
C ARG B 456 -13.19 -36.69 -4.78
N GLY B 457 -13.75 -36.47 -3.58
CA GLY B 457 -12.93 -36.28 -2.38
C GLY B 457 -12.15 -34.97 -2.48
N LEU B 458 -12.72 -34.02 -3.21
CA LEU B 458 -12.17 -32.66 -3.30
C LEU B 458 -12.86 -31.75 -2.29
N ALA B 459 -13.73 -32.36 -1.47
CA ALA B 459 -14.49 -31.75 -0.34
C ALA B 459 -14.25 -30.26 0.03
N ARG C 5 0.87 -24.02 25.96
CA ARG C 5 2.18 -24.58 26.46
C ARG C 5 2.04 -25.25 27.82
N THR C 6 2.90 -26.24 28.06
CA THR C 6 2.97 -26.93 29.36
C THR C 6 3.80 -26.12 30.34
N THR C 7 3.58 -26.38 31.63
CA THR C 7 4.38 -25.81 32.73
C THR C 7 5.88 -25.99 32.46
N SER C 8 6.25 -27.19 32.00
CA SER C 8 7.63 -27.50 31.67
CA SER C 8 7.63 -27.51 31.66
C SER C 8 8.16 -26.64 30.54
N GLN C 9 7.32 -26.37 29.55
CA GLN C 9 7.70 -25.55 28.41
C GLN C 9 7.81 -24.07 28.83
N TRP C 10 6.85 -23.58 29.60
CA TRP C 10 6.93 -22.21 30.13
C TRP C 10 8.17 -22.04 30.95
N ARG C 11 8.50 -23.07 31.72
CA ARG C 11 9.72 -23.09 32.49
C ARG C 11 11.03 -23.01 31.71
N GLU C 12 11.17 -23.83 30.67
CA GLU C 12 12.40 -23.84 29.90
C GLU C 12 12.60 -22.53 29.11
N LEU C 13 11.52 -21.98 28.59
CA LEU C 13 11.60 -20.71 27.85
C LEU C 13 11.93 -19.57 28.83
N ASP C 14 11.30 -19.58 30.00
CA ASP C 14 11.62 -18.58 31.01
C ASP C 14 13.10 -18.70 31.36
N ALA C 15 13.56 -19.92 31.63
CA ALA C 15 14.98 -20.13 31.92
C ALA C 15 15.91 -19.68 30.83
N ALA C 16 15.56 -19.94 29.56
CA ALA C 16 16.48 -19.56 28.47
C ALA C 16 16.46 -18.05 28.18
N HIS C 17 15.36 -17.38 28.51
CA HIS C 17 15.12 -16.06 27.93
C HIS C 17 14.90 -14.90 28.85
N HIS C 18 14.67 -15.15 30.13
CA HIS C 18 14.14 -14.12 31.04
C HIS C 18 14.97 -13.91 32.28
N LEU C 19 15.43 -12.67 32.50
CA LEU C 19 16.12 -12.33 33.74
C LEU C 19 15.21 -11.58 34.67
N HIS C 20 15.00 -12.12 35.86
CA HIS C 20 13.97 -11.60 36.77
C HIS C 20 14.53 -10.55 37.72
N PRO C 21 13.66 -9.67 38.27
CA PRO C 21 14.09 -8.77 39.35
C PRO C 21 14.45 -9.53 40.62
N PHE C 22 15.40 -8.95 41.36
CA PHE C 22 15.77 -9.41 42.71
C PHE C 22 15.80 -10.94 42.82
N THR C 23 16.55 -11.55 41.91
CA THR C 23 16.55 -12.99 41.71
C THR C 23 17.97 -13.56 41.52
N ASP C 24 18.20 -14.75 42.10
CA ASP C 24 19.37 -15.54 41.84
C ASP C 24 19.02 -16.39 40.63
N THR C 25 19.42 -15.91 39.46
CA THR C 25 19.06 -16.53 38.19
C THR C 25 19.42 -18.02 38.07
N ALA C 26 20.67 -18.36 38.40
CA ALA C 26 21.16 -19.74 38.26
C ALA C 26 20.29 -20.71 39.06
N SER C 27 19.98 -20.31 40.29
CA SER C 27 19.14 -21.10 41.18
C SER C 27 17.73 -21.24 40.63
N LEU C 28 17.14 -20.14 40.13
CA LEU C 28 15.74 -20.22 39.68
C LEU C 28 15.59 -21.07 38.42
N ASN C 29 16.58 -20.97 37.53
CA ASN C 29 16.57 -21.74 36.29
C ASN C 29 16.70 -23.22 36.56
N GLN C 30 17.38 -23.56 37.65
CA GLN C 30 17.44 -24.95 38.09
C GLN C 30 16.13 -25.41 38.75
N ALA C 31 15.62 -24.68 39.73
CA ALA C 31 14.39 -25.08 40.41
C ALA C 31 13.17 -25.06 39.48
N GLY C 32 13.01 -23.96 38.77
CA GLY C 32 11.83 -23.77 37.95
C GLY C 32 11.04 -22.61 38.49
N ALA C 33 10.62 -21.74 37.57
CA ALA C 33 9.72 -20.66 37.92
C ALA C 33 8.30 -21.20 38.03
N ARG C 34 7.57 -20.66 38.99
CA ARG C 34 6.15 -20.97 39.20
C ARG C 34 5.39 -20.03 38.28
N VAL C 35 4.61 -20.61 37.36
CA VAL C 35 3.84 -19.84 36.36
C VAL C 35 2.43 -19.48 36.84
N MET C 36 2.23 -18.21 37.16
CA MET C 36 0.91 -17.70 37.55
CA MET C 36 0.91 -17.72 37.55
C MET C 36 0.19 -17.35 36.26
N THR C 37 -1.02 -17.89 36.04
CA THR C 37 -1.71 -17.67 34.76
C THR C 37 -2.93 -16.73 34.74
N ARG C 38 -3.63 -16.62 35.86
CA ARG C 38 -4.86 -15.81 35.94
C ARG C 38 -5.21 -15.52 37.38
N GLY C 39 -5.98 -14.44 37.61
CA GLY C 39 -6.48 -14.11 38.95
C GLY C 39 -7.91 -13.56 39.01
N GLU C 40 -8.48 -13.54 40.22
CA GLU C 40 -9.86 -13.14 40.45
C GLU C 40 -10.08 -12.85 41.93
N GLY C 41 -10.54 -11.64 42.22
CA GLY C 41 -10.65 -11.17 43.60
C GLY C 41 -9.31 -11.15 44.32
N VAL C 42 -9.18 -12.06 45.28
CA VAL C 42 -7.96 -12.20 46.10
C VAL C 42 -7.15 -13.46 45.81
N TYR C 43 -7.53 -14.21 44.76
CA TYR C 43 -6.88 -15.44 44.43
C TYR C 43 -6.16 -15.39 43.10
N LEU C 44 -5.20 -16.31 42.96
CA LEU C 44 -4.53 -16.63 41.71
C LEU C 44 -4.61 -18.11 41.43
N TRP C 45 -4.39 -18.46 40.17
CA TRP C 45 -4.17 -19.84 39.77
C TRP C 45 -2.85 -19.94 39.05
N ASP C 46 -2.11 -21.01 39.33
CA ASP C 46 -0.89 -21.27 38.58
C ASP C 46 -1.15 -22.25 37.44
N SER C 47 -0.11 -22.57 36.69
CA SER C 47 -0.19 -23.44 35.52
C SER C 47 -0.40 -24.90 35.95
N GLU C 48 -0.18 -25.16 37.23
CA GLU C 48 -0.41 -26.48 37.80
C GLU C 48 -1.88 -26.75 38.06
N GLY C 49 -2.68 -25.69 38.10
CA GLY C 49 -4.09 -25.76 38.53
C GLY C 49 -4.31 -25.39 39.99
N ASN C 50 -3.25 -25.02 40.70
CA ASN C 50 -3.34 -24.66 42.11
C ASN C 50 -4.06 -23.34 42.34
N LYS C 51 -5.02 -23.33 43.27
CA LYS C 51 -5.72 -22.11 43.66
C LYS C 51 -4.97 -21.48 44.84
N ILE C 52 -4.51 -20.25 44.65
CA ILE C 52 -3.62 -19.60 45.60
C ILE C 52 -4.28 -18.36 46.18
N ILE C 53 -4.14 -18.16 47.49
CA ILE C 53 -4.58 -16.94 48.17
CA ILE C 53 -4.58 -16.92 48.15
C ILE C 53 -3.45 -15.89 48.09
N ASP C 54 -3.73 -14.71 47.57
CA ASP C 54 -2.70 -13.66 47.45
C ASP C 54 -2.68 -12.64 48.59
N GLY C 55 -1.95 -12.99 49.66
CA GLY C 55 -1.83 -12.13 50.83
C GLY C 55 -0.89 -10.94 50.68
N MET C 56 -0.37 -10.77 49.47
CA MET C 56 0.51 -9.64 49.14
C MET C 56 -0.08 -8.69 48.08
N ALA C 57 -1.27 -9.03 47.57
CA ALA C 57 -1.91 -8.26 46.49
C ALA C 57 -0.93 -7.95 45.36
N GLY C 58 -0.40 -8.98 44.70
CA GLY C 58 0.55 -8.81 43.59
C GLY C 58 1.93 -8.54 44.15
N LEU C 59 2.22 -7.24 44.33
CA LEU C 59 3.37 -6.75 45.06
C LEU C 59 2.93 -5.48 45.79
N TRP C 60 2.12 -5.67 46.83
CA TRP C 60 1.55 -4.61 47.70
C TRP C 60 0.67 -3.65 46.92
N CYS C 61 0.10 -4.08 45.80
CA CYS C 61 -0.42 -3.08 44.84
C CYS C 61 -1.78 -3.33 44.24
N VAL C 62 -2.22 -4.59 44.20
CA VAL C 62 -3.54 -4.89 43.64
C VAL C 62 -4.65 -4.52 44.66
N ASN C 63 -4.77 -3.23 44.95
CA ASN C 63 -5.63 -2.71 46.02
C ASN C 63 -7.13 -2.97 45.89
N VAL C 64 -7.66 -2.88 44.67
CA VAL C 64 -9.08 -3.21 44.41
C VAL C 64 -9.29 -4.70 44.09
N GLY C 65 -8.24 -5.51 44.13
CA GLY C 65 -8.30 -6.96 43.79
C GLY C 65 -8.24 -7.23 42.31
N TYR C 66 -8.21 -8.52 41.91
CA TYR C 66 -8.15 -8.92 40.52
C TYR C 66 -9.56 -8.99 39.91
N GLY C 67 -9.65 -8.98 38.59
CA GLY C 67 -10.93 -9.20 37.89
C GLY C 67 -11.75 -7.98 37.51
N ARG C 68 -11.14 -6.81 37.50
CA ARG C 68 -11.87 -5.57 37.22
C ARG C 68 -12.09 -5.38 35.73
N LYS C 69 -13.18 -5.95 35.21
CA LYS C 69 -13.47 -5.87 33.79
C LYS C 69 -13.62 -4.46 33.29
N ASP C 70 -14.03 -3.58 34.19
CA ASP C 70 -14.24 -2.18 33.89
C ASP C 70 -12.90 -1.47 33.62
N PHE C 71 -11.85 -1.95 34.26
CA PHE C 71 -10.51 -1.37 34.06
C PHE C 71 -10.02 -1.82 32.69
N ALA C 72 -10.32 -3.07 32.34
CA ALA C 72 -10.02 -3.59 31.03
C ALA C 72 -10.72 -2.78 29.90
N GLU C 73 -11.98 -2.44 30.13
CA GLU C 73 -12.77 -1.61 29.19
C GLU C 73 -12.19 -0.19 29.09
N ALA C 74 -11.85 0.43 30.24
CA ALA C 74 -11.25 1.77 30.21
C ALA C 74 -9.95 1.76 29.41
N ALA C 75 -9.14 0.72 29.61
CA ALA C 75 -7.91 0.55 28.81
C ALA C 75 -8.16 0.43 27.35
N ARG C 76 -9.10 -0.45 27.00
CA ARG C 76 -9.47 -0.65 25.59
C ARG C 76 -9.94 0.64 24.91
N ARG C 77 -10.89 1.33 25.55
CA ARG C 77 -11.49 2.53 24.97
CA ARG C 77 -11.48 2.54 24.99
C ARG C 77 -10.38 3.56 24.74
N GLN C 78 -9.54 3.75 25.76
CA GLN C 78 -8.57 4.80 25.61
C GLN C 78 -7.53 4.42 24.57
N MET C 79 -7.08 3.17 24.64
CA MET C 79 -6.12 2.70 23.62
C MET C 79 -6.57 2.84 22.18
N GLU C 80 -7.88 2.62 21.94
CA GLU C 80 -8.41 2.79 20.62
C GLU C 80 -8.51 4.26 20.21
N GLU C 81 -8.78 5.10 21.20
CA GLU C 81 -8.96 6.54 20.91
C GLU C 81 -7.62 7.23 20.72
N LEU C 82 -6.71 7.07 21.68
CA LEU C 82 -5.41 7.71 21.60
C LEU C 82 -4.52 6.88 22.50
N PRO C 83 -3.76 5.96 21.90
CA PRO C 83 -3.00 5.03 22.74
C PRO C 83 -1.82 5.72 23.40
N PHE C 84 -1.23 6.69 22.71
CA PHE C 84 -0.14 7.44 23.30
C PHE C 84 -0.09 8.83 22.67
N TYR C 85 0.11 9.85 23.52
CA TYR C 85 0.74 11.07 23.03
C TYR C 85 1.60 11.61 24.15
N ASN C 86 2.63 12.35 23.76
CA ASN C 86 3.59 12.87 24.72
C ASN C 86 3.07 14.14 25.43
N THR C 87 3.66 14.37 26.61
CA THR C 87 3.39 15.61 27.43
C THR C 87 4.57 16.59 27.40
N PHE C 88 5.51 16.38 26.45
CA PHE C 88 6.77 17.12 26.27
C PHE C 88 6.65 18.34 25.37
N PHE C 89 5.76 18.32 24.40
CA PHE C 89 5.85 19.28 23.27
C PHE C 89 4.86 20.42 23.50
N LYS C 90 4.80 20.90 24.74
CA LYS C 90 3.76 21.88 25.14
C LYS C 90 2.40 21.31 24.81
N THR C 91 2.27 20.00 25.02
CA THR C 91 1.10 19.25 24.69
C THR C 91 0.58 18.52 25.91
N THR C 92 -0.72 18.19 25.84
CA THR C 92 -1.33 17.34 26.83
C THR C 92 -2.40 16.49 26.15
N HIS C 93 -3.14 15.74 26.94
CA HIS C 93 -4.24 14.94 26.41
C HIS C 93 -5.27 14.74 27.51
N PRO C 94 -6.52 14.42 27.13
CA PRO C 94 -7.59 14.37 28.12
C PRO C 94 -7.37 13.45 29.32
N ALA C 95 -6.87 12.24 29.10
CA ALA C 95 -6.78 11.29 30.21
C ALA C 95 -5.84 11.78 31.31
N VAL C 96 -4.69 12.32 30.93
CA VAL C 96 -3.77 12.82 31.94
C VAL C 96 -4.40 14.05 32.66
N VAL C 97 -5.03 14.95 31.91
CA VAL C 97 -5.73 16.10 32.54
C VAL C 97 -6.79 15.64 33.53
N GLU C 98 -7.65 14.72 33.12
CA GLU C 98 -8.72 14.22 33.99
CA GLU C 98 -8.72 14.28 34.02
C GLU C 98 -8.17 13.52 35.22
N LEU C 99 -7.13 12.72 35.01
CA LEU C 99 -6.51 12.04 36.15
C LEU C 99 -5.92 13.05 37.13
N SER C 100 -5.31 14.12 36.61
CA SER C 100 -4.65 15.09 37.44
C SER C 100 -5.69 15.86 38.23
N SER C 101 -6.83 16.14 37.58
CA SER C 101 -7.94 16.79 38.28
C SER C 101 -8.48 15.90 39.39
N LEU C 102 -8.72 14.62 39.10
CA LEU C 102 -9.21 13.70 40.12
C LEU C 102 -8.25 13.53 41.30
N LEU C 103 -6.94 13.46 41.03
CA LEU C 103 -5.93 13.24 42.08
C LEU C 103 -5.95 14.41 43.06
N ALA C 104 -6.19 15.62 42.55
CA ALA C 104 -6.27 16.84 43.38
C ALA C 104 -7.42 16.75 44.38
N GLU C 105 -8.50 16.10 43.98
CA GLU C 105 -9.67 15.90 44.84
C GLU C 105 -9.38 14.98 46.02
N VAL C 106 -8.62 13.90 45.81
CA VAL C 106 -8.43 12.82 46.80
C VAL C 106 -7.17 12.97 47.65
N THR C 107 -6.29 13.89 47.24
CA THR C 107 -5.08 14.18 48.01
C THR C 107 -5.34 15.28 49.05
N PRO C 108 -4.51 15.32 50.12
CA PRO C 108 -4.72 16.36 51.11
C PRO C 108 -4.58 17.75 50.54
N ALA C 109 -5.08 18.76 51.25
CA ALA C 109 -4.99 20.13 50.75
C ALA C 109 -3.53 20.55 50.58
N GLY C 110 -3.29 21.44 49.61
CA GLY C 110 -1.93 21.85 49.25
C GLY C 110 -1.31 21.03 48.10
N PHE C 111 -1.86 19.84 47.87
CA PHE C 111 -1.38 18.92 46.81
C PHE C 111 -2.30 18.99 45.59
N ASP C 112 -1.97 19.95 44.74
CA ASP C 112 -2.73 20.24 43.56
C ASP C 112 -2.02 19.76 42.30
N ARG C 113 -0.69 19.69 42.34
CA ARG C 113 0.12 19.47 41.13
C ARG C 113 0.89 18.18 41.21
N VAL C 114 0.83 17.42 40.10
CA VAL C 114 1.42 16.07 40.03
CA VAL C 114 1.38 16.06 40.01
C VAL C 114 2.32 15.95 38.80
N PHE C 115 3.43 15.25 38.98
CA PHE C 115 4.36 14.90 37.94
C PHE C 115 4.30 13.40 37.76
N TYR C 116 4.19 12.96 36.50
CA TYR C 116 3.98 11.53 36.22
C TYR C 116 5.23 10.79 35.85
N THR C 117 5.26 9.54 36.31
CA THR C 117 6.31 8.56 35.97
C THR C 117 5.68 7.19 35.61
N ASN C 118 6.52 6.17 35.41
CA ASN C 118 6.03 4.81 35.14
C ASN C 118 6.11 3.96 36.37
N SER C 119 6.86 4.38 37.37
CA SER C 119 7.14 3.45 38.46
C SER C 119 7.44 4.21 39.73
N GLY C 120 7.39 3.52 40.87
CA GLY C 120 7.83 4.12 42.14
C GLY C 120 9.28 4.57 42.13
N SER C 121 10.14 3.81 41.44
CA SER C 121 11.56 4.14 41.41
C SER C 121 11.80 5.42 40.65
N GLU C 122 11.11 5.54 39.51
CA GLU C 122 11.21 6.78 38.73
C GLU C 122 10.68 7.94 39.53
N SER C 123 9.62 7.73 40.31
CA SER C 123 9.05 8.80 41.14
CA SER C 123 9.05 8.80 41.14
C SER C 123 10.08 9.25 42.17
N VAL C 124 10.78 8.30 42.76
CA VAL C 124 11.86 8.64 43.68
C VAL C 124 12.96 9.42 42.99
N ASP C 125 13.45 8.99 41.81
CA ASP C 125 14.46 9.83 41.11
C ASP C 125 13.95 11.25 40.79
N THR C 126 12.67 11.34 40.43
CA THR C 126 12.04 12.62 40.07
C THR C 126 12.08 13.51 41.32
N MET C 127 11.71 12.92 42.46
CA MET C 127 11.68 13.63 43.72
C MET C 127 13.06 14.15 44.12
N ILE C 128 14.08 13.29 44.01
CA ILE C 128 15.48 13.71 44.24
C ILE C 128 15.85 14.90 43.37
N ARG C 129 15.60 14.82 42.06
CA ARG C 129 15.96 15.93 41.18
C ARG C 129 15.14 17.19 41.53
N MET C 130 13.88 17.00 41.88
CA MET C 130 13.00 18.10 42.28
C MET C 130 13.48 18.81 43.53
N VAL C 131 13.86 18.04 44.53
CA VAL C 131 14.33 18.55 45.81
C VAL C 131 15.59 19.37 45.56
N ARG C 132 16.50 18.81 44.78
CA ARG C 132 17.77 19.53 44.54
C ARG C 132 17.54 20.76 43.69
N ARG C 133 16.63 20.66 42.72
CA ARG C 133 16.30 21.78 41.88
C ARG C 133 15.69 22.90 42.71
N TYR C 134 14.74 22.54 43.58
CA TYR C 134 14.09 23.52 44.47
C TYR C 134 15.13 24.39 45.21
N TRP C 135 16.14 23.75 45.81
CA TRP C 135 17.11 24.47 46.63
C TRP C 135 18.00 25.33 45.77
N ASP C 136 18.35 24.87 44.56
CA ASP C 136 19.10 25.69 43.62
CA ASP C 136 19.10 25.68 43.63
C ASP C 136 18.33 26.96 43.29
N VAL C 137 17.04 26.79 42.98
CA VAL C 137 16.15 27.92 42.67
C VAL C 137 16.12 28.88 43.86
N GLN C 138 16.20 28.37 45.09
CA GLN C 138 16.24 29.25 46.28
C GLN C 138 17.59 29.95 46.49
N GLY C 139 18.54 29.72 45.59
CA GLY C 139 19.86 30.36 45.71
C GLY C 139 20.76 29.69 46.73
N LYS C 140 20.49 28.41 47.00
CA LYS C 140 21.21 27.62 48.01
C LYS C 140 21.79 26.35 47.38
N PRO C 141 22.81 26.50 46.52
CA PRO C 141 23.35 25.36 45.78
C PRO C 141 23.96 24.25 46.66
N GLU C 142 24.29 24.55 47.92
CA GLU C 142 24.91 23.57 48.82
CA GLU C 142 24.93 23.58 48.82
C GLU C 142 23.93 22.62 49.50
N LYS C 143 22.66 22.95 49.44
CA LYS C 143 21.64 22.22 50.17
C LYS C 143 21.09 21.07 49.34
N LYS C 144 21.70 19.89 49.45
CA LYS C 144 21.57 18.88 48.41
C LYS C 144 21.54 17.44 48.94
N THR C 145 21.82 17.29 50.22
CA THR C 145 21.88 15.98 50.78
C THR C 145 20.51 15.48 51.19
N LEU C 146 20.17 14.29 50.76
CA LEU C 146 18.92 13.70 51.20
C LEU C 146 19.25 12.62 52.21
N ILE C 147 18.49 12.62 53.28
CA ILE C 147 18.67 11.67 54.37
C ILE C 147 17.55 10.64 54.32
N GLY C 148 17.93 9.37 54.21
CA GLY C 148 17.02 8.23 54.34
C GLY C 148 17.39 7.47 55.58
N ARG C 149 16.95 6.21 55.62
CA ARG C 149 17.19 5.32 56.77
C ARG C 149 17.69 3.95 56.38
N TRP C 150 18.47 3.32 57.26
CA TRP C 150 18.86 1.96 57.03
C TRP C 150 17.65 1.09 57.00
N ASN C 151 17.63 0.14 56.09
CA ASN C 151 16.47 -0.74 55.86
C ASN C 151 15.21 0.02 55.36
N GLY C 152 15.37 1.27 54.92
CA GLY C 152 14.36 1.97 54.10
C GLY C 152 14.44 1.43 52.68
N TYR C 153 13.32 1.42 51.98
CA TYR C 153 13.36 1.03 50.55
C TYR C 153 12.70 2.12 49.71
N HIS C 154 13.40 2.54 48.67
CA HIS C 154 12.94 3.67 47.87
C HIS C 154 13.17 3.38 46.40
N GLY C 155 13.10 2.10 46.07
CA GLY C 155 13.15 1.66 44.68
C GLY C 155 14.52 1.16 44.25
N SER C 156 14.64 1.00 42.93
CA SER C 156 15.72 0.25 42.31
C SER C 156 16.39 1.00 41.18
N THR C 157 16.04 2.25 40.97
CA THR C 157 16.94 3.10 40.17
C THR C 157 18.22 3.32 40.95
N ILE C 158 19.25 3.79 40.28
CA ILE C 158 20.46 4.14 40.98
C ILE C 158 20.16 5.17 42.09
N GLY C 159 19.35 6.18 41.80
CA GLY C 159 18.96 7.15 42.82
C GLY C 159 18.18 6.53 43.97
N GLY C 160 17.20 5.71 43.63
CA GLY C 160 16.27 5.16 44.63
C GLY C 160 17.01 4.18 45.54
N ALA C 161 17.87 3.37 44.93
CA ALA C 161 18.63 2.36 45.66
C ALA C 161 19.61 3.04 46.61
N SER C 162 20.07 4.23 46.21
CA SER C 162 21.02 4.99 47.00
C SER C 162 20.35 5.62 48.21
N LEU C 163 19.16 6.17 48.01
CA LEU C 163 18.37 6.78 49.08
C LEU C 163 17.87 5.72 50.04
N GLY C 164 17.49 4.59 49.46
CA GLY C 164 17.17 3.36 50.19
C GLY C 164 18.33 2.96 51.08
N GLY C 165 18.05 2.17 52.10
CA GLY C 165 19.09 1.77 53.04
C GLY C 165 19.34 0.28 53.03
N MET C 166 19.21 -0.40 51.88
CA MET C 166 19.45 -1.85 51.76
C MET C 166 20.90 -2.07 51.30
N LYS C 167 21.72 -2.61 52.20
CA LYS C 167 23.13 -2.81 51.89
C LYS C 167 23.37 -3.76 50.70
N TYR C 168 22.54 -4.79 50.58
CA TYR C 168 22.62 -5.76 49.49
C TYR C 168 22.39 -5.15 48.11
N MET C 169 21.68 -4.03 48.08
CA MET C 169 21.54 -3.26 46.83
C MET C 169 22.70 -2.29 46.64
N HIS C 170 23.14 -1.66 47.74
CA HIS C 170 24.26 -0.67 47.67
C HIS C 170 25.50 -1.26 47.10
N GLU C 171 25.72 -2.54 47.42
CA GLU C 171 26.86 -3.33 46.99
CA GLU C 171 26.92 -3.22 46.97
C GLU C 171 26.82 -3.68 45.50
N GLN C 172 25.79 -3.21 44.80
CA GLN C 172 25.65 -3.53 43.39
C GLN C 172 25.37 -2.25 42.62
N GLY C 173 26.43 -1.66 42.08
CA GLY C 173 26.25 -0.42 41.32
C GLY C 173 27.11 0.72 41.82
N ASP C 174 27.87 0.47 42.89
CA ASP C 174 28.69 1.48 43.59
C ASP C 174 27.81 2.54 44.26
N LEU C 175 26.89 2.10 45.10
CA LEU C 175 25.93 3.01 45.73
C LEU C 175 26.25 3.11 47.22
N PRO C 176 25.78 4.19 47.90
CA PRO C 176 25.02 5.35 47.43
C PRO C 176 25.82 6.32 46.59
N ILE C 177 25.09 6.98 45.69
CA ILE C 177 25.62 8.17 45.03
C ILE C 177 25.84 9.30 46.05
N PRO C 178 26.57 10.36 45.65
CA PRO C 178 26.85 11.46 46.56
C PRO C 178 25.61 12.18 47.03
N GLY C 179 25.74 12.87 48.16
CA GLY C 179 24.64 13.64 48.70
C GLY C 179 23.50 12.80 49.26
N MET C 180 23.84 11.67 49.87
CA MET C 180 22.87 10.76 50.48
C MET C 180 23.44 10.46 51.84
N ALA C 181 22.58 10.36 52.84
CA ALA C 181 23.01 9.94 54.16
C ALA C 181 21.92 9.09 54.77
N HIS C 182 22.25 8.35 55.82
CA HIS C 182 21.29 7.42 56.40
C HIS C 182 21.37 7.46 57.87
N ILE C 183 20.20 7.40 58.51
CA ILE C 183 20.08 7.28 59.97
C ILE C 183 19.47 5.92 60.29
N GLU C 184 19.54 5.48 61.55
CA GLU C 184 18.96 4.18 61.86
C GLU C 184 17.42 4.21 61.82
N GLN C 185 16.82 3.05 61.55
CA GLN C 185 15.36 2.88 61.46
C GLN C 185 14.74 2.88 62.84
N PRO C 186 13.45 3.26 62.95
CA PRO C 186 12.72 3.24 64.22
C PRO C 186 12.14 1.86 64.52
N TRP C 187 13.02 0.85 64.58
CA TRP C 187 12.68 -0.54 64.89
C TRP C 187 12.83 -0.70 66.39
N TRP C 188 11.70 -0.66 67.11
CA TRP C 188 11.70 -0.71 68.57
CA TRP C 188 11.71 -0.70 68.57
C TRP C 188 12.24 -2.00 69.11
N TYR C 189 11.81 -3.11 68.52
CA TYR C 189 12.17 -4.43 69.01
C TYR C 189 13.68 -4.65 69.17
N LYS C 190 14.46 -4.10 68.23
CA LYS C 190 15.91 -4.27 68.22
C LYS C 190 16.63 -3.14 68.96
N HIS C 191 16.21 -1.90 68.73
CA HIS C 191 16.94 -0.75 69.23
C HIS C 191 16.32 -0.08 70.42
N GLY C 192 15.18 -0.59 70.87
CA GLY C 192 14.43 0.06 71.95
C GLY C 192 15.06 -0.07 73.32
N LYS C 193 16.01 -1.00 73.44
CA LYS C 193 16.67 -1.36 74.69
C LYS C 193 15.66 -1.37 75.84
N ASP C 194 15.79 -0.44 76.78
CA ASP C 194 14.91 -0.38 77.95
C ASP C 194 13.93 0.80 77.92
N MET C 195 13.69 1.36 76.73
CA MET C 195 12.73 2.45 76.56
C MET C 195 11.35 1.93 76.20
N THR C 196 10.33 2.75 76.43
CA THR C 196 8.98 2.41 75.94
C THR C 196 8.92 2.91 74.49
N PRO C 197 8.14 2.20 73.65
CA PRO C 197 8.05 2.58 72.24
C PRO C 197 7.99 4.09 72.05
N ASP C 198 7.10 4.75 72.79
CA ASP C 198 6.90 6.19 72.68
C ASP C 198 8.11 7.04 73.04
N GLU C 199 8.88 6.58 74.04
CA GLU C 199 10.08 7.30 74.47
C GLU C 199 11.13 7.20 73.36
N PHE C 200 11.27 5.98 72.86
CA PHE C 200 12.12 5.61 71.74
C PHE C 200 11.76 6.39 70.46
N GLY C 201 10.46 6.56 70.22
CA GLY C 201 9.97 7.37 69.10
C GLY C 201 10.67 8.72 69.00
N VAL C 202 10.81 9.37 70.14
CA VAL C 202 11.44 10.69 70.24
C VAL C 202 12.95 10.56 69.99
N VAL C 203 13.56 9.54 70.59
CA VAL C 203 15.00 9.29 70.45
C VAL C 203 15.35 8.97 68.99
N ALA C 204 14.57 8.09 68.37
CA ALA C 204 14.77 7.71 66.97
C ALA C 204 14.62 8.88 66.00
N ALA C 205 13.66 9.77 66.26
CA ALA C 205 13.48 10.97 65.44
C ALA C 205 14.63 11.96 65.64
N ARG C 206 15.18 12.01 66.86
CA ARG C 206 16.29 12.91 67.12
C ARG C 206 17.59 12.42 66.49
N TRP C 207 17.63 11.14 66.11
CA TRP C 207 18.72 10.65 65.23
C TRP C 207 18.84 11.52 64.01
N LEU C 208 17.70 11.90 63.43
CA LEU C 208 17.73 12.81 62.30
C LEU C 208 18.37 14.18 62.62
N GLU C 209 18.07 14.71 63.81
CA GLU C 209 18.64 15.99 64.25
C GLU C 209 20.17 15.87 64.33
N GLU C 210 20.63 14.75 64.88
CA GLU C 210 22.06 14.47 65.05
C GLU C 210 22.76 14.47 63.69
N LYS C 211 22.12 13.79 62.73
CA LYS C 211 22.66 13.65 61.39
C LYS C 211 22.71 14.99 60.67
N ILE C 212 21.63 15.77 60.82
CA ILE C 212 21.53 17.13 60.26
C ILE C 212 22.64 18.01 60.81
N LEU C 213 22.87 17.97 62.12
CA LEU C 213 23.94 18.76 62.75
C LEU C 213 25.31 18.21 62.37
N GLU C 214 25.41 16.89 62.20
CA GLU C 214 26.66 16.28 61.70
C GLU C 214 27.02 16.83 60.31
N ILE C 215 26.05 16.80 59.39
CA ILE C 215 26.28 17.24 58.03
C ILE C 215 26.34 18.77 57.96
N GLY C 216 25.48 19.43 58.74
CA GLY C 216 25.30 20.88 58.68
C GLY C 216 24.00 21.12 57.91
N ALA C 217 23.01 21.71 58.57
CA ALA C 217 21.70 21.97 57.96
C ALA C 217 21.74 22.68 56.60
N ASP C 218 22.76 23.50 56.40
CA ASP C 218 22.93 24.23 55.16
C ASP C 218 23.23 23.29 53.99
N LYS C 219 23.52 22.04 54.30
CA LYS C 219 23.86 21.04 53.27
C LYS C 219 22.78 19.99 53.12
N VAL C 220 21.75 20.05 53.97
CA VAL C 220 20.69 19.05 53.93
C VAL C 220 19.43 19.59 53.22
N ALA C 221 19.04 18.90 52.15
CA ALA C 221 17.89 19.27 51.35
C ALA C 221 16.58 18.63 51.81
N ALA C 222 16.64 17.35 52.19
CA ALA C 222 15.43 16.65 52.60
C ALA C 222 15.65 15.42 53.50
N PHE C 223 14.63 15.06 54.26
CA PHE C 223 14.55 13.74 54.87
C PHE C 223 13.43 13.03 54.16
N VAL C 224 13.61 11.73 53.88
CA VAL C 224 12.66 10.91 53.11
C VAL C 224 12.37 9.62 53.87
N GLY C 225 11.09 9.28 54.07
CA GLY C 225 10.75 8.02 54.68
C GLY C 225 9.39 7.47 54.32
N GLU C 226 9.33 6.17 54.24
CA GLU C 226 8.07 5.45 54.17
C GLU C 226 7.34 5.69 55.51
N PRO C 227 6.05 6.05 55.49
CA PRO C 227 5.30 6.18 56.74
C PRO C 227 5.47 4.94 57.59
N ILE C 228 5.32 3.78 56.95
CA ILE C 228 5.66 2.48 57.48
C ILE C 228 6.63 1.85 56.48
N GLN C 229 7.79 1.40 56.95
CA GLN C 229 8.74 0.73 56.10
C GLN C 229 8.19 -0.61 55.61
N GLY C 230 8.08 -0.73 54.29
CA GLY C 230 7.42 -1.86 53.67
C GLY C 230 8.36 -3.01 53.51
N ALA C 231 9.22 -2.92 52.49
CA ALA C 231 10.14 -3.99 52.14
C ALA C 231 11.06 -4.36 53.29
N GLY C 232 11.29 -3.39 54.18
CA GLY C 232 12.09 -3.53 55.39
C GLY C 232 11.48 -4.51 56.37
N GLY C 233 10.17 -4.74 56.24
CA GLY C 233 9.42 -5.74 57.02
C GLY C 233 8.23 -5.20 57.81
N VAL C 234 7.52 -4.20 57.27
CA VAL C 234 6.43 -3.51 57.98
C VAL C 234 6.86 -3.06 59.38
N ILE C 235 7.82 -2.15 59.40
CA ILE C 235 8.31 -1.55 60.63
C ILE C 235 7.42 -0.34 60.90
N VAL C 236 6.62 -0.43 61.95
CA VAL C 236 5.65 0.62 62.31
C VAL C 236 6.20 1.53 63.40
N PRO C 237 6.43 2.80 63.07
CA PRO C 237 7.04 3.71 64.03
C PRO C 237 6.06 4.10 65.16
N PRO C 238 6.59 4.37 66.36
CA PRO C 238 5.78 4.89 67.47
C PRO C 238 5.11 6.22 67.15
N ALA C 239 3.98 6.49 67.79
CA ALA C 239 3.20 7.70 67.56
C ALA C 239 3.98 9.00 67.72
N THR C 240 5.02 8.98 68.57
CA THR C 240 5.84 10.17 68.81
C THR C 240 6.86 10.42 67.71
N TYR C 241 7.09 9.41 66.87
CA TYR C 241 8.15 9.46 65.85
C TYR C 241 7.96 10.53 64.77
N TRP C 242 6.93 10.38 63.95
CA TRP C 242 6.67 11.34 62.86
C TRP C 242 6.49 12.78 63.26
N PRO C 243 5.71 13.07 64.33
CA PRO C 243 5.60 14.45 64.80
C PRO C 243 6.96 15.07 65.11
N GLU C 244 7.85 14.26 65.67
CA GLU C 244 9.21 14.68 66.03
C GLU C 244 10.08 14.85 64.77
N ILE C 245 10.07 13.86 63.87
CA ILE C 245 10.67 14.07 62.55
C ILE C 245 10.22 15.40 61.92
N GLU C 246 8.92 15.68 61.92
CA GLU C 246 8.40 16.92 61.31
C GLU C 246 8.91 18.16 62.03
N ARG C 247 8.98 18.07 63.37
CA ARG C 247 9.47 19.19 64.18
CA ARG C 247 9.48 19.19 64.19
C ARG C 247 10.92 19.47 63.80
N ILE C 248 11.72 18.41 63.71
CA ILE C 248 13.15 18.53 63.37
C ILE C 248 13.31 19.07 61.94
N CYS C 249 12.54 18.52 61.01
CA CYS C 249 12.56 19.02 59.64
C CYS C 249 12.26 20.52 59.54
N ARG C 250 11.19 21.00 60.18
CA ARG C 250 10.83 22.43 60.09
CA ARG C 250 10.83 22.43 60.10
C ARG C 250 11.86 23.34 60.77
N LYS C 251 12.41 22.89 61.89
CA LYS C 251 13.40 23.65 62.64
C LYS C 251 14.58 23.97 61.75
N TYR C 252 15.09 22.93 61.11
CA TYR C 252 16.30 23.02 60.30
C TYR C 252 16.12 23.45 58.82
N ASP C 253 14.88 23.78 58.44
CA ASP C 253 14.52 24.17 57.07
C ASP C 253 14.89 23.04 56.11
N VAL C 254 14.47 21.83 56.47
CA VAL C 254 14.73 20.62 55.68
C VAL C 254 13.36 20.16 55.13
N LEU C 255 13.28 19.96 53.80
CA LEU C 255 12.05 19.46 53.21
C LEU C 255 11.74 18.07 53.72
N LEU C 256 10.47 17.74 53.79
CA LEU C 256 10.05 16.47 54.35
C LEU C 256 9.31 15.65 53.30
N VAL C 257 9.79 14.44 52.99
CA VAL C 257 9.15 13.65 51.93
C VAL C 257 8.66 12.33 52.45
N ALA C 258 7.39 12.02 52.16
CA ALA C 258 6.81 10.75 52.43
C ALA C 258 6.92 9.91 51.18
N ASP C 259 7.47 8.72 51.30
CA ASP C 259 7.41 7.73 50.24
C ASP C 259 6.14 6.88 50.41
N GLU C 260 5.12 7.26 49.64
CA GLU C 260 3.81 6.58 49.72
C GLU C 260 3.59 5.46 48.72
N VAL C 261 4.65 4.94 48.10
CA VAL C 261 4.47 3.88 47.13
C VAL C 261 3.69 2.67 47.67
N ILE C 262 3.96 2.24 48.90
CA ILE C 262 3.14 1.16 49.50
C ILE C 262 1.92 1.67 50.27
N CYS C 263 2.13 2.66 51.12
CA CYS C 263 1.11 3.16 52.06
C CYS C 263 0.03 3.98 51.36
N GLY C 264 0.29 4.34 50.10
CA GLY C 264 -0.62 5.20 49.37
C GLY C 264 -1.86 4.45 48.91
N PHE C 265 -2.92 5.23 48.68
CA PHE C 265 -4.19 4.76 48.10
C PHE C 265 -4.89 3.70 48.95
N GLY C 266 -4.94 4.01 50.25
CA GLY C 266 -5.90 3.37 51.16
C GLY C 266 -5.35 2.37 52.15
N ARG C 267 -4.06 2.05 52.03
CA ARG C 267 -3.43 0.94 52.72
C ARG C 267 -3.52 1.08 54.26
N THR C 268 -3.34 2.29 54.79
CA THR C 268 -3.42 2.49 56.25
C THR C 268 -4.86 2.78 56.72
N GLY C 269 -5.78 2.97 55.78
CA GLY C 269 -7.15 3.37 56.11
C GLY C 269 -7.38 4.82 55.76
N GLU C 270 -6.32 5.63 55.84
CA GLU C 270 -6.35 6.93 55.22
C GLU C 270 -6.00 6.79 53.74
N TRP C 271 -6.22 7.85 52.99
CA TRP C 271 -5.73 7.83 51.62
C TRP C 271 -4.22 7.64 51.59
N PHE C 272 -3.53 8.34 52.47
CA PHE C 272 -2.06 8.31 52.53
C PHE C 272 -1.53 8.09 53.93
N GLY C 273 -0.51 7.24 54.03
CA GLY C 273 0.13 6.88 55.30
C GLY C 273 0.49 8.05 56.20
N HIS C 274 0.91 9.17 55.59
CA HIS C 274 1.30 10.37 56.34
C HIS C 274 0.14 11.03 57.04
N GLN C 275 -1.05 10.83 56.50
CA GLN C 275 -2.28 11.33 57.13
C GLN C 275 -2.55 10.62 58.44
N HIS C 276 -2.36 9.31 58.44
CA HIS C 276 -2.57 8.46 59.61
C HIS C 276 -1.62 8.81 60.71
N PHE C 277 -0.33 8.82 60.40
CA PHE C 277 0.69 9.16 61.39
C PHE C 277 0.72 10.65 61.68
N GLY C 278 0.00 11.41 60.86
CA GLY C 278 -0.26 12.79 61.15
C GLY C 278 0.91 13.72 61.00
N PHE C 279 1.63 13.59 59.90
CA PHE C 279 2.60 14.61 59.52
C PHE C 279 2.27 15.16 58.15
N GLN C 280 2.78 16.36 57.86
CA GLN C 280 2.55 17.04 56.59
CA GLN C 280 2.54 17.03 56.58
C GLN C 280 3.84 17.08 55.76
N PRO C 281 3.97 16.17 54.78
CA PRO C 281 5.15 16.22 53.96
C PRO C 281 5.07 17.34 52.92
N ASP C 282 6.21 17.71 52.34
CA ASP C 282 6.29 18.72 51.31
C ASP C 282 6.07 18.10 49.91
N LEU C 283 6.36 16.80 49.81
CA LEU C 283 6.14 16.04 48.57
C LEU C 283 5.91 14.62 49.00
N PHE C 284 5.24 13.86 48.15
CA PHE C 284 5.24 12.43 48.31
C PHE C 284 5.22 11.69 46.98
N THR C 285 5.80 10.50 47.00
CA THR C 285 5.97 9.62 45.86
C THR C 285 4.96 8.49 45.91
N ALA C 286 4.50 8.10 44.74
CA ALA C 286 3.37 7.16 44.65
C ALA C 286 3.54 6.29 43.44
N ALA C 287 3.03 5.06 43.54
CA ALA C 287 2.87 4.11 42.42
C ALA C 287 1.94 3.02 42.89
N LYS C 288 2.23 1.78 42.51
CA LYS C 288 1.52 0.59 43.07
C LYS C 288 0.01 0.78 43.11
N GLY C 289 -0.54 1.17 44.26
CA GLY C 289 -1.99 1.32 44.45
C GLY C 289 -2.67 2.39 43.61
N LEU C 290 -1.90 3.35 43.11
CA LEU C 290 -2.42 4.34 42.18
C LEU C 290 -3.25 3.72 41.03
N SER C 291 -2.79 2.60 40.48
CA SER C 291 -3.55 1.88 39.45
C SER C 291 -3.95 0.48 39.89
N SER C 292 -3.80 0.20 41.19
CA SER C 292 -3.87 -1.19 41.68
C SER C 292 -3.00 -2.15 40.84
N GLY C 293 -1.90 -1.62 40.29
CA GLY C 293 -1.00 -2.44 39.51
C GLY C 293 -1.50 -2.85 38.13
N TYR C 294 -2.69 -2.40 37.73
CA TYR C 294 -3.28 -2.87 36.45
C TYR C 294 -2.50 -2.40 35.24
N LEU C 295 -1.87 -1.24 35.37
CA LEU C 295 -0.93 -0.74 34.39
C LEU C 295 0.13 0.05 35.13
N PRO C 296 1.34 0.17 34.50
CA PRO C 296 2.42 0.93 35.15
C PRO C 296 2.18 2.42 35.15
N ILE C 297 2.19 3.04 36.33
CA ILE C 297 2.13 4.51 36.44
C ILE C 297 2.57 4.87 37.86
N GLY C 298 3.37 5.93 37.99
CA GLY C 298 3.73 6.47 39.28
C GLY C 298 3.55 7.97 39.23
N ALA C 299 3.75 8.62 40.38
CA ALA C 299 3.57 10.07 40.48
C ALA C 299 4.40 10.64 41.60
N VAL C 300 4.76 11.91 41.44
CA VAL C 300 5.23 12.74 42.54
C VAL C 300 4.17 13.80 42.78
N PHE C 301 3.65 13.81 44.00
CA PHE C 301 2.64 14.77 44.41
C PHE C 301 3.41 15.90 45.06
N VAL C 302 3.26 17.09 44.52
CA VAL C 302 4.13 18.20 44.84
C VAL C 302 3.31 19.23 45.61
N GLY C 303 3.69 19.47 46.85
CA GLY C 303 3.04 20.46 47.67
C GLY C 303 3.29 21.87 47.20
N LYS C 304 2.53 22.78 47.79
CA LYS C 304 2.50 24.16 47.34
CA LYS C 304 2.50 24.17 47.35
C LYS C 304 3.87 24.84 47.28
N ARG C 305 4.65 24.72 48.36
CA ARG C 305 5.93 25.40 48.49
C ARG C 305 6.91 24.98 47.40
N VAL C 306 7.06 23.67 47.22
CA VAL C 306 8.01 23.16 46.25
C VAL C 306 7.48 23.35 44.83
N ALA C 307 6.17 23.15 44.62
CA ALA C 307 5.54 23.52 43.34
C ALA C 307 5.86 24.95 42.90
N GLU C 308 5.69 25.91 43.81
CA GLU C 308 5.96 27.31 43.53
CA GLU C 308 5.97 27.31 43.52
C GLU C 308 7.43 27.52 43.16
N GLY C 309 8.30 26.83 43.88
CA GLY C 309 9.75 26.90 43.63
C GLY C 309 10.09 26.35 42.24
N LEU C 310 9.59 25.16 41.93
CA LEU C 310 9.84 24.56 40.62
C LEU C 310 9.31 25.44 39.48
N ILE C 311 8.11 25.96 39.63
CA ILE C 311 7.51 26.85 38.63
C ILE C 311 8.35 28.12 38.46
N ALA C 312 8.96 28.61 39.55
CA ALA C 312 9.80 29.81 39.45
C ALA C 312 11.16 29.52 38.83
N GLY C 313 11.46 28.23 38.62
CA GLY C 313 12.73 27.83 38.02
C GLY C 313 12.68 27.45 36.55
N GLY C 314 11.79 28.06 35.77
CA GLY C 314 11.81 27.85 34.31
C GLY C 314 11.70 26.39 33.94
N ASP C 315 12.54 25.94 33.00
CA ASP C 315 12.51 24.54 32.54
C ASP C 315 12.89 23.55 33.63
N PHE C 316 12.15 22.45 33.73
CA PHE C 316 12.57 21.35 34.58
C PHE C 316 12.95 20.23 33.62
N ASN C 317 14.25 20.02 33.46
CA ASN C 317 14.83 19.14 32.40
C ASN C 317 14.85 17.68 32.84
N HIS C 318 13.65 17.12 32.88
CA HIS C 318 13.39 15.83 33.53
C HIS C 318 12.09 15.29 33.00
N GLY C 319 12.04 13.98 32.86
CA GLY C 319 10.81 13.25 32.56
C GLY C 319 11.03 12.05 31.63
N PHE C 320 9.93 11.30 31.43
CA PHE C 320 9.95 10.00 30.73
C PHE C 320 8.96 10.02 29.61
N THR C 321 9.33 9.32 28.54
CA THR C 321 8.55 9.24 27.34
C THR C 321 7.08 8.94 27.67
N TYR C 322 6.86 7.99 28.57
CA TYR C 322 5.53 7.53 28.92
C TYR C 322 4.92 8.23 30.13
N SER C 323 5.54 9.32 30.60
CA SER C 323 4.95 10.17 31.63
C SER C 323 3.56 10.58 31.18
N GLY C 324 2.54 10.30 32.02
CA GLY C 324 1.18 10.69 31.69
C GLY C 324 0.49 9.80 30.67
N HIS C 325 1.06 8.63 30.37
CA HIS C 325 0.56 7.74 29.31
C HIS C 325 -0.96 7.64 29.35
N PRO C 326 -1.64 7.92 28.22
CA PRO C 326 -3.12 7.97 28.20
C PRO C 326 -3.81 6.72 28.79
N VAL C 327 -3.32 5.54 28.35
CA VAL C 327 -4.00 4.29 28.72
C VAL C 327 -3.79 4.05 30.22
N CYS C 328 -2.55 4.18 30.69
CA CYS C 328 -2.25 4.08 32.12
C CYS C 328 -3.05 5.09 32.94
N ALA C 329 -3.18 6.32 32.43
CA ALA C 329 -3.91 7.39 33.12
C ALA C 329 -5.42 7.06 33.18
N ALA C 330 -5.95 6.47 32.11
CA ALA C 330 -7.37 6.09 32.08
C ALA C 330 -7.67 5.02 33.13
N VAL C 331 -6.77 4.05 33.24
CA VAL C 331 -6.93 2.95 34.20
C VAL C 331 -6.77 3.44 35.65
N ALA C 332 -5.71 4.24 35.90
CA ALA C 332 -5.53 4.90 37.19
C ALA C 332 -6.74 5.74 37.58
N HIS C 333 -7.28 6.50 36.61
CA HIS C 333 -8.52 7.22 36.85
C HIS C 333 -9.65 6.31 37.29
N ALA C 334 -9.86 5.19 36.59
CA ALA C 334 -10.94 4.27 37.00
C ALA C 334 -10.67 3.67 38.38
N ASN C 335 -9.39 3.43 38.69
CA ASN C 335 -9.01 2.84 39.97
C ASN C 335 -9.22 3.83 41.11
N VAL C 336 -8.74 5.06 40.96
CA VAL C 336 -8.89 6.07 42.00
C VAL C 336 -10.37 6.36 42.27
N ALA C 337 -11.12 6.53 41.20
CA ALA C 337 -12.53 6.83 41.31
C ALA C 337 -13.24 5.67 42.00
N ALA C 338 -12.82 4.44 41.71
CA ALA C 338 -13.40 3.28 42.38
C ALA C 338 -13.05 3.25 43.87
N LEU C 339 -11.80 3.62 44.21
CA LEU C 339 -11.39 3.56 45.61
C LEU C 339 -12.23 4.54 46.44
N ARG C 340 -12.53 5.71 45.87
CA ARG C 340 -13.42 6.70 46.47
C ARG C 340 -14.89 6.29 46.41
N ASP C 341 -15.42 6.19 45.18
CA ASP C 341 -16.86 6.03 44.95
C ASP C 341 -17.45 4.75 45.49
N GLU C 342 -16.70 3.65 45.44
CA GLU C 342 -17.16 2.38 45.96
C GLU C 342 -16.79 2.22 47.44
N GLY C 343 -16.33 3.31 48.06
CA GLY C 343 -16.04 3.37 49.49
C GLY C 343 -15.04 2.33 49.97
N ILE C 344 -14.09 1.97 49.10
CA ILE C 344 -13.06 0.99 49.45
C ILE C 344 -12.12 1.55 50.51
N VAL C 345 -11.69 2.80 50.36
CA VAL C 345 -10.76 3.39 51.34
C VAL C 345 -11.47 3.61 52.68
N GLN C 346 -12.62 4.28 52.66
CA GLN C 346 -13.38 4.52 53.90
C GLN C 346 -13.66 3.22 54.66
N ARG C 347 -13.91 2.15 53.91
CA ARG C 347 -14.10 0.81 54.46
C ARG C 347 -12.87 0.23 55.14
N VAL C 348 -11.70 0.65 54.69
CA VAL C 348 -10.48 0.27 55.39
C VAL C 348 -10.46 0.97 56.74
N LYS C 349 -10.73 2.27 56.75
CA LYS C 349 -10.71 3.06 57.99
C LYS C 349 -11.71 2.55 59.03
N ASP C 350 -12.98 2.40 58.63
CA ASP C 350 -14.13 2.12 59.52
CA ASP C 350 -14.02 2.08 59.62
C ASP C 350 -14.58 0.66 59.64
N ASP C 351 -14.06 -0.24 58.82
CA ASP C 351 -14.60 -1.62 58.83
C ASP C 351 -13.59 -2.79 58.77
N ILE C 352 -13.05 -3.05 57.58
CA ILE C 352 -12.16 -4.19 57.38
CA ILE C 352 -12.16 -4.19 57.36
C ILE C 352 -10.80 -3.97 58.02
N GLY C 353 -10.41 -2.71 58.19
CA GLY C 353 -9.15 -2.39 58.83
C GLY C 353 -9.17 -2.83 60.27
N PRO C 354 -10.03 -2.20 61.10
CA PRO C 354 -10.16 -2.59 62.49
C PRO C 354 -10.41 -4.07 62.66
N TYR C 355 -11.27 -4.66 61.85
CA TYR C 355 -11.45 -6.12 61.92
C TYR C 355 -10.15 -6.88 61.69
N MET C 356 -9.46 -6.58 60.59
CA MET C 356 -8.15 -7.17 60.30
C MET C 356 -7.12 -6.98 61.44
N GLN C 357 -7.12 -5.80 62.03
CA GLN C 357 -6.16 -5.44 63.10
C GLN C 357 -6.48 -6.10 64.43
N LYS C 358 -7.75 -6.06 64.82
CA LYS C 358 -8.23 -6.82 65.97
C LYS C 358 -7.93 -8.30 65.77
N ARG C 359 -8.33 -8.83 64.62
CA ARG C 359 -8.19 -10.24 64.27
C ARG C 359 -6.74 -10.72 64.14
N TRP C 360 -5.88 -9.87 63.59
CA TRP C 360 -4.44 -10.14 63.44
C TRP C 360 -3.80 -10.41 64.77
N ARG C 361 -4.07 -9.53 65.74
CA ARG C 361 -3.52 -9.66 67.08
C ARG C 361 -3.94 -10.96 67.78
N GLU C 362 -5.21 -11.36 67.62
CA GLU C 362 -5.74 -12.61 68.21
CA GLU C 362 -5.66 -12.59 68.27
C GLU C 362 -5.07 -13.86 67.62
N THR C 363 -4.75 -13.77 66.33
CA THR C 363 -4.26 -14.92 65.57
C THR C 363 -2.82 -15.36 65.87
N PHE C 364 -1.93 -14.38 66.06
CA PHE C 364 -0.51 -14.70 66.13
C PHE C 364 0.18 -14.51 67.49
N SER C 365 -0.42 -13.72 68.36
CA SER C 365 0.12 -13.48 69.71
CA SER C 365 0.11 -13.48 69.70
C SER C 365 0.16 -14.75 70.56
N ARG C 366 -0.23 -15.88 69.98
CA ARG C 366 -0.21 -17.17 70.66
C ARG C 366 1.13 -17.87 70.58
N PHE C 367 1.71 -17.92 69.38
CA PHE C 367 2.92 -18.71 69.12
C PHE C 367 4.14 -18.23 69.90
N GLU C 368 5.05 -19.16 70.20
CA GLU C 368 6.21 -18.86 71.03
C GLU C 368 7.31 -18.13 70.28
N HIS C 369 7.55 -18.54 69.03
CA HIS C 369 8.55 -17.90 68.17
C HIS C 369 7.94 -16.85 67.30
N VAL C 370 6.99 -16.10 67.84
CA VAL C 370 6.31 -15.00 67.12
C VAL C 370 6.06 -13.80 68.07
N ASP C 371 6.65 -12.65 67.76
CA ASP C 371 6.37 -11.42 68.53
C ASP C 371 6.32 -10.14 67.67
N ASP C 372 6.07 -9.02 68.35
CA ASP C 372 5.90 -7.69 67.74
C ASP C 372 4.78 -7.69 66.71
N VAL C 373 3.61 -8.17 67.15
CA VAL C 373 2.40 -8.24 66.33
C VAL C 373 1.86 -6.83 66.15
N ARG C 374 1.79 -6.41 64.89
CA ARG C 374 1.59 -4.99 64.55
C ARG C 374 0.78 -4.81 63.27
N GLY C 375 0.27 -3.59 63.07
CA GLY C 375 -0.40 -3.23 61.83
C GLY C 375 -1.37 -2.08 61.93
N VAL C 376 -1.80 -1.57 60.78
CA VAL C 376 -2.86 -0.56 60.71
C VAL C 376 -3.47 -0.70 59.33
N GLY C 377 -4.80 -0.56 59.27
CA GLY C 377 -5.52 -0.72 58.02
C GLY C 377 -5.42 -2.13 57.48
N MET C 378 -4.85 -2.28 56.29
CA MET C 378 -4.63 -3.62 55.71
C MET C 378 -3.14 -3.90 55.47
N VAL C 379 -2.29 -3.28 56.29
CA VAL C 379 -0.91 -3.72 56.38
C VAL C 379 -0.59 -4.14 57.81
N GLN C 380 -0.14 -5.37 57.92
CA GLN C 380 0.17 -5.96 59.22
C GLN C 380 1.34 -6.93 59.11
N ALA C 381 1.99 -7.22 60.24
CA ALA C 381 3.13 -8.13 60.27
C ALA C 381 3.42 -8.71 61.65
N PHE C 382 4.34 -9.68 61.66
CA PHE C 382 5.00 -10.20 62.87
C PHE C 382 6.45 -10.62 62.58
N THR C 383 7.21 -10.96 63.62
CA THR C 383 8.60 -11.40 63.43
C THR C 383 8.85 -12.75 64.10
N LEU C 384 9.56 -13.62 63.37
CA LEU C 384 9.97 -14.91 63.88
C LEU C 384 11.26 -14.74 64.70
N VAL C 385 11.19 -15.10 65.97
CA VAL C 385 12.30 -14.94 66.91
C VAL C 385 12.83 -16.30 67.40
N LYS C 386 14.05 -16.33 67.94
CA LYS C 386 14.55 -17.54 68.57
C LYS C 386 14.07 -17.64 70.02
N ASN C 387 14.31 -16.59 70.80
CA ASN C 387 13.84 -16.50 72.18
C ASN C 387 13.00 -15.24 72.33
N LYS C 388 11.73 -15.42 72.65
CA LYS C 388 10.79 -14.31 72.80
C LYS C 388 11.04 -13.52 74.08
N ALA C 389 11.32 -14.23 75.17
CA ALA C 389 11.51 -13.62 76.49
C ALA C 389 12.65 -12.63 76.50
N LYS C 390 13.75 -12.99 75.84
CA LYS C 390 14.95 -12.17 75.82
C LYS C 390 14.97 -11.23 74.61
N ARG C 391 13.95 -11.38 73.75
CA ARG C 391 13.84 -10.66 72.48
C ARG C 391 15.02 -11.01 71.56
N GLU C 392 15.41 -12.27 71.65
CA GLU C 392 16.54 -12.81 70.92
C GLU C 392 16.08 -13.28 69.54
N LEU C 393 16.87 -12.93 68.54
CA LEU C 393 16.54 -13.22 67.17
C LEU C 393 17.36 -14.40 66.68
N PHE C 394 16.91 -15.02 65.59
CA PHE C 394 17.70 -16.03 64.92
C PHE C 394 19.02 -15.44 64.40
N PRO C 395 20.10 -16.24 64.42
CA PRO C 395 21.44 -15.77 64.03
C PRO C 395 21.48 -15.15 62.64
N ASP C 396 21.17 -15.93 61.61
CA ASP C 396 21.29 -15.47 60.23
C ASP C 396 20.01 -14.83 59.72
N PHE C 397 19.52 -13.83 60.45
CA PHE C 397 18.29 -13.09 60.15
C PHE C 397 17.88 -13.15 58.68
N GLY C 398 16.97 -14.08 58.37
CA GLY C 398 16.52 -14.29 56.98
C GLY C 398 16.35 -15.74 56.57
N GLU C 399 17.22 -16.61 57.08
CA GLU C 399 17.24 -18.01 56.67
C GLU C 399 16.02 -18.77 57.20
N ILE C 400 15.49 -18.30 58.33
CA ILE C 400 14.33 -18.88 58.97
C ILE C 400 13.04 -18.41 58.29
N GLY C 401 13.01 -17.12 57.92
CA GLY C 401 11.90 -16.53 57.19
C GLY C 401 11.69 -17.20 55.84
N THR C 402 12.81 -17.53 55.17
CA THR C 402 12.79 -18.24 53.88
C THR C 402 12.16 -19.63 53.99
N LEU C 403 12.53 -20.35 55.05
CA LEU C 403 11.98 -21.67 55.36
C LEU C 403 10.46 -21.60 55.57
N CYS C 404 10.02 -20.59 56.30
CA CYS C 404 8.60 -20.33 56.55
C CYS C 404 7.83 -19.92 55.28
N ARG C 405 8.48 -19.15 54.40
CA ARG C 405 7.88 -18.71 53.16
C ARG C 405 7.67 -19.87 52.17
N ASP C 406 8.63 -20.79 52.11
CA ASP C 406 8.52 -21.99 51.27
C ASP C 406 7.32 -22.81 51.74
N ILE C 407 7.13 -22.84 53.06
CA ILE C 407 5.96 -23.42 53.72
C ILE C 407 4.67 -22.78 53.21
N PHE C 408 4.59 -21.45 53.33
CA PHE C 408 3.44 -20.66 52.90
C PHE C 408 3.08 -20.94 51.43
N PHE C 409 4.07 -20.79 50.55
CA PHE C 409 3.90 -20.98 49.11
C PHE C 409 3.54 -22.42 48.77
N ARG C 410 4.11 -23.36 49.53
CA ARG C 410 3.76 -24.78 49.43
C ARG C 410 2.27 -24.99 49.67
N ASN C 411 1.73 -24.28 50.65
CA ASN C 411 0.32 -24.38 51.01
C ASN C 411 -0.59 -23.38 50.29
N ASN C 412 -0.16 -22.96 49.10
CA ASN C 412 -0.89 -22.01 48.22
C ASN C 412 -1.37 -20.73 48.91
N LEU C 413 -0.50 -20.11 49.68
CA LEU C 413 -0.77 -18.80 50.25
C LEU C 413 0.44 -17.90 50.06
N ILE C 414 0.19 -16.67 49.61
CA ILE C 414 1.28 -15.72 49.44
CA ILE C 414 1.28 -15.71 49.42
C ILE C 414 1.37 -14.73 50.59
N MET C 415 2.47 -14.87 51.33
CA MET C 415 2.84 -13.94 52.38
CA MET C 415 2.84 -13.99 52.42
C MET C 415 4.36 -13.93 52.33
N ARG C 416 4.93 -12.73 52.40
CA ARG C 416 6.35 -12.66 52.15
CA ARG C 416 6.36 -12.53 52.12
C ARG C 416 7.22 -12.44 53.39
N ALA C 417 8.46 -12.91 53.26
CA ALA C 417 9.44 -12.84 54.32
C ALA C 417 10.43 -11.74 54.01
N CYS C 418 10.57 -10.82 54.96
CA CYS C 418 11.53 -9.74 54.89
C CYS C 418 12.57 -10.03 55.97
N GLY C 419 13.66 -10.69 55.57
CA GLY C 419 14.52 -11.43 56.52
C GLY C 419 13.60 -12.42 57.24
N ASP C 420 13.48 -12.24 58.56
CA ASP C 420 12.64 -13.09 59.42
C ASP C 420 11.31 -12.43 59.80
N HIS C 421 11.05 -11.24 59.27
CA HIS C 421 9.72 -10.61 59.35
C HIS C 421 8.79 -11.31 58.38
N ILE C 422 7.55 -11.56 58.80
CA ILE C 422 6.51 -12.03 57.88
C ILE C 422 5.52 -10.89 57.72
N VAL C 423 5.20 -10.55 56.46
CA VAL C 423 4.36 -9.39 56.18
C VAL C 423 3.17 -9.76 55.29
N SER C 424 2.12 -8.95 55.41
CA SER C 424 0.90 -9.11 54.61
C SER C 424 0.29 -7.77 54.26
N ALA C 425 -0.15 -7.66 53.01
CA ALA C 425 -0.81 -6.48 52.49
C ALA C 425 -1.81 -6.94 51.44
N PRO C 426 -2.94 -7.54 51.88
CA PRO C 426 -3.85 -8.09 50.90
C PRO C 426 -4.64 -7.00 50.15
N PRO C 427 -5.37 -7.39 49.10
CA PRO C 427 -6.27 -6.43 48.44
C PRO C 427 -7.21 -5.78 49.48
N LEU C 428 -7.42 -4.48 49.37
CA LEU C 428 -8.24 -3.72 50.32
C LEU C 428 -9.71 -4.23 50.40
N VAL C 429 -10.14 -4.93 49.35
CA VAL C 429 -11.54 -5.36 49.19
C VAL C 429 -11.82 -6.70 49.89
N MET C 430 -10.76 -7.36 50.38
CA MET C 430 -10.89 -8.64 51.07
C MET C 430 -12.08 -8.60 52.05
N THR C 431 -12.88 -9.66 52.04
CA THR C 431 -14.04 -9.73 52.92
C THR C 431 -13.60 -10.28 54.27
N ARG C 432 -14.44 -10.09 55.29
CA ARG C 432 -14.24 -10.67 56.64
C ARG C 432 -14.07 -12.18 56.57
N ALA C 433 -14.94 -12.83 55.81
CA ALA C 433 -14.79 -14.25 55.53
C ALA C 433 -13.44 -14.55 54.89
N GLU C 434 -12.98 -13.66 54.02
CA GLU C 434 -11.69 -13.88 53.37
C GLU C 434 -10.53 -13.65 54.34
N VAL C 435 -10.66 -12.63 55.20
CA VAL C 435 -9.68 -12.38 56.27
C VAL C 435 -9.51 -13.64 57.12
N ASP C 436 -10.62 -14.27 57.50
CA ASP C 436 -10.61 -15.51 58.30
C ASP C 436 -10.06 -16.74 57.56
N GLU C 437 -10.38 -16.88 56.28
CA GLU C 437 -9.89 -17.99 55.46
C GLU C 437 -8.36 -17.92 55.30
N MET C 438 -7.84 -16.70 55.17
CA MET C 438 -6.40 -16.53 55.00
C MET C 438 -5.69 -16.79 56.33
N LEU C 439 -6.21 -16.20 57.40
CA LEU C 439 -5.62 -16.32 58.74
C LEU C 439 -5.60 -17.76 59.26
N ALA C 440 -6.54 -18.59 58.78
CA ALA C 440 -6.59 -20.01 59.15
C ALA C 440 -5.49 -20.82 58.48
N VAL C 441 -5.19 -20.51 57.22
CA VAL C 441 -4.13 -21.21 56.48
C VAL C 441 -2.77 -20.87 57.09
N ALA C 442 -2.57 -19.58 57.39
CA ALA C 442 -1.34 -19.10 58.03
C ALA C 442 -1.12 -19.79 59.37
N GLU C 443 -2.14 -19.78 60.23
CA GLU C 443 -2.13 -20.47 61.52
C GLU C 443 -1.61 -21.92 61.40
N ARG C 444 -2.18 -22.69 60.48
CA ARG C 444 -1.75 -24.07 60.25
C ARG C 444 -0.33 -24.14 59.68
N CYS C 445 0.04 -23.14 58.88
CA CYS C 445 1.38 -23.06 58.32
C CYS C 445 2.40 -22.81 59.43
N LEU C 446 1.99 -22.07 60.46
CA LEU C 446 2.86 -21.75 61.59
C LEU C 446 3.11 -22.93 62.52
N GLU C 447 2.07 -23.71 62.84
CA GLU C 447 2.25 -24.87 63.70
C GLU C 447 2.76 -26.10 62.94
N GLU C 448 3.08 -25.92 61.65
CA GLU C 448 3.91 -26.86 60.92
C GLU C 448 5.35 -26.38 61.01
N PHE C 449 5.51 -25.06 60.99
CA PHE C 449 6.82 -24.41 61.15
C PHE C 449 7.38 -24.63 62.56
N GLU C 450 6.58 -24.32 63.59
CA GLU C 450 7.00 -24.50 64.97
C GLU C 450 7.20 -25.96 65.40
N GLN C 451 6.96 -26.88 64.46
CA GLN C 451 7.31 -28.28 64.64
C GLN C 451 8.48 -28.66 63.74
N THR C 452 8.61 -27.96 62.61
CA THR C 452 9.80 -28.08 61.78
C THR C 452 11.01 -27.56 62.57
N LEU C 453 10.76 -26.66 63.52
CA LEU C 453 11.80 -26.23 64.46
C LEU C 453 12.27 -27.43 65.29
N LYS C 454 11.60 -27.68 66.41
CA LYS C 454 11.88 -28.81 67.30
C LYS C 454 12.70 -29.91 66.64
N ALA C 455 12.10 -30.59 65.66
CA ALA C 455 12.70 -31.71 64.93
C ALA C 455 14.22 -31.63 64.74
N ARG C 456 14.67 -30.72 63.87
CA ARG C 456 16.11 -30.56 63.59
C ARG C 456 16.93 -30.08 64.79
N GLY C 457 16.40 -29.11 65.53
CA GLY C 457 17.09 -28.53 66.68
C GLY C 457 17.44 -27.07 66.46
N LEU C 458 16.41 -26.25 66.27
CA LEU C 458 16.58 -24.82 66.02
C LEU C 458 15.73 -23.98 67.00
N ALA C 459 15.00 -24.67 67.87
CA ALA C 459 14.04 -24.03 68.78
C ALA C 459 14.65 -23.66 70.13
N ARG D 5 -32.59 15.31 -43.90
CA ARG D 5 -31.85 16.54 -43.47
C ARG D 5 -31.12 17.17 -44.65
N THR D 6 -30.96 18.50 -44.61
CA THR D 6 -30.25 19.22 -45.67
C THR D 6 -28.73 19.02 -45.53
N THR D 7 -27.99 19.53 -46.52
CA THR D 7 -26.53 19.52 -46.50
C THR D 7 -25.97 20.18 -45.22
N SER D 8 -26.33 21.45 -45.02
CA SER D 8 -25.88 22.21 -43.84
C SER D 8 -26.26 21.53 -42.52
N GLN D 9 -27.42 20.88 -42.49
CA GLN D 9 -27.88 20.15 -41.32
C GLN D 9 -26.96 18.97 -40.99
N TRP D 10 -26.65 18.17 -42.01
CA TRP D 10 -25.73 17.03 -41.84
C TRP D 10 -24.35 17.46 -41.45
N ARG D 11 -23.85 18.50 -42.10
CA ARG D 11 -22.50 19.04 -41.84
C ARG D 11 -22.32 19.52 -40.40
N GLU D 12 -23.33 20.23 -39.91
CA GLU D 12 -23.32 20.77 -38.54
C GLU D 12 -23.26 19.64 -37.50
N LEU D 13 -24.10 18.62 -37.65
CA LEU D 13 -24.08 17.45 -36.75
C LEU D 13 -22.76 16.67 -36.85
N ASP D 14 -22.22 16.51 -38.06
CA ASP D 14 -20.92 15.86 -38.22
C ASP D 14 -19.78 16.57 -37.47
N ALA D 15 -19.71 17.90 -37.59
CA ALA D 15 -18.72 18.72 -36.88
C ALA D 15 -18.92 18.64 -35.36
N ALA D 16 -20.18 18.55 -34.95
CA ALA D 16 -20.53 18.52 -33.53
C ALA D 16 -20.26 17.18 -32.86
N HIS D 17 -20.28 16.10 -33.65
CA HIS D 17 -20.33 14.76 -33.04
C HIS D 17 -19.36 13.70 -33.53
N HIS D 18 -18.68 13.92 -34.65
CA HIS D 18 -17.92 12.86 -35.36
C HIS D 18 -16.44 13.19 -35.49
N LEU D 19 -15.59 12.29 -34.98
CA LEU D 19 -14.13 12.43 -35.13
C LEU D 19 -13.72 11.43 -36.20
N HIS D 20 -13.08 11.90 -37.27
CA HIS D 20 -12.85 11.07 -38.45
C HIS D 20 -11.46 10.50 -38.46
N PRO D 21 -11.29 9.33 -39.11
CA PRO D 21 -9.94 8.79 -39.30
C PRO D 21 -9.05 9.73 -40.14
N PHE D 22 -7.79 9.84 -39.75
CA PHE D 22 -6.74 10.48 -40.57
C PHE D 22 -7.12 11.87 -41.07
N THR D 23 -7.60 12.69 -40.14
CA THR D 23 -8.17 13.99 -40.48
CA THR D 23 -8.22 13.97 -40.46
C THR D 23 -7.74 15.05 -39.48
N ASP D 24 -7.64 16.29 -39.99
CA ASP D 24 -7.46 17.47 -39.17
C ASP D 24 -8.89 17.94 -38.88
N THR D 25 -9.41 17.54 -37.72
CA THR D 25 -10.79 17.81 -37.32
C THR D 25 -11.17 19.30 -37.34
N ALA D 26 -10.31 20.15 -36.77
CA ALA D 26 -10.56 21.60 -36.75
C ALA D 26 -10.86 22.13 -38.15
N SER D 27 -10.05 21.72 -39.12
CA SER D 27 -10.15 22.25 -40.49
C SER D 27 -11.26 21.58 -41.33
N LEU D 28 -11.54 20.30 -41.07
CA LEU D 28 -12.74 19.65 -41.64
C LEU D 28 -14.03 20.30 -41.12
N ASN D 29 -14.07 20.59 -39.81
CA ASN D 29 -15.23 21.27 -39.21
C ASN D 29 -15.45 22.69 -39.75
N GLN D 30 -14.34 23.41 -39.97
CA GLN D 30 -14.40 24.75 -40.53
C GLN D 30 -14.86 24.76 -41.99
N ALA D 31 -14.40 23.77 -42.77
CA ALA D 31 -14.74 23.69 -44.20
C ALA D 31 -16.13 23.10 -44.46
N GLY D 32 -16.51 22.12 -43.63
CA GLY D 32 -17.74 21.36 -43.84
C GLY D 32 -17.43 20.05 -44.56
N ALA D 33 -17.97 18.96 -44.06
CA ALA D 33 -17.71 17.63 -44.64
C ALA D 33 -18.59 17.37 -45.87
N ARG D 34 -18.01 16.76 -46.89
CA ARG D 34 -18.76 16.34 -48.06
C ARG D 34 -19.60 15.12 -47.69
N VAL D 35 -20.92 15.19 -47.87
CA VAL D 35 -21.84 14.12 -47.43
C VAL D 35 -22.27 13.17 -48.57
N MET D 36 -21.67 11.97 -48.56
CA MET D 36 -22.01 10.92 -49.52
CA MET D 36 -21.97 10.90 -49.50
C MET D 36 -23.29 10.24 -49.09
N THR D 37 -24.24 10.11 -50.01
CA THR D 37 -25.56 9.58 -49.65
C THR D 37 -25.90 8.21 -50.23
N ARG D 38 -25.67 8.04 -51.54
CA ARG D 38 -25.97 6.78 -52.23
CA ARG D 38 -25.97 6.78 -52.22
C ARG D 38 -24.94 6.45 -53.31
N GLY D 39 -24.86 5.18 -53.66
CA GLY D 39 -23.95 4.74 -54.73
C GLY D 39 -24.56 3.70 -55.65
N GLU D 40 -24.19 3.77 -56.92
CA GLU D 40 -24.59 2.77 -57.90
C GLU D 40 -23.44 2.47 -58.85
N GLY D 41 -23.11 1.19 -58.98
CA GLY D 41 -22.06 0.77 -59.90
C GLY D 41 -20.72 1.33 -59.50
N VAL D 42 -20.25 2.34 -60.26
CA VAL D 42 -18.98 3.03 -60.01
C VAL D 42 -19.20 4.48 -59.62
N TYR D 43 -20.48 4.87 -59.54
CA TYR D 43 -20.84 6.24 -59.25
C TYR D 43 -21.39 6.40 -57.84
N LEU D 44 -21.16 7.59 -57.30
CA LEU D 44 -21.76 8.05 -56.07
C LEU D 44 -22.61 9.28 -56.37
N TRP D 45 -23.66 9.45 -55.58
CA TRP D 45 -24.39 10.71 -55.51
C TRP D 45 -24.25 11.29 -54.13
N ASP D 46 -24.04 12.60 -54.06
CA ASP D 46 -23.87 13.26 -52.76
C ASP D 46 -25.07 14.12 -52.31
N SER D 47 -24.98 14.65 -51.09
CA SER D 47 -26.01 15.47 -50.47
CA SER D 47 -26.07 15.43 -50.50
C SER D 47 -26.43 16.69 -51.32
N GLU D 48 -25.63 16.99 -52.33
CA GLU D 48 -25.86 18.12 -53.23
C GLU D 48 -26.28 17.64 -54.63
N GLY D 49 -26.46 16.32 -54.78
CA GLY D 49 -26.95 15.73 -56.02
C GLY D 49 -25.97 15.74 -57.18
N ASN D 50 -24.68 15.76 -56.88
CA ASN D 50 -23.64 15.62 -57.89
C ASN D 50 -23.43 14.15 -58.24
N LYS D 51 -23.18 13.85 -59.52
CA LYS D 51 -22.75 12.51 -59.91
C LYS D 51 -21.21 12.41 -59.90
N ILE D 52 -20.69 11.66 -58.92
CA ILE D 52 -19.25 11.58 -58.70
C ILE D 52 -18.74 10.21 -59.17
N ILE D 53 -17.66 10.22 -59.95
CA ILE D 53 -17.03 8.98 -60.39
C ILE D 53 -16.07 8.49 -59.28
N ASP D 54 -16.30 7.26 -58.78
CA ASP D 54 -15.49 6.72 -57.70
C ASP D 54 -14.35 5.82 -58.16
N GLY D 55 -13.27 6.46 -58.58
CA GLY D 55 -12.06 5.76 -59.00
C GLY D 55 -11.20 5.30 -57.84
N MET D 56 -11.75 5.28 -56.63
CA MET D 56 -11.06 4.72 -55.47
C MET D 56 -11.83 3.58 -54.81
N ALA D 57 -13.02 3.26 -55.37
CA ALA D 57 -13.82 2.14 -54.88
C ALA D 57 -13.93 2.15 -53.35
N GLY D 58 -14.51 3.24 -52.85
CA GLY D 58 -14.64 3.46 -51.41
C GLY D 58 -13.30 3.82 -50.81
N LEU D 59 -12.62 2.82 -50.27
CA LEU D 59 -11.25 2.98 -49.81
C LEU D 59 -10.47 1.76 -50.27
N TRP D 60 -10.20 1.76 -51.58
CA TRP D 60 -9.59 0.63 -52.30
C TRP D 60 -10.32 -0.66 -52.17
N CYS D 61 -11.62 -0.61 -51.91
CA CYS D 61 -12.27 -1.83 -51.41
C CYS D 61 -13.60 -2.25 -52.04
N VAL D 62 -14.34 -1.33 -52.64
CA VAL D 62 -15.62 -1.63 -53.26
C VAL D 62 -15.41 -2.33 -54.61
N ASN D 63 -14.98 -3.59 -54.56
CA ASN D 63 -14.46 -4.26 -55.75
C ASN D 63 -15.52 -4.77 -56.73
N VAL D 64 -16.63 -5.30 -56.20
CA VAL D 64 -17.78 -5.70 -57.04
C VAL D 64 -18.69 -4.52 -57.39
N GLY D 65 -18.29 -3.30 -57.01
CA GLY D 65 -19.11 -2.09 -57.20
C GLY D 65 -20.25 -1.87 -56.20
N TYR D 66 -20.86 -0.69 -56.25
CA TYR D 66 -22.05 -0.35 -55.45
C TYR D 66 -23.35 -0.95 -55.99
N GLY D 67 -24.32 -1.14 -55.11
CA GLY D 67 -25.68 -1.49 -55.53
C GLY D 67 -25.92 -2.97 -55.66
N ARG D 68 -25.29 -3.78 -54.80
CA ARG D 68 -25.46 -5.22 -54.85
C ARG D 68 -26.59 -5.67 -53.92
N LYS D 69 -27.81 -5.68 -54.45
CA LYS D 69 -28.99 -6.04 -53.68
C LYS D 69 -28.93 -7.47 -53.13
N ASP D 70 -28.17 -8.33 -53.80
CA ASP D 70 -28.04 -9.71 -53.34
C ASP D 70 -27.24 -9.79 -52.04
N PHE D 71 -26.34 -8.82 -51.83
CA PHE D 71 -25.55 -8.75 -50.60
C PHE D 71 -26.41 -8.31 -49.43
N ALA D 72 -27.28 -7.33 -49.68
CA ALA D 72 -28.24 -6.85 -48.69
C ALA D 72 -29.18 -7.96 -48.25
N GLU D 73 -29.59 -8.81 -49.19
CA GLU D 73 -30.45 -9.96 -48.86
C GLU D 73 -29.72 -11.04 -48.05
N ALA D 74 -28.47 -11.35 -48.41
CA ALA D 74 -27.64 -12.28 -47.62
C ALA D 74 -27.47 -11.79 -46.17
N ALA D 75 -27.23 -10.48 -46.03
CA ALA D 75 -27.14 -9.82 -44.73
C ALA D 75 -28.45 -9.95 -43.95
N ARG D 76 -29.56 -9.53 -44.58
CA ARG D 76 -30.90 -9.63 -43.97
C ARG D 76 -31.19 -11.05 -43.50
N ARG D 77 -31.05 -12.01 -44.40
CA ARG D 77 -31.31 -13.43 -44.11
C ARG D 77 -30.52 -13.94 -42.90
N GLN D 78 -29.19 -13.71 -42.91
CA GLN D 78 -28.34 -14.16 -41.83
C GLN D 78 -28.67 -13.43 -40.55
N MET D 79 -28.92 -12.13 -40.64
CA MET D 79 -29.21 -11.36 -39.44
C MET D 79 -30.49 -11.84 -38.75
N GLU D 80 -31.44 -12.37 -39.52
CA GLU D 80 -32.70 -12.88 -38.95
C GLU D 80 -32.62 -14.25 -38.24
N GLU D 81 -31.80 -15.15 -38.77
CA GLU D 81 -31.64 -16.48 -38.20
CA GLU D 81 -31.62 -16.48 -38.21
C GLU D 81 -30.79 -16.42 -36.94
N LEU D 82 -29.61 -15.79 -37.07
CA LEU D 82 -28.66 -15.69 -35.99
C LEU D 82 -27.79 -14.49 -36.32
N PRO D 83 -28.11 -13.34 -35.71
CA PRO D 83 -27.34 -12.12 -35.98
C PRO D 83 -25.92 -12.17 -35.41
N PHE D 84 -25.73 -12.85 -34.27
CA PHE D 84 -24.41 -13.02 -33.66
C PHE D 84 -24.36 -14.30 -32.83
N TYR D 85 -23.21 -14.95 -32.86
CA TYR D 85 -22.75 -15.83 -31.80
C TYR D 85 -21.22 -15.94 -31.79
N ASN D 86 -20.64 -16.08 -30.59
CA ASN D 86 -19.19 -16.09 -30.41
C ASN D 86 -18.51 -17.39 -30.86
N THR D 87 -17.22 -17.31 -31.19
CA THR D 87 -16.42 -18.47 -31.58
C THR D 87 -15.40 -18.81 -30.49
N PHE D 88 -15.57 -18.20 -29.31
CA PHE D 88 -14.67 -18.32 -28.13
C PHE D 88 -15.00 -19.55 -27.26
N PHE D 89 -16.26 -20.00 -27.31
CA PHE D 89 -16.82 -20.90 -26.27
C PHE D 89 -16.79 -22.37 -26.62
N LYS D 90 -15.72 -22.80 -27.33
CA LYS D 90 -15.68 -24.11 -27.99
C LYS D 90 -16.94 -24.21 -28.87
N THR D 91 -17.27 -23.09 -29.50
CA THR D 91 -18.51 -22.94 -30.25
C THR D 91 -18.18 -22.44 -31.65
N THR D 92 -19.11 -22.67 -32.58
CA THR D 92 -19.03 -22.18 -33.94
C THR D 92 -20.44 -21.96 -34.49
N HIS D 93 -20.54 -21.63 -35.79
CA HIS D 93 -21.85 -21.41 -36.42
C HIS D 93 -21.73 -21.55 -37.91
N PRO D 94 -22.85 -21.90 -38.59
CA PRO D 94 -22.81 -22.25 -40.01
C PRO D 94 -22.05 -21.25 -40.89
N ALA D 95 -22.36 -19.96 -40.76
CA ALA D 95 -21.83 -18.95 -41.70
C ALA D 95 -20.30 -18.81 -41.72
N VAL D 96 -19.67 -18.86 -40.55
CA VAL D 96 -18.20 -18.78 -40.48
C VAL D 96 -17.54 -20.05 -40.99
N VAL D 97 -18.15 -21.20 -40.71
CA VAL D 97 -17.66 -22.50 -41.17
C VAL D 97 -17.73 -22.54 -42.70
N GLU D 98 -18.78 -21.95 -43.27
CA GLU D 98 -19.02 -21.97 -44.71
CA GLU D 98 -19.02 -21.98 -44.72
C GLU D 98 -18.06 -21.05 -45.46
N LEU D 99 -17.87 -19.85 -44.92
CA LEU D 99 -16.91 -18.91 -45.48
C LEU D 99 -15.51 -19.49 -45.46
N SER D 100 -15.17 -20.16 -44.36
CA SER D 100 -13.81 -20.69 -44.17
C SER D 100 -13.51 -21.74 -45.24
N SER D 101 -14.49 -22.60 -45.53
CA SER D 101 -14.37 -23.63 -46.57
CA SER D 101 -14.32 -23.63 -46.56
C SER D 101 -14.27 -23.04 -47.97
N LEU D 102 -14.98 -21.94 -48.20
CA LEU D 102 -14.96 -21.27 -49.51
C LEU D 102 -13.62 -20.58 -49.78
N LEU D 103 -13.07 -19.92 -48.76
CA LEU D 103 -11.83 -19.16 -48.92
C LEU D 103 -10.69 -20.08 -49.38
N ALA D 104 -10.62 -21.26 -48.77
CA ALA D 104 -9.56 -22.24 -49.04
C ALA D 104 -9.46 -22.67 -50.50
N GLU D 105 -10.50 -22.44 -51.28
CA GLU D 105 -10.45 -22.80 -52.71
C GLU D 105 -10.06 -21.64 -53.64
N VAL D 106 -10.16 -20.40 -53.16
CA VAL D 106 -9.76 -19.24 -53.97
C VAL D 106 -8.38 -18.70 -53.56
N THR D 107 -7.89 -19.20 -52.44
CA THR D 107 -6.57 -18.85 -51.92
C THR D 107 -5.57 -19.89 -52.41
N PRO D 108 -4.30 -19.50 -52.64
CA PRO D 108 -3.25 -20.45 -53.04
C PRO D 108 -3.19 -21.73 -52.20
N ALA D 109 -2.56 -22.76 -52.76
CA ALA D 109 -2.38 -24.04 -52.06
C ALA D 109 -1.67 -23.83 -50.73
N GLY D 110 -2.06 -24.60 -49.73
CA GLY D 110 -1.39 -24.60 -48.43
C GLY D 110 -1.91 -23.54 -47.49
N PHE D 111 -2.90 -22.78 -47.94
CA PHE D 111 -3.65 -21.87 -47.08
C PHE D 111 -5.03 -22.44 -46.76
N ASP D 112 -5.08 -23.33 -45.77
CA ASP D 112 -6.33 -24.00 -45.42
C ASP D 112 -7.00 -23.33 -44.24
N ARG D 113 -6.18 -22.66 -43.41
CA ARG D 113 -6.66 -22.11 -42.14
C ARG D 113 -6.65 -20.59 -42.11
N VAL D 114 -7.76 -20.04 -41.62
CA VAL D 114 -7.97 -18.59 -41.59
CA VAL D 114 -7.95 -18.59 -41.58
C VAL D 114 -8.35 -18.16 -40.18
N PHE D 115 -7.85 -16.99 -39.76
CA PHE D 115 -8.23 -16.40 -38.50
C PHE D 115 -8.95 -15.12 -38.90
N TYR D 116 -10.17 -14.97 -38.39
CA TYR D 116 -11.00 -13.83 -38.71
C TYR D 116 -10.83 -12.68 -37.77
N THR D 117 -10.87 -11.49 -38.35
CA THR D 117 -10.85 -10.24 -37.60
C THR D 117 -11.91 -9.31 -38.17
N ASN D 118 -11.94 -8.06 -37.72
CA ASN D 118 -12.90 -7.09 -38.23
C ASN D 118 -12.32 -6.13 -39.25
N SER D 119 -11.00 -6.10 -39.36
CA SER D 119 -10.31 -5.03 -40.08
C SER D 119 -8.92 -5.47 -40.51
N GLY D 120 -8.37 -4.79 -41.51
CA GLY D 120 -6.97 -4.99 -41.95
C GLY D 120 -5.99 -4.76 -40.82
N SER D 121 -6.24 -3.69 -40.05
CA SER D 121 -5.39 -3.39 -38.88
C SER D 121 -5.35 -4.51 -37.88
N GLU D 122 -6.52 -5.08 -37.57
CA GLU D 122 -6.57 -6.16 -36.60
C GLU D 122 -5.90 -7.40 -37.18
N SER D 123 -6.04 -7.58 -38.50
CA SER D 123 -5.34 -8.67 -39.16
C SER D 123 -3.82 -8.54 -38.98
N VAL D 124 -3.29 -7.33 -39.21
CA VAL D 124 -1.86 -7.07 -39.01
C VAL D 124 -1.45 -7.35 -37.56
N ASP D 125 -2.19 -6.78 -36.60
CA ASP D 125 -1.93 -7.16 -35.21
C ASP D 125 -1.92 -8.65 -34.94
N THR D 126 -2.93 -9.34 -35.44
CA THR D 126 -2.99 -10.79 -35.30
C THR D 126 -1.79 -11.49 -35.92
N MET D 127 -1.41 -11.07 -37.12
CA MET D 127 -0.24 -11.62 -37.80
C MET D 127 1.04 -11.42 -36.96
N ILE D 128 1.21 -10.23 -36.37
CA ILE D 128 2.38 -9.93 -35.52
C ILE D 128 2.43 -10.91 -34.34
N ARG D 129 1.32 -11.08 -33.61
CA ARG D 129 1.30 -12.00 -32.47
C ARG D 129 1.54 -13.45 -32.93
N MET D 130 1.08 -13.76 -34.15
CA MET D 130 1.21 -15.12 -34.70
C MET D 130 2.66 -15.45 -34.99
N VAL D 131 3.32 -14.54 -35.71
CA VAL D 131 4.75 -14.59 -36.04
C VAL D 131 5.57 -14.85 -34.76
N ARG D 132 5.36 -14.00 -33.76
CA ARG D 132 6.09 -14.11 -32.50
C ARG D 132 5.75 -15.38 -31.69
N ARG D 133 4.47 -15.77 -31.64
CA ARG D 133 4.07 -16.99 -30.96
C ARG D 133 4.76 -18.20 -31.61
N TYR D 134 4.78 -18.18 -32.95
CA TYR D 134 5.36 -19.24 -33.78
C TYR D 134 6.79 -19.52 -33.41
N TRP D 135 7.59 -18.46 -33.30
CA TRP D 135 9.01 -18.60 -32.91
C TRP D 135 9.21 -19.03 -31.47
N ASP D 136 8.36 -18.57 -30.55
CA ASP D 136 8.32 -19.14 -29.19
C ASP D 136 8.07 -20.65 -29.20
N VAL D 137 7.10 -21.07 -30.03
CA VAL D 137 6.78 -22.48 -30.17
C VAL D 137 8.00 -23.22 -30.74
N GLN D 138 8.74 -22.56 -31.62
CA GLN D 138 9.96 -23.14 -32.21
C GLN D 138 11.17 -23.12 -31.27
N GLY D 139 11.00 -22.57 -30.06
CA GLY D 139 12.07 -22.49 -29.08
C GLY D 139 13.12 -21.47 -29.48
N LYS D 140 12.68 -20.40 -30.12
CA LYS D 140 13.57 -19.32 -30.46
C LYS D 140 13.01 -18.00 -29.93
N PRO D 141 13.04 -17.81 -28.59
CA PRO D 141 12.43 -16.66 -27.93
C PRO D 141 12.98 -15.30 -28.37
N GLU D 142 14.18 -15.26 -28.93
CA GLU D 142 14.78 -14.00 -29.41
C GLU D 142 14.30 -13.61 -30.81
N LYS D 143 13.67 -14.54 -31.52
CA LYS D 143 13.34 -14.31 -32.92
C LYS D 143 11.99 -13.57 -33.02
N LYS D 144 12.06 -12.24 -32.90
CA LYS D 144 10.87 -11.45 -32.60
C LYS D 144 10.71 -10.15 -33.38
N THR D 145 11.76 -9.72 -34.08
CA THR D 145 11.75 -8.47 -34.78
C THR D 145 11.13 -8.65 -36.17
N LEU D 146 10.10 -7.88 -36.41
CA LEU D 146 9.56 -7.78 -37.75
C LEU D 146 10.09 -6.57 -38.52
N ILE D 147 10.40 -6.80 -39.79
CA ILE D 147 10.95 -5.74 -40.66
C ILE D 147 9.92 -5.27 -41.66
N GLY D 148 9.64 -3.97 -41.62
CA GLY D 148 8.81 -3.34 -42.63
C GLY D 148 9.61 -2.39 -43.50
N ARG D 149 8.91 -1.47 -44.13
CA ARG D 149 9.53 -0.46 -44.98
C ARG D 149 9.04 0.95 -44.67
N TRP D 150 9.92 1.93 -44.83
CA TRP D 150 9.49 3.31 -44.90
C TRP D 150 8.50 3.52 -46.01
N ASN D 151 7.40 4.19 -45.67
CA ASN D 151 6.29 4.43 -46.59
C ASN D 151 5.42 3.19 -46.90
N GLY D 152 5.63 2.11 -46.15
CA GLY D 152 4.70 0.98 -46.16
C GLY D 152 3.56 1.31 -45.22
N TYR D 153 2.41 0.67 -45.46
CA TYR D 153 1.26 0.91 -44.62
C TYR D 153 0.64 -0.42 -44.22
N HIS D 154 0.47 -0.59 -42.92
CA HIS D 154 -0.02 -1.88 -42.36
C HIS D 154 -1.09 -1.66 -41.33
N GLY D 155 -1.80 -0.56 -41.48
CA GLY D 155 -2.92 -0.24 -40.64
C GLY D 155 -2.65 0.74 -39.53
N SER D 156 -3.59 0.78 -38.60
CA SER D 156 -3.64 1.85 -37.62
C SER D 156 -3.76 1.38 -36.15
N THR D 157 -3.67 0.08 -35.91
CA THR D 157 -3.45 -0.38 -34.52
C THR D 157 -2.04 0.05 -34.11
N ILE D 158 -1.74 0.03 -32.82
CA ILE D 158 -0.41 0.42 -32.37
C ILE D 158 0.62 -0.49 -33.04
N GLY D 159 0.29 -1.77 -33.14
CA GLY D 159 1.16 -2.74 -33.81
C GLY D 159 1.31 -2.47 -35.30
N GLY D 160 0.17 -2.33 -35.99
CA GLY D 160 0.18 -2.08 -37.44
C GLY D 160 0.88 -0.81 -37.80
N ALA D 161 0.63 0.24 -37.02
CA ALA D 161 1.29 1.52 -37.24
C ALA D 161 2.78 1.48 -36.99
N SER D 162 3.22 0.60 -36.09
CA SER D 162 4.61 0.45 -35.78
C SER D 162 5.34 -0.28 -36.92
N LEU D 163 4.66 -1.26 -37.48
CA LEU D 163 5.20 -2.09 -38.59
C LEU D 163 5.20 -1.25 -39.85
N GLY D 164 4.15 -0.43 -40.01
CA GLY D 164 4.08 0.63 -41.00
C GLY D 164 5.26 1.59 -40.95
N GLY D 165 5.47 2.31 -42.03
CA GLY D 165 6.63 3.16 -42.08
C GLY D 165 6.27 4.60 -42.32
N MET D 166 5.09 4.97 -41.88
CA MET D 166 4.61 6.34 -42.00
C MET D 166 5.08 7.05 -40.75
N LYS D 167 6.04 7.96 -40.94
CA LYS D 167 6.60 8.77 -39.87
C LYS D 167 5.51 9.53 -39.16
N TYR D 168 4.59 10.11 -39.93
CA TYR D 168 3.47 10.87 -39.36
C TYR D 168 2.60 10.02 -38.42
N MET D 169 2.69 8.70 -38.54
CA MET D 169 1.98 7.80 -37.61
C MET D 169 2.83 7.50 -36.40
N HIS D 170 4.11 7.18 -36.64
CA HIS D 170 5.05 6.91 -35.57
C HIS D 170 5.08 8.02 -34.56
N GLU D 171 4.86 9.25 -35.02
CA GLU D 171 4.88 10.43 -34.14
C GLU D 171 3.70 10.52 -33.16
N GLN D 172 2.75 9.57 -33.23
CA GLN D 172 1.55 9.62 -32.39
C GLN D 172 1.29 8.28 -31.77
N GLY D 173 1.65 8.15 -30.50
CA GLY D 173 1.45 6.91 -29.75
C GLY D 173 2.74 6.30 -29.21
N ASP D 174 3.87 6.97 -29.46
CA ASP D 174 5.21 6.52 -29.06
C ASP D 174 5.64 5.27 -29.82
N LEU D 175 5.63 5.37 -31.13
CA LEU D 175 5.88 4.22 -32.01
C LEU D 175 7.20 4.40 -32.79
N PRO D 176 7.78 3.28 -33.31
CA PRO D 176 7.31 1.90 -33.20
C PRO D 176 7.52 1.27 -31.84
N ILE D 177 6.64 0.33 -31.52
CA ILE D 177 6.90 -0.54 -30.41
C ILE D 177 8.17 -1.38 -30.64
N PRO D 178 8.68 -2.04 -29.58
CA PRO D 178 9.93 -2.81 -29.79
C PRO D 178 9.79 -3.98 -30.77
N GLY D 179 10.92 -4.39 -31.33
CA GLY D 179 10.98 -5.52 -32.23
C GLY D 179 10.39 -5.17 -33.56
N MET D 180 10.62 -3.94 -34.00
CA MET D 180 10.18 -3.49 -35.30
C MET D 180 11.33 -2.75 -35.94
N ALA D 181 11.61 -3.05 -37.22
CA ALA D 181 12.65 -2.34 -37.93
C ALA D 181 12.17 -2.03 -39.34
N HIS D 182 12.88 -1.15 -40.04
CA HIS D 182 12.44 -0.61 -41.33
C HIS D 182 13.55 -0.42 -42.32
N ILE D 183 13.25 -0.72 -43.58
CA ILE D 183 14.20 -0.51 -44.67
C ILE D 183 13.59 0.42 -45.69
N GLU D 184 14.41 0.92 -46.60
CA GLU D 184 13.97 1.84 -47.63
C GLU D 184 13.03 1.15 -48.64
N GLN D 185 12.13 1.91 -49.25
CA GLN D 185 11.12 1.35 -50.15
C GLN D 185 11.73 1.28 -51.55
N PRO D 186 11.27 0.31 -52.38
CA PRO D 186 11.79 0.15 -53.75
C PRO D 186 11.16 1.17 -54.70
N TRP D 187 11.46 2.45 -54.49
CA TRP D 187 10.89 3.53 -55.27
C TRP D 187 11.93 4.06 -56.22
N TRP D 188 11.89 3.51 -57.44
CA TRP D 188 12.87 3.78 -58.50
C TRP D 188 13.02 5.24 -58.80
N TYR D 189 11.91 5.92 -59.04
CA TYR D 189 11.94 7.29 -59.46
C TYR D 189 12.78 8.20 -58.55
N LYS D 190 12.81 7.90 -57.25
CA LYS D 190 13.65 8.68 -56.33
C LYS D 190 15.01 8.03 -56.04
N HIS D 191 15.04 6.70 -55.93
CA HIS D 191 16.24 6.01 -55.43
C HIS D 191 17.00 5.29 -56.51
N GLY D 192 16.55 5.45 -57.75
CA GLY D 192 17.11 4.70 -58.87
C GLY D 192 18.52 5.11 -59.27
N LYS D 193 18.96 6.28 -58.83
CA LYS D 193 20.25 6.85 -59.26
C LYS D 193 20.35 6.71 -60.77
N ASP D 194 21.26 5.88 -61.25
CA ASP D 194 21.44 5.64 -62.69
C ASP D 194 21.18 4.19 -63.09
N MET D 195 20.65 3.40 -62.16
CA MET D 195 20.31 1.99 -62.43
C MET D 195 19.06 1.89 -63.30
N THR D 196 18.87 0.74 -63.93
CA THR D 196 17.61 0.44 -64.60
C THR D 196 16.67 -0.08 -63.52
N PRO D 197 15.34 0.14 -63.69
CA PRO D 197 14.40 -0.41 -62.74
C PRO D 197 14.80 -1.81 -62.25
N ASP D 198 15.06 -2.73 -63.18
CA ASP D 198 15.39 -4.11 -62.82
CA ASP D 198 15.39 -4.11 -62.84
C ASP D 198 16.67 -4.25 -62.03
N GLU D 199 17.62 -3.34 -62.24
CA GLU D 199 18.87 -3.38 -61.51
C GLU D 199 18.65 -2.91 -60.07
N PHE D 200 17.92 -1.81 -59.95
CA PHE D 200 17.55 -1.21 -58.66
C PHE D 200 16.70 -2.13 -57.79
N GLY D 201 15.84 -2.93 -58.43
CA GLY D 201 15.04 -3.93 -57.72
C GLY D 201 15.89 -4.93 -56.95
N VAL D 202 17.03 -5.30 -57.52
CA VAL D 202 17.98 -6.20 -56.85
C VAL D 202 18.61 -5.48 -55.66
N VAL D 203 18.99 -4.22 -55.87
CA VAL D 203 19.61 -3.38 -54.84
C VAL D 203 18.64 -3.08 -53.69
N ALA D 204 17.45 -2.61 -54.03
CA ALA D 204 16.43 -2.29 -53.04
C ALA D 204 16.03 -3.52 -52.22
N ALA D 205 16.03 -4.68 -52.85
CA ALA D 205 15.82 -5.92 -52.14
C ALA D 205 16.97 -6.25 -51.16
N ARG D 206 18.20 -5.98 -51.56
CA ARG D 206 19.36 -6.31 -50.73
C ARG D 206 19.48 -5.48 -49.45
N TRP D 207 18.82 -4.33 -49.45
CA TRP D 207 18.62 -3.53 -48.24
C TRP D 207 18.04 -4.38 -47.14
N LEU D 208 17.19 -5.35 -47.49
CA LEU D 208 16.65 -6.27 -46.49
CA LEU D 208 16.66 -6.27 -46.47
C LEU D 208 17.77 -7.14 -45.90
N GLU D 209 18.67 -7.63 -46.78
CA GLU D 209 19.74 -8.48 -46.30
C GLU D 209 20.65 -7.70 -45.34
N GLU D 210 20.95 -6.46 -45.72
CA GLU D 210 21.76 -5.55 -44.91
C GLU D 210 21.16 -5.37 -43.51
N LYS D 211 19.88 -5.00 -43.44
CA LYS D 211 19.16 -4.85 -42.17
C LYS D 211 19.18 -6.13 -41.31
N ILE D 212 18.94 -7.28 -41.94
CA ILE D 212 18.98 -8.54 -41.25
C ILE D 212 20.35 -8.79 -40.63
N LEU D 213 21.42 -8.61 -41.41
CA LEU D 213 22.78 -8.81 -40.89
C LEU D 213 23.12 -7.81 -39.77
N GLU D 214 22.64 -6.60 -39.91
CA GLU D 214 22.79 -5.57 -38.87
C GLU D 214 22.14 -5.93 -37.55
N ILE D 215 20.87 -6.35 -37.60
CA ILE D 215 20.10 -6.73 -36.41
C ILE D 215 20.58 -8.06 -35.89
N GLY D 216 20.93 -8.92 -36.83
CA GLY D 216 21.32 -10.28 -36.56
C GLY D 216 20.14 -11.13 -36.94
N ALA D 217 20.37 -12.11 -37.79
CA ALA D 217 19.29 -12.94 -38.32
C ALA D 217 18.54 -13.70 -37.24
N ASP D 218 19.21 -14.06 -36.14
CA ASP D 218 18.58 -14.82 -35.06
C ASP D 218 17.54 -14.00 -34.24
N LYS D 219 17.54 -12.69 -34.46
CA LYS D 219 16.58 -11.78 -33.80
C LYS D 219 15.40 -11.46 -34.69
N VAL D 220 15.51 -11.78 -35.98
CA VAL D 220 14.52 -11.37 -36.99
C VAL D 220 13.48 -12.46 -37.22
N ALA D 221 12.22 -12.08 -37.05
CA ALA D 221 11.08 -13.00 -37.13
C ALA D 221 10.44 -13.01 -38.50
N ALA D 222 10.33 -11.85 -39.13
CA ALA D 222 9.61 -11.76 -40.41
C ALA D 222 9.92 -10.48 -41.19
N PHE D 223 9.76 -10.54 -42.51
CA PHE D 223 9.72 -9.34 -43.34
C PHE D 223 8.29 -9.26 -43.82
N VAL D 224 7.73 -8.06 -43.73
CA VAL D 224 6.35 -7.81 -44.15
C VAL D 224 6.31 -6.70 -45.17
N GLY D 225 5.55 -6.93 -46.24
CA GLY D 225 5.37 -5.94 -47.26
C GLY D 225 4.09 -6.15 -48.06
N GLU D 226 3.48 -5.04 -48.42
CA GLU D 226 2.42 -4.99 -49.42
C GLU D 226 3.08 -5.31 -50.76
N PRO D 227 2.50 -6.26 -51.54
CA PRO D 227 3.13 -6.54 -52.87
C PRO D 227 3.32 -5.29 -53.71
N ILE D 228 2.29 -4.45 -53.74
CA ILE D 228 2.40 -3.10 -54.25
C ILE D 228 2.01 -2.20 -53.11
N GLN D 229 2.87 -1.25 -52.78
CA GLN D 229 2.56 -0.32 -51.69
C GLN D 229 1.40 0.54 -52.10
N GLY D 230 0.37 0.60 -51.25
CA GLY D 230 -0.84 1.34 -51.59
C GLY D 230 -0.89 2.78 -51.12
N ALA D 231 -1.10 2.97 -49.81
CA ALA D 231 -1.26 4.30 -49.23
C ALA D 231 0.03 5.12 -49.36
N GLY D 232 1.16 4.45 -49.56
CA GLY D 232 2.40 5.14 -49.88
C GLY D 232 2.44 5.72 -51.27
N GLY D 233 1.54 5.24 -52.14
CA GLY D 233 1.35 5.84 -53.47
C GLY D 233 1.45 4.91 -54.67
N VAL D 234 0.98 3.67 -54.55
CA VAL D 234 1.08 2.65 -55.61
C VAL D 234 2.51 2.58 -56.16
N ILE D 235 3.43 2.24 -55.25
CA ILE D 235 4.82 2.03 -55.65
C ILE D 235 4.90 0.62 -56.18
N VAL D 236 5.19 0.50 -57.47
CA VAL D 236 5.28 -0.81 -58.07
C VAL D 236 6.74 -1.16 -58.09
N PRO D 237 7.10 -2.23 -57.38
CA PRO D 237 8.46 -2.70 -57.34
C PRO D 237 8.85 -3.32 -58.69
N PRO D 238 10.12 -3.15 -59.10
CA PRO D 238 10.62 -3.85 -60.29
C PRO D 238 10.38 -5.35 -60.21
N ALA D 239 10.35 -6.01 -61.37
CA ALA D 239 10.07 -7.45 -61.44
C ALA D 239 11.09 -8.29 -60.69
N THR D 240 12.26 -7.71 -60.49
CA THR D 240 13.36 -8.42 -59.83
CA THR D 240 13.38 -8.38 -59.84
C THR D 240 13.29 -8.32 -58.32
N TYR D 241 12.55 -7.34 -57.81
CA TYR D 241 12.48 -7.03 -56.38
C TYR D 241 11.99 -8.19 -55.52
N TRP D 242 10.74 -8.63 -55.74
CA TRP D 242 10.21 -9.72 -54.89
C TRP D 242 10.92 -11.04 -54.87
N PRO D 243 11.39 -11.52 -56.04
CA PRO D 243 12.15 -12.77 -55.98
C PRO D 243 13.43 -12.68 -55.14
N GLU D 244 14.13 -11.55 -55.18
CA GLU D 244 15.30 -11.37 -54.34
CA GLU D 244 15.31 -11.36 -54.34
C GLU D 244 14.92 -11.30 -52.87
N ILE D 245 13.90 -10.50 -52.55
CA ILE D 245 13.36 -10.44 -51.18
C ILE D 245 13.13 -11.88 -50.66
N GLU D 246 12.50 -12.74 -51.48
CA GLU D 246 12.20 -14.12 -51.07
C GLU D 246 13.44 -15.01 -50.83
N ARG D 247 14.41 -14.94 -51.73
CA ARG D 247 15.71 -15.59 -51.56
C ARG D 247 16.36 -15.16 -50.23
N ILE D 248 16.36 -13.85 -49.97
CA ILE D 248 16.99 -13.29 -48.77
C ILE D 248 16.29 -13.85 -47.54
N CYS D 249 14.96 -13.80 -47.54
CA CYS D 249 14.15 -14.35 -46.43
C CYS D 249 14.44 -15.83 -46.19
N ARG D 250 14.52 -16.60 -47.27
N ARG D 250 14.51 -16.61 -47.27
CA ARG D 250 14.84 -18.02 -47.16
CA ARG D 250 14.83 -18.02 -47.16
C ARG D 250 16.29 -18.23 -46.70
C ARG D 250 16.28 -18.24 -46.71
N LYS D 251 17.21 -17.45 -47.23
CA LYS D 251 18.62 -17.55 -46.81
C LYS D 251 18.75 -17.46 -45.26
N TYR D 252 18.03 -16.53 -44.64
CA TYR D 252 18.19 -16.24 -43.22
C TYR D 252 17.06 -16.74 -42.30
N ASP D 253 16.22 -17.64 -42.79
CA ASP D 253 15.14 -18.27 -42.02
C ASP D 253 14.22 -17.21 -41.42
N VAL D 254 13.80 -16.28 -42.28
CA VAL D 254 12.92 -15.19 -41.90
C VAL D 254 11.57 -15.33 -42.63
N LEU D 255 10.47 -15.24 -41.87
CA LEU D 255 9.14 -15.41 -42.47
C LEU D 255 8.79 -14.30 -43.47
N LEU D 256 8.10 -14.66 -44.53
CA LEU D 256 7.75 -13.68 -45.51
C LEU D 256 6.26 -13.49 -45.44
N VAL D 257 5.86 -12.27 -45.12
CA VAL D 257 4.45 -11.93 -45.07
C VAL D 257 4.06 -10.89 -46.11
N ALA D 258 2.99 -11.17 -46.84
CA ALA D 258 2.40 -10.20 -47.72
C ALA D 258 1.19 -9.57 -47.04
N ASP D 259 1.16 -8.25 -47.06
CA ASP D 259 -0.03 -7.53 -46.67
C ASP D 259 -0.87 -7.32 -47.90
N GLU D 260 -1.92 -8.15 -48.01
CA GLU D 260 -2.80 -8.18 -49.16
C GLU D 260 -4.09 -7.40 -48.93
N VAL D 261 -4.08 -6.46 -47.99
CA VAL D 261 -5.34 -5.79 -47.66
C VAL D 261 -5.88 -5.00 -48.87
N ILE D 262 -4.98 -4.39 -49.65
CA ILE D 262 -5.35 -3.71 -50.89
C ILE D 262 -5.26 -4.64 -52.12
N CYS D 263 -4.14 -5.31 -52.28
CA CYS D 263 -3.91 -6.14 -53.47
C CYS D 263 -4.79 -7.40 -53.54
N GLY D 264 -5.38 -7.78 -52.42
CA GLY D 264 -6.20 -9.00 -52.36
C GLY D 264 -7.51 -8.88 -53.11
N PHE D 265 -8.06 -10.05 -53.43
CA PHE D 265 -9.39 -10.19 -54.06
C PHE D 265 -9.54 -9.47 -55.40
N GLY D 266 -8.56 -9.72 -56.28
CA GLY D 266 -8.67 -9.41 -57.69
C GLY D 266 -7.99 -8.16 -58.20
N ARG D 267 -7.42 -7.37 -57.29
CA ARG D 267 -6.98 -6.00 -57.62
C ARG D 267 -5.94 -5.90 -58.75
N THR D 268 -5.01 -6.84 -58.81
CA THR D 268 -3.97 -6.77 -59.86
C THR D 268 -4.32 -7.68 -61.05
N GLY D 269 -5.33 -8.54 -60.89
CA GLY D 269 -5.68 -9.54 -61.91
C GLY D 269 -5.60 -10.97 -61.38
N GLU D 270 -4.69 -11.20 -60.44
CA GLU D 270 -4.62 -12.45 -59.71
C GLU D 270 -5.51 -12.26 -58.50
N TRP D 271 -5.85 -13.35 -57.83
CA TRP D 271 -6.59 -13.25 -56.58
C TRP D 271 -5.84 -12.45 -55.55
N PHE D 272 -4.51 -12.58 -55.57
CA PHE D 272 -3.66 -11.88 -54.61
C PHE D 272 -2.44 -11.22 -55.25
N GLY D 273 -1.99 -10.14 -54.64
CA GLY D 273 -0.88 -9.36 -55.14
C GLY D 273 0.38 -10.20 -55.29
N HIS D 274 0.58 -11.15 -54.37
CA HIS D 274 1.81 -11.96 -54.36
C HIS D 274 1.87 -12.92 -55.52
N GLN D 275 0.72 -13.41 -55.94
CA GLN D 275 0.64 -14.24 -57.15
C GLN D 275 1.18 -13.53 -58.38
N HIS D 276 0.81 -12.26 -58.55
CA HIS D 276 1.30 -11.44 -59.67
C HIS D 276 2.79 -11.31 -59.67
N PHE D 277 3.37 -11.10 -58.50
CA PHE D 277 4.81 -10.88 -58.39
C PHE D 277 5.57 -12.16 -58.16
N GLY D 278 4.83 -13.26 -58.02
CA GLY D 278 5.40 -14.60 -57.97
C GLY D 278 6.22 -14.99 -56.75
N PHE D 279 5.91 -14.41 -55.59
CA PHE D 279 6.47 -14.94 -54.33
C PHE D 279 5.44 -15.74 -53.55
N GLN D 280 5.92 -16.55 -52.61
CA GLN D 280 5.05 -17.38 -51.78
C GLN D 280 5.23 -17.03 -50.29
N PRO D 281 4.38 -16.13 -49.76
CA PRO D 281 4.47 -15.71 -48.37
C PRO D 281 4.03 -16.83 -47.43
N ASP D 282 4.49 -16.80 -46.18
CA ASP D 282 4.15 -17.80 -45.18
C ASP D 282 2.80 -17.51 -44.52
N LEU D 283 2.44 -16.21 -44.51
CA LEU D 283 1.13 -15.73 -44.02
C LEU D 283 0.78 -14.54 -44.87
N PHE D 284 -0.51 -14.24 -44.99
CA PHE D 284 -0.89 -12.95 -45.60
C PHE D 284 -2.13 -12.38 -44.95
N THR D 285 -2.22 -11.05 -44.94
CA THR D 285 -3.31 -10.35 -44.26
C THR D 285 -4.27 -9.77 -45.29
N ALA D 286 -5.55 -9.75 -44.93
CA ALA D 286 -6.60 -9.34 -45.84
C ALA D 286 -7.74 -8.67 -45.08
N ALA D 287 -8.42 -7.80 -45.81
CA ALA D 287 -9.64 -7.13 -45.41
C ALA D 287 -10.22 -6.55 -46.71
N LYS D 288 -10.69 -5.30 -46.65
CA LYS D 288 -11.13 -4.55 -47.85
C LYS D 288 -11.96 -5.37 -48.84
N GLY D 289 -11.32 -5.87 -49.90
CA GLY D 289 -12.05 -6.59 -50.95
C GLY D 289 -12.67 -7.93 -50.55
N LEU D 290 -12.35 -8.44 -49.37
CA LEU D 290 -12.90 -9.72 -48.88
C LEU D 290 -14.43 -9.69 -48.85
N SER D 291 -14.99 -8.55 -48.48
CA SER D 291 -16.44 -8.35 -48.46
C SER D 291 -16.83 -7.19 -49.37
N SER D 292 -15.89 -6.78 -50.21
CA SER D 292 -15.99 -5.52 -51.00
CA SER D 292 -16.00 -5.53 -51.00
C SER D 292 -16.39 -4.32 -50.15
N GLY D 293 -15.98 -4.31 -48.90
CA GLY D 293 -16.34 -3.18 -48.02
C GLY D 293 -17.80 -3.14 -47.63
N TYR D 294 -18.60 -4.12 -48.05
CA TYR D 294 -20.03 -4.15 -47.69
C TYR D 294 -20.31 -4.33 -46.18
N LEU D 295 -19.39 -4.98 -45.48
CA LEU D 295 -19.47 -5.23 -44.03
C LEU D 295 -18.05 -5.40 -43.53
N PRO D 296 -17.76 -4.95 -42.29
CA PRO D 296 -16.40 -5.05 -41.76
C PRO D 296 -16.00 -6.48 -41.52
N ILE D 297 -14.92 -6.91 -42.19
CA ILE D 297 -14.35 -8.23 -42.00
C ILE D 297 -12.92 -8.27 -42.54
N GLY D 298 -12.02 -8.85 -41.76
CA GLY D 298 -10.65 -9.03 -42.21
C GLY D 298 -10.20 -10.44 -41.92
N ALA D 299 -8.97 -10.76 -42.31
CA ALA D 299 -8.48 -12.12 -42.13
C ALA D 299 -6.96 -12.23 -42.20
N VAL D 300 -6.45 -13.23 -41.50
CA VAL D 300 -5.09 -13.65 -41.70
C VAL D 300 -5.13 -15.06 -42.24
N PHE D 301 -4.56 -15.22 -43.43
CA PHE D 301 -4.39 -16.53 -44.03
C PHE D 301 -3.04 -17.11 -43.60
N VAL D 302 -3.10 -18.26 -42.95
CA VAL D 302 -1.91 -18.86 -42.39
C VAL D 302 -1.49 -20.05 -43.26
N GLY D 303 -0.27 -19.97 -43.77
CA GLY D 303 0.38 -21.08 -44.50
C GLY D 303 0.55 -22.30 -43.62
N LYS D 304 0.84 -23.44 -44.25
CA LYS D 304 0.89 -24.73 -43.55
C LYS D 304 1.89 -24.79 -42.39
N ARG D 305 3.08 -24.25 -42.61
CA ARG D 305 4.16 -24.30 -41.63
C ARG D 305 3.77 -23.58 -40.33
N VAL D 306 3.26 -22.36 -40.47
CA VAL D 306 2.90 -21.55 -39.31
C VAL D 306 1.68 -22.12 -38.59
N ALA D 307 0.69 -22.53 -39.36
CA ALA D 307 -0.52 -23.15 -38.80
C ALA D 307 -0.11 -24.33 -37.92
N GLU D 308 0.76 -25.18 -38.45
CA GLU D 308 1.34 -26.29 -37.71
C GLU D 308 1.96 -25.83 -36.39
N GLY D 309 2.72 -24.74 -36.47
CA GLY D 309 3.38 -24.17 -35.31
C GLY D 309 2.42 -23.60 -34.27
N LEU D 310 1.39 -22.89 -34.70
CA LEU D 310 0.43 -22.32 -33.76
C LEU D 310 -0.40 -23.40 -33.06
N ILE D 311 -0.75 -24.47 -33.78
CA ILE D 311 -1.53 -25.57 -33.23
C ILE D 311 -0.75 -26.35 -32.17
N ALA D 312 0.55 -26.49 -32.39
CA ALA D 312 1.45 -27.13 -31.42
C ALA D 312 1.54 -26.34 -30.11
N GLY D 313 1.25 -25.04 -30.17
CA GLY D 313 1.31 -24.16 -29.01
C GLY D 313 0.07 -24.10 -28.11
N GLY D 314 -0.86 -25.04 -28.31
CA GLY D 314 -2.05 -25.14 -27.46
C GLY D 314 -3.01 -23.98 -27.58
N ASP D 315 -3.13 -23.19 -26.50
CA ASP D 315 -3.99 -22.01 -26.52
CA ASP D 315 -3.97 -21.99 -26.47
C ASP D 315 -3.34 -20.83 -27.24
N PHE D 316 -4.13 -20.18 -28.11
CA PHE D 316 -3.75 -18.92 -28.74
C PHE D 316 -4.66 -17.86 -28.13
N ASN D 317 -4.08 -17.04 -27.26
CA ASN D 317 -4.86 -16.19 -26.37
C ASN D 317 -5.05 -14.82 -26.98
N HIS D 318 -5.84 -14.83 -28.05
CA HIS D 318 -6.01 -13.74 -28.97
C HIS D 318 -7.34 -13.89 -29.64
N GLY D 319 -8.00 -12.75 -29.90
CA GLY D 319 -9.23 -12.79 -30.65
C GLY D 319 -10.17 -11.67 -30.31
N PHE D 320 -11.17 -11.49 -31.16
CA PHE D 320 -12.11 -10.38 -30.97
C PHE D 320 -13.55 -10.86 -30.86
N THR D 321 -14.36 -10.16 -30.05
CA THR D 321 -15.78 -10.52 -29.88
C THR D 321 -16.43 -10.87 -31.23
N TYR D 322 -16.26 -9.96 -32.19
CA TYR D 322 -16.89 -10.13 -33.50
C TYR D 322 -16.11 -10.92 -34.55
N SER D 323 -15.08 -11.64 -34.10
CA SER D 323 -14.35 -12.57 -34.96
C SER D 323 -15.31 -13.61 -35.53
N GLY D 324 -15.30 -13.82 -36.84
CA GLY D 324 -16.20 -14.79 -37.49
C GLY D 324 -17.65 -14.34 -37.52
N HIS D 325 -17.89 -13.03 -37.42
CA HIS D 325 -19.26 -12.51 -37.33
C HIS D 325 -20.16 -13.15 -38.37
N PRO D 326 -21.29 -13.75 -37.93
CA PRO D 326 -22.14 -14.46 -38.89
C PRO D 326 -22.58 -13.62 -40.10
N VAL D 327 -23.07 -12.41 -39.84
CA VAL D 327 -23.60 -11.54 -40.89
C VAL D 327 -22.49 -11.04 -41.82
N CYS D 328 -21.33 -10.70 -41.25
CA CYS D 328 -20.21 -10.27 -42.08
C CYS D 328 -19.67 -11.43 -42.91
N ALA D 329 -19.66 -12.62 -42.33
CA ALA D 329 -19.21 -13.81 -43.04
C ALA D 329 -20.14 -14.19 -44.20
N ALA D 330 -21.46 -14.12 -43.99
CA ALA D 330 -22.43 -14.36 -45.06
C ALA D 330 -22.21 -13.40 -46.21
N VAL D 331 -22.00 -12.12 -45.90
CA VAL D 331 -21.77 -11.12 -46.94
C VAL D 331 -20.40 -11.30 -47.62
N ALA D 332 -19.38 -11.64 -46.83
CA ALA D 332 -18.09 -11.99 -47.39
C ALA D 332 -18.24 -13.16 -48.36
N HIS D 333 -18.93 -14.21 -47.92
CA HIS D 333 -19.17 -15.41 -48.73
C HIS D 333 -19.84 -15.12 -50.04
N ALA D 334 -20.89 -14.29 -49.99
CA ALA D 334 -21.58 -13.85 -51.21
C ALA D 334 -20.67 -13.03 -52.11
N ASN D 335 -19.70 -12.33 -51.52
CA ASN D 335 -18.82 -11.48 -52.32
C ASN D 335 -17.71 -12.28 -53.01
N VAL D 336 -17.12 -13.21 -52.27
CA VAL D 336 -16.07 -14.11 -52.77
C VAL D 336 -16.64 -15.00 -53.89
N ALA D 337 -17.77 -15.66 -53.63
CA ALA D 337 -18.47 -16.47 -54.63
C ALA D 337 -18.73 -15.64 -55.87
N ALA D 338 -19.18 -14.41 -55.68
CA ALA D 338 -19.45 -13.50 -56.80
C ALA D 338 -18.18 -13.20 -57.59
N LEU D 339 -17.09 -12.89 -56.92
CA LEU D 339 -15.85 -12.58 -57.63
C LEU D 339 -15.38 -13.73 -58.50
N ARG D 340 -15.56 -14.96 -58.02
CA ARG D 340 -15.17 -16.18 -58.73
C ARG D 340 -16.24 -16.63 -59.73
N ASP D 341 -17.41 -17.01 -59.23
CA ASP D 341 -18.52 -17.51 -60.06
C ASP D 341 -18.93 -16.55 -61.18
N GLU D 342 -18.88 -15.25 -60.90
CA GLU D 342 -19.24 -14.25 -61.89
C GLU D 342 -18.04 -13.83 -62.73
N GLY D 343 -16.90 -14.45 -62.45
CA GLY D 343 -15.67 -14.23 -63.23
C GLY D 343 -15.13 -12.81 -63.27
N ILE D 344 -15.21 -12.10 -62.14
CA ILE D 344 -14.79 -10.69 -62.10
C ILE D 344 -13.27 -10.53 -61.99
N VAL D 345 -12.62 -11.47 -61.30
CA VAL D 345 -11.16 -11.43 -61.15
C VAL D 345 -10.55 -11.82 -62.49
N GLN D 346 -11.03 -12.94 -63.04
CA GLN D 346 -10.56 -13.45 -64.33
C GLN D 346 -10.62 -12.36 -65.40
N ARG D 347 -11.69 -11.58 -65.40
CA ARG D 347 -11.87 -10.46 -66.32
C ARG D 347 -10.84 -9.36 -66.10
N VAL D 348 -10.35 -9.22 -64.87
CA VAL D 348 -9.35 -8.19 -64.58
C VAL D 348 -8.03 -8.53 -65.31
N LYS D 349 -7.66 -9.79 -65.22
CA LYS D 349 -6.44 -10.28 -65.88
C LYS D 349 -6.56 -10.23 -67.40
N ASP D 350 -7.62 -10.85 -67.94
CA ASP D 350 -7.84 -10.96 -69.40
C ASP D 350 -8.27 -9.65 -70.03
N ASP D 351 -9.39 -9.11 -69.54
CA ASP D 351 -10.11 -8.08 -70.26
C ASP D 351 -9.77 -6.65 -69.80
N ILE D 352 -10.40 -6.22 -68.70
CA ILE D 352 -10.42 -4.81 -68.31
C ILE D 352 -9.07 -4.25 -67.82
N GLY D 353 -8.25 -5.10 -67.20
CA GLY D 353 -6.95 -4.67 -66.70
C GLY D 353 -6.04 -4.12 -67.79
N PRO D 354 -5.69 -4.96 -68.79
CA PRO D 354 -4.92 -4.52 -69.96
C PRO D 354 -5.45 -3.24 -70.59
N TYR D 355 -6.76 -3.20 -70.84
CA TYR D 355 -7.40 -2.00 -71.37
C TYR D 355 -7.10 -0.77 -70.51
N MET D 356 -7.34 -0.90 -69.20
CA MET D 356 -7.14 0.21 -68.25
CA MET D 356 -7.14 0.19 -68.24
C MET D 356 -5.70 0.72 -68.28
N GLN D 357 -4.77 -0.22 -68.33
CA GLN D 357 -3.33 0.08 -68.34
C GLN D 357 -2.86 0.80 -69.62
N LYS D 358 -3.29 0.29 -70.77
CA LYS D 358 -2.92 0.88 -72.05
C LYS D 358 -3.47 2.30 -72.12
N ARG D 359 -4.77 2.43 -71.85
CA ARG D 359 -5.48 3.70 -71.95
C ARG D 359 -5.02 4.74 -70.93
N TRP D 360 -4.61 4.26 -69.76
CA TRP D 360 -4.08 5.09 -68.68
C TRP D 360 -2.82 5.80 -69.12
N ARG D 361 -1.87 5.02 -69.62
CA ARG D 361 -0.64 5.56 -70.18
C ARG D 361 -0.92 6.51 -71.35
N GLU D 362 -1.84 6.13 -72.23
CA GLU D 362 -2.23 6.98 -73.37
C GLU D 362 -2.74 8.34 -72.92
N THR D 363 -3.50 8.36 -71.84
CA THR D 363 -4.11 9.61 -71.34
C THR D 363 -3.09 10.51 -70.65
N PHE D 364 -2.19 9.92 -69.88
CA PHE D 364 -1.36 10.68 -68.95
C PHE D 364 0.07 10.96 -69.42
N SER D 365 0.59 10.10 -70.29
CA SER D 365 1.97 10.23 -70.78
C SER D 365 2.27 11.60 -71.35
N ARG D 366 1.33 12.15 -72.13
CA ARG D 366 1.54 13.38 -72.88
C ARG D 366 1.74 14.64 -72.02
N PHE D 367 1.45 14.55 -70.73
CA PHE D 367 1.54 15.73 -69.86
C PHE D 367 2.98 16.05 -69.47
N GLU D 368 3.25 17.35 -69.33
CA GLU D 368 4.59 17.84 -69.01
C GLU D 368 5.07 17.35 -67.64
N HIS D 369 4.21 17.50 -66.63
CA HIS D 369 4.59 17.21 -65.25
C HIS D 369 4.10 15.89 -64.71
N VAL D 370 3.65 15.01 -65.60
CA VAL D 370 3.23 13.67 -65.19
C VAL D 370 4.25 12.64 -65.63
N ASP D 371 4.85 11.97 -64.65
CA ASP D 371 5.84 10.94 -64.91
C ASP D 371 5.53 9.65 -64.15
N ASP D 372 6.37 8.63 -64.36
CA ASP D 372 6.26 7.34 -63.70
C ASP D 372 4.83 6.80 -63.78
N VAL D 373 4.25 6.93 -64.96
CA VAL D 373 2.91 6.48 -65.23
C VAL D 373 2.95 4.96 -65.13
N ARG D 374 2.26 4.43 -64.13
CA ARG D 374 2.36 3.02 -63.80
C ARG D 374 1.01 2.39 -63.49
N GLY D 375 1.04 1.11 -63.22
CA GLY D 375 -0.13 0.35 -62.82
C GLY D 375 -0.15 -1.02 -63.43
N VAL D 376 -0.97 -1.89 -62.84
CA VAL D 376 -1.26 -3.22 -63.37
C VAL D 376 -2.62 -3.66 -62.84
N GLY D 377 -3.35 -4.44 -63.64
CA GLY D 377 -4.71 -4.86 -63.28
C GLY D 377 -5.61 -3.66 -63.17
N MET D 378 -6.26 -3.53 -62.02
CA MET D 378 -7.10 -2.37 -61.77
C MET D 378 -6.54 -1.43 -60.68
N VAL D 379 -5.25 -1.58 -60.38
CA VAL D 379 -4.54 -0.54 -59.64
C VAL D 379 -3.55 0.16 -60.56
N GLN D 380 -3.60 1.49 -60.54
CA GLN D 380 -2.79 2.30 -61.43
C GLN D 380 -2.52 3.67 -60.84
N ALA D 381 -1.41 4.26 -61.23
CA ALA D 381 -0.95 5.52 -60.64
C ALA D 381 -0.10 6.35 -61.60
N PHE D 382 0.11 7.61 -61.23
CA PHE D 382 1.23 8.39 -61.77
C PHE D 382 1.78 9.32 -60.70
N THR D 383 2.89 9.99 -61.01
CA THR D 383 3.55 10.91 -60.08
C THR D 383 3.68 12.29 -60.71
N LEU D 384 3.36 13.33 -59.94
CA LEU D 384 3.49 14.72 -60.41
C LEU D 384 4.88 15.25 -60.08
N VAL D 385 5.63 15.59 -61.13
CA VAL D 385 7.06 15.95 -61.01
C VAL D 385 7.37 17.38 -61.45
N LYS D 386 8.47 17.94 -60.96
CA LYS D 386 8.92 19.26 -61.39
C LYS D 386 9.52 19.23 -62.80
N ASN D 387 10.43 18.28 -63.01
CA ASN D 387 11.13 18.13 -64.27
C ASN D 387 11.31 16.65 -64.60
N LYS D 388 10.84 16.25 -65.78
CA LYS D 388 10.85 14.84 -66.17
CA LYS D 388 10.84 14.86 -66.20
C LYS D 388 12.25 14.33 -66.46
N ALA D 389 13.11 15.18 -67.03
CA ALA D 389 14.48 14.81 -67.36
C ALA D 389 15.33 14.58 -66.12
N LYS D 390 15.24 15.50 -65.16
CA LYS D 390 16.08 15.48 -63.96
C LYS D 390 15.59 14.46 -62.93
N ARG D 391 14.41 13.89 -63.17
CA ARG D 391 13.65 13.14 -62.16
C ARG D 391 13.55 14.00 -60.90
N GLU D 392 13.33 15.29 -61.11
CA GLU D 392 13.25 16.26 -60.03
C GLU D 392 11.83 16.32 -59.51
N LEU D 393 11.67 16.06 -58.22
CA LEU D 393 10.36 16.09 -57.58
C LEU D 393 10.08 17.50 -57.10
N PHE D 394 8.79 17.82 -56.93
CA PHE D 394 8.41 19.12 -56.39
C PHE D 394 8.90 19.23 -54.95
N PRO D 395 9.38 20.42 -54.53
CA PRO D 395 9.77 20.60 -53.14
C PRO D 395 8.59 20.34 -52.19
N ASP D 396 8.87 19.68 -51.07
CA ASP D 396 7.85 19.38 -50.05
C ASP D 396 6.74 18.49 -50.62
N PHE D 397 7.16 17.30 -51.08
CA PHE D 397 6.29 16.23 -51.60
C PHE D 397 4.96 16.16 -50.87
N GLY D 398 3.90 16.63 -51.53
CA GLY D 398 2.57 16.65 -50.92
C GLY D 398 1.75 17.87 -51.27
N GLU D 399 2.42 19.03 -51.38
CA GLU D 399 1.75 20.31 -51.65
C GLU D 399 1.01 20.29 -52.99
N ILE D 400 1.72 19.86 -54.01
CA ILE D 400 1.25 19.84 -55.39
C ILE D 400 0.16 18.80 -55.59
N GLY D 401 0.33 17.62 -55.00
CA GLY D 401 -0.68 16.58 -55.03
C GLY D 401 -2.04 17.08 -54.52
N THR D 402 -2.01 17.83 -53.42
CA THR D 402 -3.21 18.42 -52.83
C THR D 402 -3.89 19.42 -53.78
N LEU D 403 -3.10 20.38 -54.25
CA LEU D 403 -3.55 21.37 -55.23
C LEU D 403 -4.26 20.68 -56.39
N CYS D 404 -3.64 19.61 -56.88
CA CYS D 404 -4.18 18.82 -57.98
C CYS D 404 -5.44 18.04 -57.59
N ARG D 405 -5.39 17.33 -56.45
CA ARG D 405 -6.53 16.50 -56.02
C ARG D 405 -7.78 17.34 -55.73
N ASP D 406 -7.56 18.60 -55.35
CA ASP D 406 -8.65 19.53 -55.11
C ASP D 406 -9.37 19.94 -56.40
N ILE D 407 -8.65 19.87 -57.53
CA ILE D 407 -9.27 20.05 -58.85
C ILE D 407 -10.20 18.87 -59.15
N PHE D 408 -9.73 17.64 -58.95
CA PHE D 408 -10.57 16.45 -59.11
C PHE D 408 -11.85 16.59 -58.30
N PHE D 409 -11.70 16.99 -57.03
CA PHE D 409 -12.81 17.08 -56.09
C PHE D 409 -13.97 17.96 -56.58
N ARG D 410 -13.64 19.09 -57.18
CA ARG D 410 -14.67 19.99 -57.72
C ARG D 410 -15.05 19.67 -59.18
N ASN D 411 -14.50 18.58 -59.70
CA ASN D 411 -14.90 18.06 -61.00
C ASN D 411 -15.49 16.66 -60.85
N ASN D 412 -16.01 16.41 -59.65
CA ASN D 412 -16.73 15.16 -59.33
C ASN D 412 -15.99 13.91 -59.75
N LEU D 413 -14.68 13.89 -59.47
CA LEU D 413 -13.84 12.72 -59.67
C LEU D 413 -13.02 12.45 -58.41
N ILE D 414 -13.05 11.20 -57.97
CA ILE D 414 -12.25 10.75 -56.83
C ILE D 414 -11.08 9.89 -57.29
N MET D 415 -9.91 10.52 -57.25
CA MET D 415 -8.63 9.85 -57.30
C MET D 415 -7.83 10.44 -56.13
N ARG D 416 -7.11 9.60 -55.42
CA ARG D 416 -6.44 10.05 -54.19
C ARG D 416 -5.01 10.50 -54.43
N ALA D 417 -4.59 11.50 -53.65
CA ALA D 417 -3.20 11.98 -53.62
C ALA D 417 -2.41 11.37 -52.46
N CYS D 418 -1.33 10.64 -52.77
CA CYS D 418 -0.41 10.11 -51.77
C CYS D 418 0.92 10.79 -51.95
N GLY D 419 1.17 11.84 -51.17
CA GLY D 419 2.28 12.76 -51.46
C GLY D 419 1.97 13.42 -52.79
N ASP D 420 2.84 13.24 -53.78
CA ASP D 420 2.56 13.77 -55.12
C ASP D 420 2.24 12.66 -56.12
N HIS D 421 1.98 11.45 -55.61
CA HIS D 421 1.48 10.38 -56.44
C HIS D 421 -0.01 10.54 -56.58
N ILE D 422 -0.53 10.29 -57.76
CA ILE D 422 -1.98 10.19 -57.95
C ILE D 422 -2.31 8.73 -58.20
N VAL D 423 -3.28 8.20 -57.45
CA VAL D 423 -3.59 6.80 -57.52
C VAL D 423 -5.07 6.59 -57.81
N SER D 424 -5.38 5.41 -58.36
CA SER D 424 -6.77 5.07 -58.63
CA SER D 424 -6.76 5.07 -58.64
C SER D 424 -6.96 3.58 -58.48
N ALA D 425 -8.04 3.20 -57.82
CA ALA D 425 -8.37 1.80 -57.69
C ALA D 425 -9.89 1.63 -57.79
N PRO D 426 -10.45 1.66 -59.04
CA PRO D 426 -11.90 1.63 -59.18
C PRO D 426 -12.48 0.25 -58.99
N PRO D 427 -13.82 0.16 -58.84
CA PRO D 427 -14.34 -1.21 -58.76
C PRO D 427 -13.87 -2.05 -59.92
N LEU D 428 -13.66 -3.35 -59.67
CA LEU D 428 -13.14 -4.27 -60.68
C LEU D 428 -14.13 -4.44 -61.86
N VAL D 429 -15.41 -4.25 -61.55
CA VAL D 429 -16.53 -4.45 -62.50
C VAL D 429 -16.73 -3.28 -63.48
N MET D 430 -15.91 -2.26 -63.33
CA MET D 430 -15.92 -1.11 -64.25
C MET D 430 -15.84 -1.56 -65.72
N THR D 431 -16.66 -0.93 -66.57
CA THR D 431 -16.66 -1.20 -68.01
C THR D 431 -15.69 -0.27 -68.73
N ARG D 432 -15.30 -0.65 -69.95
CA ARG D 432 -14.40 0.12 -70.80
C ARG D 432 -14.94 1.52 -71.07
N ALA D 433 -16.26 1.62 -71.24
CA ALA D 433 -16.90 2.91 -71.44
C ALA D 433 -16.76 3.79 -70.19
N GLU D 434 -16.85 3.15 -69.02
CA GLU D 434 -16.65 3.81 -67.74
C GLU D 434 -15.21 4.27 -67.56
N VAL D 435 -14.27 3.38 -67.86
CA VAL D 435 -12.84 3.69 -67.90
C VAL D 435 -12.55 4.98 -68.71
N ASP D 436 -13.11 5.06 -69.92
CA ASP D 436 -12.89 6.23 -70.79
C ASP D 436 -13.56 7.48 -70.26
N GLU D 437 -14.75 7.30 -69.69
CA GLU D 437 -15.51 8.41 -69.10
C GLU D 437 -14.72 9.05 -67.95
N MET D 438 -14.05 8.20 -67.15
CA MET D 438 -13.29 8.65 -65.97
C MET D 438 -12.01 9.41 -66.35
N LEU D 439 -11.27 8.86 -67.31
CA LEU D 439 -10.03 9.47 -67.78
C LEU D 439 -10.21 10.85 -68.43
N ALA D 440 -11.38 11.09 -69.02
CA ALA D 440 -11.65 12.35 -69.72
C ALA D 440 -11.74 13.51 -68.75
N VAL D 441 -12.46 13.31 -67.64
CA VAL D 441 -12.53 14.30 -66.56
C VAL D 441 -11.12 14.50 -66.01
N ALA D 442 -10.37 13.41 -65.87
CA ALA D 442 -8.99 13.49 -65.36
C ALA D 442 -8.09 14.35 -66.24
N GLU D 443 -8.08 14.06 -67.55
CA GLU D 443 -7.28 14.82 -68.50
C GLU D 443 -7.53 16.33 -68.40
N ARG D 444 -8.81 16.71 -68.35
CA ARG D 444 -9.21 18.11 -68.30
C ARG D 444 -8.75 18.77 -66.99
N CYS D 445 -8.90 18.04 -65.88
CA CYS D 445 -8.41 18.47 -64.57
C CYS D 445 -6.91 18.75 -64.63
N LEU D 446 -6.18 17.87 -65.31
CA LEU D 446 -4.74 18.03 -65.51
C LEU D 446 -4.39 19.23 -66.39
N GLU D 447 -5.03 19.34 -67.55
CA GLU D 447 -4.85 20.48 -68.44
C GLU D 447 -5.03 21.78 -67.66
N GLU D 448 -6.08 21.82 -66.84
CA GLU D 448 -6.34 22.92 -65.92
C GLU D 448 -5.15 23.10 -64.98
N PHE D 449 -4.75 22.01 -64.33
CA PHE D 449 -3.69 21.98 -63.32
C PHE D 449 -2.36 22.57 -63.81
N GLU D 450 -1.83 22.03 -64.91
CA GLU D 450 -0.56 22.47 -65.46
C GLU D 450 -0.55 23.97 -65.75
N GLN D 451 -1.69 24.48 -66.21
CA GLN D 451 -1.86 25.89 -66.51
CA GLN D 451 -1.84 25.89 -66.50
C GLN D 451 -1.81 26.75 -65.24
N THR D 452 -2.47 26.27 -64.18
CA THR D 452 -2.51 26.95 -62.88
C THR D 452 -1.12 27.04 -62.24
N LEU D 453 -0.22 26.17 -62.66
CA LEU D 453 1.17 26.19 -62.19
C LEU D 453 1.88 27.45 -62.65
N LYS D 454 1.92 27.65 -63.97
CA LYS D 454 2.57 28.81 -64.56
C LYS D 454 1.97 30.12 -64.03
N ALA D 455 0.64 30.22 -64.07
CA ALA D 455 -0.08 31.40 -63.56
C ALA D 455 0.17 31.66 -62.07
N ARG D 456 1.06 30.87 -61.48
CA ARG D 456 1.42 31.01 -60.07
CA ARG D 456 1.42 30.99 -60.07
C ARG D 456 2.90 31.36 -59.94
N GLY D 457 3.62 31.27 -61.06
CA GLY D 457 5.05 31.56 -61.10
C GLY D 457 5.86 30.27 -60.98
N LEU D 458 5.42 29.25 -61.71
CA LEU D 458 6.04 27.93 -61.64
C LEU D 458 6.21 27.32 -63.03
N1 PLP E . 17.60 6.41 25.63
C2 PLP E . 17.42 7.03 24.41
C2A PLP E . 18.44 6.93 23.32
C3 PLP E . 16.19 7.81 24.26
O3 PLP E . 15.90 8.44 23.11
C4 PLP E . 15.18 7.87 25.34
C4A PLP E . 13.87 8.61 25.10
C5 PLP E . 15.54 7.14 26.59
C6 PLP E . 16.72 6.44 26.65
C5A PLP E . 14.70 7.10 27.83
O4P PLP E . 13.52 6.40 27.62
P PLP E . 12.26 6.81 28.48
O1P PLP E . 11.82 8.21 28.05
O2P PLP E . 12.70 6.79 29.92
O3P PLP E . 11.20 5.82 28.19
N1 PLP F . -12.66 -4.20 -23.30
C2 PLP F . -13.46 -4.98 -22.53
C2A PLP F . -13.80 -4.59 -21.12
C3 PLP F . -14.08 -6.20 -23.07
O3 PLP F . -14.89 -6.92 -22.28
C4 PLP F . -13.80 -6.63 -24.43
C4A PLP F . -14.52 -7.88 -24.93
C5 PLP F . -12.91 -5.71 -25.18
C6 PLP F . -12.37 -4.57 -24.57
C5A PLP F . -12.49 -5.98 -26.60
O4P PLP F . -13.63 -5.89 -27.46
P PLP F . -13.56 -6.73 -28.85
O1P PLP F . -12.29 -6.33 -29.58
O2P PLP F . -13.56 -8.22 -28.56
O3P PLP F . -14.76 -6.28 -29.55
N1 PLP G . 9.29 2.98 47.21
C2 PLP G . 8.71 2.06 48.02
C2A PLP G . 8.40 2.38 49.44
C3 PLP G . 8.33 0.72 47.48
O3 PLP G . 7.76 -0.23 48.27
C4 PLP G . 8.61 0.37 46.07
C4A PLP G . 8.15 -1.00 45.58
C5 PLP G . 9.26 1.47 45.29
C6 PLP G . 9.55 2.69 45.91
C5A PLP G . 9.64 1.32 43.85
O4P PLP G . 8.52 1.25 42.96
P PLP G . 8.76 0.44 41.59
O1P PLP G . 7.49 0.72 40.83
O2P PLP G . 9.89 1.15 40.89
O3P PLP G . 9.07 -1.00 41.87
N1 PLP H . -2.72 -2.90 -44.58
C2 PLP H . -2.83 -2.28 -45.79
C2A PLP H . -1.86 -2.55 -46.92
C3 PLP H . -3.93 -1.34 -46.05
O3 PLP H . -4.06 -0.70 -47.23
C4 PLP H . -4.90 -1.06 -44.97
C4A PLP H . -6.05 -0.10 -45.25
C5 PLP H . -4.67 -1.80 -43.70
C6 PLP H . -3.59 -2.68 -43.58
C5A PLP H . -5.59 -1.60 -42.52
O4P PLP H . -6.88 -2.12 -42.77
P PLP H . -8.14 -1.46 -41.99
O1P PLP H . -9.34 -2.34 -42.36
O2P PLP H . -7.78 -1.62 -40.55
O3P PLP H . -8.30 -0.06 -42.44
#